data_2DGX
#
_entry.id   2DGX
#
_entity_poly.entity_id   1
_entity_poly.type   'polypeptide(L)'
_entity_poly.pdbx_seq_one_letter_code
;GSSGSSGNGADVQVSNIDYRLSRKELQQLLQEAFARHGKVKSVELSPHTDYQLKAVVQMENLQDAIGAVNSLHRYKIGSK
KILVSLATGASGPSSG
;
_entity_poly.pdbx_strand_id   A
#
# COMPACT_ATOMS: atom_id res chain seq x y z
N GLY A 1 18.79 -7.49 7.20
CA GLY A 1 18.95 -6.09 7.54
C GLY A 1 17.92 -5.21 6.87
N SER A 2 16.69 -5.69 6.79
CA SER A 2 15.62 -4.94 6.15
C SER A 2 14.79 -4.18 7.18
N SER A 3 14.95 -2.86 7.21
CA SER A 3 14.23 -2.02 8.16
C SER A 3 13.33 -1.03 7.43
N GLY A 4 12.03 -1.14 7.65
CA GLY A 4 11.08 -0.25 7.01
C GLY A 4 11.47 1.21 7.16
N SER A 5 11.00 2.05 6.24
CA SER A 5 11.30 3.48 6.27
C SER A 5 11.09 4.05 7.68
N SER A 6 11.73 5.17 7.95
CA SER A 6 11.60 5.82 9.25
C SER A 6 11.88 7.31 9.14
N GLY A 7 10.84 8.13 9.36
CA GLY A 7 10.99 9.57 9.29
C GLY A 7 10.21 10.17 8.13
N ASN A 8 10.53 9.74 6.91
CA ASN A 8 9.86 10.23 5.72
C ASN A 8 9.37 9.08 4.85
N GLY A 9 8.39 9.37 3.99
CA GLY A 9 7.86 8.36 3.12
C GLY A 9 6.41 8.01 3.43
N ALA A 10 5.83 7.14 2.62
CA ALA A 10 4.44 6.72 2.82
C ALA A 10 4.28 5.22 2.66
N ASP A 11 3.69 4.58 3.66
CA ASP A 11 3.47 3.13 3.63
C ASP A 11 1.99 2.81 3.59
N VAL A 12 1.55 2.19 2.50
CA VAL A 12 0.16 1.82 2.33
C VAL A 12 -0.06 0.34 2.60
N GLN A 13 -0.70 0.04 3.73
CA GLN A 13 -0.97 -1.35 4.10
C GLN A 13 -2.13 -1.92 3.30
N VAL A 14 -1.86 -2.97 2.53
CA VAL A 14 -2.89 -3.61 1.72
C VAL A 14 -3.25 -4.98 2.27
N SER A 15 -4.54 -5.23 2.41
CA SER A 15 -5.02 -6.51 2.92
C SER A 15 -6.16 -7.05 2.06
N ASN A 16 -6.50 -8.32 2.27
CA ASN A 16 -7.57 -8.96 1.52
C ASN A 16 -7.21 -9.07 0.04
N ILE A 17 -5.94 -9.36 -0.23
CA ILE A 17 -5.47 -9.49 -1.61
C ILE A 17 -5.75 -10.88 -2.15
N ASP A 18 -6.38 -10.94 -3.32
CA ASP A 18 -6.70 -12.21 -3.95
C ASP A 18 -5.43 -13.04 -4.17
N TYR A 19 -5.15 -13.95 -3.25
CA TYR A 19 -3.97 -14.81 -3.35
C TYR A 19 -4.00 -15.62 -4.64
N ARG A 20 -5.19 -15.99 -5.07
CA ARG A 20 -5.35 -16.77 -6.30
C ARG A 20 -4.45 -16.24 -7.40
N LEU A 21 -4.37 -14.93 -7.51
CA LEU A 21 -3.55 -14.28 -8.54
C LEU A 21 -2.06 -14.40 -8.18
N SER A 22 -1.23 -14.54 -9.21
CA SER A 22 0.22 -14.67 -9.00
C SER A 22 0.78 -13.40 -8.38
N ARG A 23 1.91 -13.54 -7.68
CA ARG A 23 2.56 -12.41 -7.03
C ARG A 23 3.01 -11.37 -8.07
N LYS A 24 3.39 -11.85 -9.25
CA LYS A 24 3.83 -10.97 -10.32
C LYS A 24 2.66 -10.25 -10.96
N GLU A 25 1.51 -10.91 -10.97
CA GLU A 25 0.30 -10.34 -11.56
C GLU A 25 -0.34 -9.33 -10.61
N LEU A 26 -0.01 -9.45 -9.33
CA LEU A 26 -0.56 -8.56 -8.31
C LEU A 26 0.33 -7.33 -8.13
N GLN A 27 1.57 -7.56 -7.72
CA GLN A 27 2.52 -6.47 -7.51
C GLN A 27 2.49 -5.48 -8.67
N GLN A 28 2.07 -5.97 -9.84
CA GLN A 28 1.99 -5.13 -11.03
C GLN A 28 0.66 -4.38 -11.07
N LEU A 29 -0.42 -5.08 -10.77
CA LEU A 29 -1.76 -4.49 -10.79
C LEU A 29 -1.89 -3.43 -9.69
N LEU A 30 -1.46 -3.78 -8.49
CA LEU A 30 -1.52 -2.86 -7.35
C LEU A 30 -0.77 -1.57 -7.66
N GLN A 31 0.46 -1.70 -8.11
CA GLN A 31 1.28 -0.54 -8.45
C GLN A 31 0.60 0.32 -9.50
N GLU A 32 -0.11 -0.33 -10.42
CA GLU A 32 -0.81 0.38 -11.48
C GLU A 32 -1.87 1.31 -10.92
N ALA A 33 -2.77 0.75 -10.10
CA ALA A 33 -3.84 1.53 -9.49
C ALA A 33 -3.28 2.73 -8.73
N PHE A 34 -2.43 2.44 -7.74
CA PHE A 34 -1.83 3.49 -6.92
C PHE A 34 -1.17 4.54 -7.80
N ALA A 35 -0.57 4.10 -8.90
CA ALA A 35 0.10 5.00 -9.82
C ALA A 35 -0.87 6.01 -10.42
N ARG A 36 -2.08 5.54 -10.73
CA ARG A 36 -3.11 6.40 -11.30
C ARG A 36 -3.37 7.61 -10.41
N HIS A 37 -3.12 7.45 -9.11
CA HIS A 37 -3.33 8.52 -8.15
C HIS A 37 -2.08 9.39 -8.04
N GLY A 38 -0.98 8.80 -7.60
CA GLY A 38 0.26 9.54 -7.45
C GLY A 38 1.44 8.81 -8.06
N LYS A 39 2.51 8.68 -7.30
CA LYS A 39 3.72 8.01 -7.78
C LYS A 39 4.09 6.85 -6.87
N VAL A 40 3.93 5.63 -7.38
CA VAL A 40 4.26 4.44 -6.61
C VAL A 40 5.76 4.32 -6.37
N LYS A 41 6.14 4.25 -5.09
CA LYS A 41 7.54 4.14 -4.71
C LYS A 41 8.03 2.70 -4.86
N SER A 42 7.38 1.79 -4.14
CA SER A 42 7.75 0.37 -4.18
C SER A 42 6.55 -0.50 -3.82
N VAL A 43 6.66 -1.79 -4.14
CA VAL A 43 5.59 -2.75 -3.86
C VAL A 43 6.14 -3.99 -3.16
N GLU A 44 5.73 -4.19 -1.91
CA GLU A 44 6.18 -5.35 -1.14
C GLU A 44 5.04 -6.33 -0.93
N LEU A 45 5.38 -7.62 -0.88
CA LEU A 45 4.37 -8.66 -0.68
C LEU A 45 4.68 -9.47 0.58
N SER A 46 3.63 -9.96 1.23
CA SER A 46 3.78 -10.75 2.45
C SER A 46 4.17 -12.19 2.12
N PRO A 47 4.86 -12.85 3.05
CA PRO A 47 5.31 -14.24 2.88
C PRO A 47 4.14 -15.22 2.93
N HIS A 48 2.95 -14.70 3.22
CA HIS A 48 1.76 -15.54 3.29
C HIS A 48 1.35 -16.03 1.91
N THR A 49 1.04 -17.32 1.81
CA THR A 49 0.64 -17.92 0.54
C THR A 49 -0.79 -18.43 0.61
N ASP A 50 -1.65 -17.68 1.29
CA ASP A 50 -3.06 -18.07 1.42
C ASP A 50 -3.95 -16.82 1.48
N TYR A 51 -5.24 -17.05 1.64
CA TYR A 51 -6.20 -15.94 1.71
C TYR A 51 -5.67 -14.81 2.58
N GLN A 52 -4.77 -15.15 3.49
CA GLN A 52 -4.18 -14.16 4.39
C GLN A 52 -2.96 -13.51 3.74
N LEU A 53 -3.05 -13.27 2.44
CA LEU A 53 -1.95 -12.65 1.71
C LEU A 53 -2.05 -11.13 1.76
N LYS A 54 -1.12 -10.50 2.48
CA LYS A 54 -1.11 -9.05 2.61
C LYS A 54 0.04 -8.45 1.80
N ALA A 55 0.16 -7.12 1.86
CA ALA A 55 1.21 -6.42 1.13
C ALA A 55 1.31 -4.97 1.58
N VAL A 56 2.38 -4.29 1.17
CA VAL A 56 2.59 -2.90 1.52
C VAL A 56 3.05 -2.09 0.31
N VAL A 57 2.19 -1.19 -0.16
CA VAL A 57 2.51 -0.36 -1.30
C VAL A 57 3.12 0.97 -0.86
N GLN A 58 4.41 1.14 -1.13
CA GLN A 58 5.11 2.37 -0.75
C GLN A 58 4.84 3.48 -1.76
N MET A 59 4.53 4.67 -1.25
CA MET A 59 4.24 5.82 -2.10
C MET A 59 5.28 6.91 -1.92
N GLU A 60 5.62 7.60 -3.00
CA GLU A 60 6.60 8.68 -2.94
C GLU A 60 6.14 9.79 -2.03
N ASN A 61 4.96 10.34 -2.33
CA ASN A 61 4.40 11.42 -1.53
C ASN A 61 3.40 10.89 -0.49
N LEU A 62 3.30 11.59 0.62
CA LEU A 62 2.39 11.18 1.70
C LEU A 62 0.94 11.35 1.27
N GLN A 63 0.57 12.59 0.93
CA GLN A 63 -0.79 12.89 0.51
C GLN A 63 -1.27 11.89 -0.54
N ASP A 64 -0.47 11.69 -1.57
CA ASP A 64 -0.80 10.75 -2.64
C ASP A 64 -1.39 9.47 -2.07
N ALA A 65 -0.86 9.03 -0.94
CA ALA A 65 -1.33 7.82 -0.28
C ALA A 65 -2.71 8.03 0.34
N ILE A 66 -2.84 9.10 1.12
CA ILE A 66 -4.10 9.41 1.78
C ILE A 66 -5.29 9.10 0.86
N GLY A 67 -5.37 9.81 -0.26
CA GLY A 67 -6.45 9.60 -1.19
C GLY A 67 -6.41 8.23 -1.83
N ALA A 68 -5.22 7.82 -2.27
CA ALA A 68 -5.05 6.52 -2.90
C ALA A 68 -5.67 5.41 -2.04
N VAL A 69 -5.63 5.59 -0.72
CA VAL A 69 -6.19 4.61 0.19
C VAL A 69 -7.71 4.66 0.20
N ASN A 70 -8.26 5.84 0.50
CA ASN A 70 -9.70 6.02 0.54
C ASN A 70 -10.31 5.83 -0.85
N SER A 71 -9.47 5.83 -1.87
CA SER A 71 -9.92 5.67 -3.24
C SER A 71 -9.88 4.20 -3.66
N LEU A 72 -8.68 3.61 -3.60
CA LEU A 72 -8.51 2.21 -3.97
C LEU A 72 -9.19 1.29 -2.96
N HIS A 73 -9.65 1.88 -1.86
CA HIS A 73 -10.33 1.11 -0.82
C HIS A 73 -11.35 0.16 -1.41
N ARG A 74 -11.21 -1.13 -1.10
CA ARG A 74 -12.11 -2.15 -1.62
C ARG A 74 -12.06 -2.20 -3.15
N TYR A 75 -10.88 -1.95 -3.70
CA TYR A 75 -10.69 -1.96 -5.15
C TYR A 75 -10.97 -3.35 -5.72
N LYS A 76 -12.05 -3.46 -6.48
CA LYS A 76 -12.43 -4.73 -7.09
C LYS A 76 -11.27 -5.31 -7.89
N ILE A 77 -10.42 -6.07 -7.22
CA ILE A 77 -9.27 -6.70 -7.87
C ILE A 77 -9.43 -8.21 -7.94
N GLY A 78 -8.74 -8.83 -8.89
CA GLY A 78 -8.82 -10.27 -9.05
C GLY A 78 -10.19 -10.82 -8.72
N SER A 79 -10.27 -11.63 -7.66
CA SER A 79 -11.54 -12.22 -7.24
C SER A 79 -11.87 -11.82 -5.80
N LYS A 80 -11.19 -10.80 -5.30
CA LYS A 80 -11.41 -10.32 -3.95
C LYS A 80 -11.18 -8.81 -3.86
N LYS A 81 -11.87 -8.16 -2.93
CA LYS A 81 -11.74 -6.72 -2.73
C LYS A 81 -10.57 -6.41 -1.80
N ILE A 82 -9.62 -5.62 -2.30
CA ILE A 82 -8.46 -5.23 -1.51
C ILE A 82 -8.78 -4.07 -0.58
N LEU A 83 -8.36 -4.17 0.67
CA LEU A 83 -8.60 -3.14 1.66
C LEU A 83 -7.33 -2.31 1.90
N VAL A 84 -7.36 -1.06 1.45
CA VAL A 84 -6.22 -0.16 1.62
C VAL A 84 -6.26 0.54 2.97
N SER A 85 -5.10 0.79 3.55
CA SER A 85 -5.02 1.46 4.84
C SER A 85 -3.61 2.00 5.08
N LEU A 86 -3.52 3.27 5.48
CA LEU A 86 -2.23 3.90 5.74
C LEU A 86 -1.52 3.21 6.90
N ALA A 87 -0.23 3.51 7.05
CA ALA A 87 0.57 2.93 8.12
C ALA A 87 1.28 4.00 8.92
N THR A 88 1.51 3.74 10.21
CA THR A 88 2.18 4.69 11.08
C THR A 88 3.23 4.00 11.94
N GLY A 89 4.42 4.56 11.99
CA GLY A 89 5.49 3.98 12.80
C GLY A 89 5.56 4.58 14.18
N ALA A 90 6.78 4.67 14.72
CA ALA A 90 6.99 5.23 16.05
C ALA A 90 7.13 6.74 16.00
N SER A 91 8.15 7.20 15.27
CA SER A 91 8.40 8.63 15.13
C SER A 91 7.64 9.22 13.94
N GLY A 92 6.88 10.28 14.20
CA GLY A 92 6.11 10.91 13.14
C GLY A 92 6.97 11.77 12.23
N PRO A 93 6.32 12.47 11.30
CA PRO A 93 7.02 13.34 10.34
C PRO A 93 7.61 14.58 11.01
N SER A 94 7.25 14.80 12.27
CA SER A 94 7.75 15.94 13.03
C SER A 94 7.64 17.22 12.20
N SER A 95 6.48 17.41 11.58
CA SER A 95 6.25 18.60 10.75
C SER A 95 5.44 19.64 11.51
N GLY A 96 6.00 20.84 11.63
CA GLY A 96 5.32 21.91 12.34
C GLY A 96 5.14 23.15 11.48
N GLY A 1 5.56 29.37 13.53
CA GLY A 1 5.90 27.98 13.31
C GLY A 1 7.36 27.79 12.97
N SER A 2 7.91 26.63 13.35
CA SER A 2 9.31 26.33 13.08
C SER A 2 9.52 26.02 11.61
N SER A 3 9.94 27.03 10.85
CA SER A 3 10.18 26.87 9.42
C SER A 3 11.08 25.66 9.16
N GLY A 4 10.72 24.87 8.16
CA GLY A 4 11.51 23.69 7.82
C GLY A 4 10.81 22.40 8.22
N SER A 5 10.61 21.51 7.25
CA SER A 5 9.95 20.24 7.51
C SER A 5 10.32 19.21 6.44
N SER A 6 10.82 18.07 6.88
CA SER A 6 11.21 17.01 5.97
C SER A 6 10.68 15.65 6.44
N GLY A 7 10.10 14.90 5.51
CA GLY A 7 9.56 13.60 5.84
C GLY A 7 9.08 12.84 4.62
N ASN A 8 9.60 11.63 4.44
CA ASN A 8 9.22 10.79 3.31
C ASN A 8 9.07 9.33 3.73
N GLY A 9 8.03 8.68 3.21
CA GLY A 9 7.80 7.28 3.54
C GLY A 9 6.32 6.97 3.72
N ALA A 10 5.62 6.84 2.60
CA ALA A 10 4.19 6.54 2.64
C ALA A 10 3.94 5.03 2.52
N ASP A 11 3.78 4.38 3.67
CA ASP A 11 3.55 2.94 3.70
C ASP A 11 2.05 2.64 3.63
N VAL A 12 1.60 2.11 2.50
CA VAL A 12 0.20 1.77 2.32
C VAL A 12 -0.07 0.30 2.62
N GLN A 13 -0.74 0.05 3.73
CA GLN A 13 -1.05 -1.32 4.12
C GLN A 13 -2.21 -1.88 3.30
N VAL A 14 -1.95 -2.96 2.56
CA VAL A 14 -2.96 -3.58 1.73
C VAL A 14 -3.34 -4.96 2.27
N SER A 15 -4.63 -5.26 2.27
CA SER A 15 -5.13 -6.54 2.77
C SER A 15 -6.24 -7.08 1.86
N ASN A 16 -6.59 -8.34 2.07
CA ASN A 16 -7.63 -8.97 1.28
C ASN A 16 -7.21 -9.10 -0.19
N ILE A 17 -5.94 -9.42 -0.40
CA ILE A 17 -5.41 -9.57 -1.75
C ILE A 17 -5.63 -10.98 -2.27
N ASP A 18 -6.25 -11.08 -3.44
CA ASP A 18 -6.53 -12.37 -4.06
C ASP A 18 -5.24 -13.15 -4.27
N TYR A 19 -4.98 -14.13 -3.40
CA TYR A 19 -3.78 -14.95 -3.48
C TYR A 19 -3.75 -15.70 -4.81
N ARG A 20 -4.91 -16.19 -5.23
CA ARG A 20 -5.01 -16.93 -6.49
C ARG A 20 -4.06 -16.35 -7.55
N LEU A 21 -4.22 -15.06 -7.81
CA LEU A 21 -3.38 -14.37 -8.79
C LEU A 21 -1.91 -14.53 -8.46
N SER A 22 -1.07 -14.55 -9.49
CA SER A 22 0.37 -14.69 -9.31
C SER A 22 0.97 -13.43 -8.66
N ARG A 23 1.83 -13.63 -7.67
CA ARG A 23 2.46 -12.53 -6.97
C ARG A 23 2.80 -11.40 -7.94
N LYS A 24 3.49 -11.74 -9.02
CA LYS A 24 3.87 -10.76 -10.03
C LYS A 24 2.65 -10.03 -10.58
N GLU A 25 1.63 -10.80 -10.97
CA GLU A 25 0.41 -10.24 -11.51
C GLU A 25 -0.29 -9.36 -10.47
N LEU A 26 0.02 -9.60 -9.21
CA LEU A 26 -0.59 -8.83 -8.11
C LEU A 26 0.17 -7.52 -7.88
N GLN A 27 1.42 -7.63 -7.44
CA GLN A 27 2.25 -6.47 -7.18
C GLN A 27 2.19 -5.49 -8.35
N GLN A 28 2.27 -6.02 -9.57
CA GLN A 28 2.23 -5.19 -10.77
C GLN A 28 0.91 -4.44 -10.86
N LEU A 29 -0.18 -5.14 -10.58
CA LEU A 29 -1.52 -4.54 -10.64
C LEU A 29 -1.65 -3.44 -9.59
N LEU A 30 -1.44 -3.79 -8.34
CA LEU A 30 -1.54 -2.83 -7.24
C LEU A 30 -0.83 -1.53 -7.59
N GLN A 31 0.40 -1.65 -8.10
CA GLN A 31 1.18 -0.48 -8.47
C GLN A 31 0.45 0.35 -9.52
N GLU A 32 -0.20 -0.31 -10.46
CA GLU A 32 -0.93 0.37 -11.51
C GLU A 32 -2.07 1.20 -10.93
N ALA A 33 -2.77 0.63 -9.95
CA ALA A 33 -3.88 1.32 -9.31
C ALA A 33 -3.39 2.56 -8.56
N PHE A 34 -2.37 2.38 -7.73
CA PHE A 34 -1.82 3.49 -6.95
C PHE A 34 -1.21 4.54 -7.87
N ALA A 35 -0.72 4.11 -9.03
CA ALA A 35 -0.12 5.02 -9.99
C ALA A 35 -1.14 6.01 -10.53
N ARG A 36 -2.41 5.59 -10.57
CA ARG A 36 -3.48 6.44 -11.07
C ARG A 36 -3.70 7.63 -10.13
N HIS A 37 -3.18 7.52 -8.91
CA HIS A 37 -3.32 8.59 -7.93
C HIS A 37 -2.06 9.44 -7.87
N GLY A 38 -0.93 8.81 -7.58
CA GLY A 38 0.32 9.54 -7.50
C GLY A 38 1.47 8.77 -8.12
N LYS A 39 2.56 8.61 -7.38
CA LYS A 39 3.72 7.90 -7.86
C LYS A 39 4.10 6.76 -6.91
N VAL A 40 3.97 5.52 -7.39
CA VAL A 40 4.29 4.35 -6.59
C VAL A 40 5.79 4.25 -6.36
N LYS A 41 6.19 4.30 -5.08
CA LYS A 41 7.60 4.20 -4.72
C LYS A 41 8.08 2.75 -4.79
N SER A 42 7.35 1.86 -4.14
CA SER A 42 7.71 0.44 -4.11
C SER A 42 6.51 -0.42 -3.73
N VAL A 43 6.64 -1.72 -3.94
CA VAL A 43 5.57 -2.66 -3.62
C VAL A 43 6.12 -3.93 -2.99
N GLU A 44 5.77 -4.16 -1.73
CA GLU A 44 6.23 -5.35 -1.02
C GLU A 44 5.09 -6.36 -0.85
N LEU A 45 5.45 -7.64 -0.86
CA LEU A 45 4.46 -8.71 -0.71
C LEU A 45 4.73 -9.52 0.56
N SER A 46 3.66 -10.01 1.17
CA SER A 46 3.77 -10.79 2.40
C SER A 46 4.11 -12.25 2.07
N PRO A 47 4.79 -12.91 3.01
CA PRO A 47 5.19 -14.32 2.86
C PRO A 47 4.01 -15.27 2.89
N HIS A 48 2.85 -14.75 3.27
CA HIS A 48 1.64 -15.55 3.34
C HIS A 48 1.19 -16.01 1.96
N THR A 49 1.10 -17.32 1.78
CA THR A 49 0.69 -17.89 0.49
C THR A 49 -0.75 -18.38 0.54
N ASP A 50 -1.55 -17.79 1.42
CA ASP A 50 -2.95 -18.17 1.56
C ASP A 50 -3.86 -16.94 1.61
N TYR A 51 -5.16 -17.17 1.69
CA TYR A 51 -6.12 -16.09 1.75
C TYR A 51 -5.60 -14.93 2.60
N GLN A 52 -4.73 -15.26 3.55
CA GLN A 52 -4.15 -14.25 4.44
C GLN A 52 -2.98 -13.55 3.78
N LEU A 53 -3.08 -13.31 2.48
CA LEU A 53 -2.02 -12.65 1.73
C LEU A 53 -2.17 -11.14 1.80
N LYS A 54 -1.16 -10.47 2.33
CA LYS A 54 -1.17 -9.02 2.45
C LYS A 54 -0.01 -8.40 1.69
N ALA A 55 0.09 -7.07 1.74
CA ALA A 55 1.17 -6.36 1.07
C ALA A 55 1.24 -4.91 1.54
N VAL A 56 2.31 -4.22 1.15
CA VAL A 56 2.51 -2.82 1.53
C VAL A 56 3.01 -2.00 0.35
N VAL A 57 2.12 -1.16 -0.17
CA VAL A 57 2.46 -0.30 -1.31
C VAL A 57 3.07 1.01 -0.84
N GLN A 58 4.34 1.21 -1.14
CA GLN A 58 5.04 2.43 -0.74
C GLN A 58 4.85 3.53 -1.79
N MET A 59 4.37 4.68 -1.33
CA MET A 59 4.14 5.81 -2.23
C MET A 59 5.18 6.90 -2.00
N GLU A 60 5.66 7.49 -3.10
CA GLU A 60 6.66 8.55 -3.01
C GLU A 60 6.16 9.70 -2.14
N ASN A 61 5.00 10.23 -2.48
CA ASN A 61 4.41 11.33 -1.73
C ASN A 61 3.47 10.82 -0.64
N LEU A 62 3.46 11.50 0.49
CA LEU A 62 2.60 11.11 1.61
C LEU A 62 1.13 11.29 1.24
N GLN A 63 0.75 12.51 0.90
CA GLN A 63 -0.63 12.80 0.54
C GLN A 63 -1.13 11.84 -0.52
N ASP A 64 -0.37 11.71 -1.60
CA ASP A 64 -0.73 10.82 -2.70
C ASP A 64 -1.30 9.51 -2.16
N ALA A 65 -0.78 9.06 -1.03
CA ALA A 65 -1.24 7.82 -0.41
C ALA A 65 -2.59 8.02 0.26
N ILE A 66 -2.67 9.03 1.13
CA ILE A 66 -3.91 9.32 1.84
C ILE A 66 -5.13 9.05 0.96
N GLY A 67 -5.24 9.79 -0.14
CA GLY A 67 -6.36 9.61 -1.05
C GLY A 67 -6.36 8.25 -1.72
N ALA A 68 -5.18 7.84 -2.18
CA ALA A 68 -5.04 6.54 -2.85
C ALA A 68 -5.63 5.42 -1.99
N VAL A 69 -5.62 5.62 -0.68
CA VAL A 69 -6.15 4.62 0.24
C VAL A 69 -7.68 4.66 0.28
N ASN A 70 -8.22 5.81 0.67
CA ASN A 70 -9.67 5.98 0.74
C ASN A 70 -10.31 5.82 -0.63
N SER A 71 -9.48 5.90 -1.67
CA SER A 71 -9.97 5.78 -3.04
C SER A 71 -9.94 4.32 -3.50
N LEU A 72 -8.74 3.73 -3.48
CA LEU A 72 -8.58 2.34 -3.90
C LEU A 72 -9.23 1.39 -2.90
N HIS A 73 -9.66 1.95 -1.77
CA HIS A 73 -10.31 1.14 -0.73
C HIS A 73 -11.33 0.18 -1.34
N ARG A 74 -11.18 -1.09 -1.06
CA ARG A 74 -12.09 -2.11 -1.58
C ARG A 74 -12.06 -2.13 -3.11
N TYR A 75 -10.89 -1.88 -3.68
CA TYR A 75 -10.73 -1.87 -5.13
C TYR A 75 -11.02 -3.25 -5.72
N LYS A 76 -12.11 -3.34 -6.47
CA LYS A 76 -12.50 -4.60 -7.09
C LYS A 76 -11.35 -5.18 -7.91
N ILE A 77 -10.53 -6.00 -7.26
CA ILE A 77 -9.39 -6.61 -7.93
C ILE A 77 -9.53 -8.14 -7.98
N GLY A 78 -8.86 -8.76 -8.93
CA GLY A 78 -8.92 -10.21 -9.05
C GLY A 78 -10.29 -10.76 -8.69
N SER A 79 -10.34 -11.54 -7.62
CA SER A 79 -11.60 -12.14 -7.17
C SER A 79 -11.93 -11.71 -5.74
N LYS A 80 -11.15 -10.75 -5.23
CA LYS A 80 -11.36 -10.25 -3.88
C LYS A 80 -11.20 -8.73 -3.83
N LYS A 81 -11.92 -8.09 -2.93
CA LYS A 81 -11.85 -6.64 -2.77
C LYS A 81 -10.70 -6.24 -1.86
N ILE A 82 -9.64 -5.68 -2.45
CA ILE A 82 -8.48 -5.25 -1.68
C ILE A 82 -8.82 -4.08 -0.77
N LEU A 83 -8.34 -4.14 0.47
CA LEU A 83 -8.59 -3.08 1.44
C LEU A 83 -7.32 -2.27 1.70
N VAL A 84 -7.35 -1.00 1.30
CA VAL A 84 -6.20 -0.13 1.49
C VAL A 84 -6.29 0.61 2.82
N SER A 85 -5.13 0.85 3.43
CA SER A 85 -5.08 1.55 4.72
C SER A 85 -3.69 2.13 4.96
N LEU A 86 -3.65 3.34 5.50
CA LEU A 86 -2.39 4.01 5.79
C LEU A 86 -1.69 3.36 6.99
N ALA A 87 -0.42 3.71 7.18
CA ALA A 87 0.36 3.17 8.29
C ALA A 87 1.18 4.26 8.97
N THR A 88 1.55 4.01 10.22
CA THR A 88 2.32 4.98 10.99
C THR A 88 3.82 4.66 10.92
N GLY A 89 4.63 5.71 10.79
CA GLY A 89 6.06 5.52 10.71
C GLY A 89 6.83 6.72 11.22
N ALA A 90 6.66 7.86 10.58
CA ALA A 90 7.34 9.08 10.97
C ALA A 90 6.65 9.73 12.16
N SER A 91 7.17 9.45 13.37
CA SER A 91 6.59 10.01 14.58
C SER A 91 7.32 11.28 15.00
N GLY A 92 7.62 12.12 14.02
CA GLY A 92 8.31 13.37 14.29
C GLY A 92 8.40 14.27 13.08
N PRO A 93 7.26 14.86 12.69
CA PRO A 93 7.18 15.75 11.53
C PRO A 93 7.90 17.08 11.78
N SER A 94 7.95 17.49 13.04
CA SER A 94 8.60 18.75 13.41
C SER A 94 9.64 18.52 14.50
N SER A 95 10.89 18.89 14.21
CA SER A 95 11.98 18.72 15.17
C SER A 95 11.88 19.75 16.29
N GLY A 96 11.68 21.00 15.91
CA GLY A 96 11.57 22.07 16.89
C GLY A 96 10.13 22.34 17.30
N GLY A 1 5.68 -1.22 7.06
CA GLY A 1 6.85 -1.95 7.51
C GLY A 1 6.61 -2.64 8.84
N SER A 2 6.44 -3.96 8.81
CA SER A 2 6.20 -4.73 10.02
C SER A 2 7.13 -4.28 11.15
N SER A 3 8.43 -4.36 10.88
CA SER A 3 9.42 -3.96 11.88
C SER A 3 10.24 -2.77 11.38
N GLY A 4 10.13 -1.65 12.08
CA GLY A 4 10.87 -0.46 11.70
C GLY A 4 9.97 0.60 11.08
N SER A 5 10.46 1.83 11.02
CA SER A 5 9.70 2.93 10.46
C SER A 5 10.62 3.90 9.71
N SER A 6 10.09 4.50 8.65
CA SER A 6 10.85 5.45 7.85
C SER A 6 10.45 6.88 8.15
N GLY A 7 11.44 7.74 8.37
CA GLY A 7 11.16 9.14 8.67
C GLY A 7 10.21 9.77 7.66
N ASN A 8 10.69 9.93 6.43
CA ASN A 8 9.89 10.53 5.38
C ASN A 8 9.44 9.48 4.37
N GLY A 9 8.16 9.12 4.41
CA GLY A 9 7.64 8.13 3.50
C GLY A 9 6.17 7.82 3.74
N ALA A 10 5.53 7.16 2.78
CA ALA A 10 4.12 6.81 2.90
C ALA A 10 3.91 5.32 2.63
N ASP A 11 3.72 4.56 3.70
CA ASP A 11 3.50 3.12 3.59
C ASP A 11 2.00 2.80 3.52
N VAL A 12 1.58 2.19 2.43
CA VAL A 12 0.18 1.83 2.24
C VAL A 12 -0.05 0.35 2.50
N GLN A 13 -0.69 0.05 3.63
CA GLN A 13 -0.97 -1.33 4.01
C GLN A 13 -2.10 -1.91 3.16
N VAL A 14 -1.78 -2.96 2.41
CA VAL A 14 -2.76 -3.61 1.54
C VAL A 14 -3.14 -4.99 2.08
N SER A 15 -4.43 -5.20 2.29
CA SER A 15 -4.92 -6.47 2.80
C SER A 15 -6.07 -6.99 1.95
N ASN A 16 -6.43 -8.26 2.15
CA ASN A 16 -7.52 -8.88 1.41
C ASN A 16 -7.17 -9.00 -0.07
N ILE A 17 -5.92 -9.40 -0.35
CA ILE A 17 -5.47 -9.56 -1.71
C ILE A 17 -5.73 -10.97 -2.23
N ASP A 18 -6.46 -11.07 -3.33
CA ASP A 18 -6.79 -12.36 -3.93
C ASP A 18 -5.51 -13.16 -4.21
N TYR A 19 -5.15 -14.02 -3.27
CA TYR A 19 -3.95 -14.85 -3.43
C TYR A 19 -4.01 -15.66 -4.72
N ARG A 20 -5.23 -15.95 -5.16
CA ARG A 20 -5.43 -16.72 -6.39
C ARG A 20 -4.49 -16.25 -7.49
N LEU A 21 -4.52 -14.95 -7.76
CA LEU A 21 -3.67 -14.36 -8.79
C LEU A 21 -2.19 -14.65 -8.53
N SER A 22 -1.35 -14.38 -9.51
CA SER A 22 0.08 -14.61 -9.38
C SER A 22 0.76 -13.43 -8.70
N ARG A 23 1.56 -13.73 -7.68
CA ARG A 23 2.27 -12.68 -6.94
C ARG A 23 2.78 -11.60 -7.88
N LYS A 24 3.57 -12.01 -8.87
CA LYS A 24 4.13 -11.07 -9.85
C LYS A 24 3.02 -10.26 -10.51
N GLU A 25 1.86 -10.89 -10.69
CA GLU A 25 0.72 -10.22 -11.31
C GLU A 25 -0.03 -9.36 -10.30
N LEU A 26 0.21 -9.61 -9.02
CA LEU A 26 -0.44 -8.86 -7.95
C LEU A 26 0.33 -7.58 -7.64
N GLN A 27 1.65 -7.69 -7.61
CA GLN A 27 2.51 -6.55 -7.32
C GLN A 27 2.42 -5.51 -8.43
N GLN A 28 2.33 -5.98 -9.67
CA GLN A 28 2.24 -5.09 -10.82
C GLN A 28 0.89 -4.37 -10.84
N LEU A 29 -0.18 -5.13 -10.62
CA LEU A 29 -1.52 -4.56 -10.62
C LEU A 29 -1.66 -3.48 -9.55
N LEU A 30 -1.38 -3.85 -8.31
CA LEU A 30 -1.48 -2.92 -7.18
C LEU A 30 -0.75 -1.61 -7.51
N GLN A 31 0.50 -1.72 -7.94
CA GLN A 31 1.30 -0.56 -8.29
C GLN A 31 0.59 0.30 -9.33
N GLU A 32 -0.01 -0.36 -10.32
CA GLU A 32 -0.72 0.34 -11.38
C GLU A 32 -1.86 1.18 -10.82
N ALA A 33 -2.69 0.56 -9.98
CA ALA A 33 -3.82 1.26 -9.38
C ALA A 33 -3.36 2.49 -8.61
N PHE A 34 -2.38 2.30 -7.73
CA PHE A 34 -1.85 3.41 -6.94
C PHE A 34 -1.21 4.47 -7.84
N ALA A 35 -0.65 4.01 -8.96
CA ALA A 35 0.00 4.91 -9.91
C ALA A 35 -0.99 5.94 -10.45
N ARG A 36 -2.18 5.47 -10.83
CA ARG A 36 -3.21 6.33 -11.37
C ARG A 36 -3.52 7.49 -10.41
N HIS A 37 -3.11 7.32 -9.15
CA HIS A 37 -3.33 8.35 -8.15
C HIS A 37 -2.12 9.27 -8.02
N GLY A 38 -0.99 8.69 -7.61
CA GLY A 38 0.22 9.48 -7.45
C GLY A 38 1.43 8.82 -8.09
N LYS A 39 2.48 8.62 -7.31
CA LYS A 39 3.69 7.99 -7.80
C LYS A 39 4.11 6.83 -6.91
N VAL A 40 3.85 5.61 -7.38
CA VAL A 40 4.20 4.41 -6.63
C VAL A 40 5.71 4.32 -6.39
N LYS A 41 6.10 4.28 -5.13
CA LYS A 41 7.52 4.20 -4.77
C LYS A 41 8.03 2.76 -4.90
N SER A 42 7.41 1.86 -4.14
CA SER A 42 7.80 0.45 -4.17
C SER A 42 6.62 -0.45 -3.82
N VAL A 43 6.81 -1.75 -4.00
CA VAL A 43 5.75 -2.72 -3.70
C VAL A 43 6.30 -3.90 -2.91
N GLU A 44 5.73 -4.14 -1.73
CA GLU A 44 6.17 -5.24 -0.88
C GLU A 44 5.09 -6.32 -0.81
N LEU A 45 5.53 -7.58 -0.82
CA LEU A 45 4.60 -8.70 -0.75
C LEU A 45 4.83 -9.51 0.53
N SER A 46 3.75 -10.08 1.06
CA SER A 46 3.83 -10.88 2.27
C SER A 46 4.19 -12.33 1.96
N PRO A 47 4.85 -13.00 2.91
CA PRO A 47 5.26 -14.40 2.75
C PRO A 47 4.08 -15.36 2.75
N HIS A 48 2.88 -14.82 3.03
CA HIS A 48 1.68 -15.64 3.06
C HIS A 48 1.22 -15.99 1.64
N THR A 49 0.88 -17.25 1.43
CA THR A 49 0.43 -17.71 0.13
C THR A 49 -1.01 -18.21 0.19
N ASP A 50 -1.77 -17.70 1.15
CA ASP A 50 -3.16 -18.10 1.32
C ASP A 50 -4.06 -16.87 1.44
N TYR A 51 -5.34 -17.10 1.69
CA TYR A 51 -6.31 -16.01 1.83
C TYR A 51 -5.77 -14.92 2.75
N GLN A 52 -4.79 -15.28 3.57
CA GLN A 52 -4.19 -14.33 4.50
C GLN A 52 -3.01 -13.60 3.84
N LEU A 53 -3.11 -13.40 2.53
CA LEU A 53 -2.06 -12.71 1.79
C LEU A 53 -2.19 -11.20 1.95
N LYS A 54 -1.07 -10.54 2.22
CA LYS A 54 -1.05 -9.10 2.39
C LYS A 54 0.10 -8.47 1.59
N ALA A 55 0.21 -7.15 1.68
CA ALA A 55 1.26 -6.42 0.97
C ALA A 55 1.35 -4.98 1.45
N VAL A 56 2.41 -4.30 1.05
CA VAL A 56 2.62 -2.90 1.43
C VAL A 56 3.12 -2.08 0.25
N VAL A 57 2.26 -1.19 -0.25
CA VAL A 57 2.62 -0.33 -1.38
C VAL A 57 3.14 1.02 -0.89
N GLN A 58 4.44 1.25 -1.10
CA GLN A 58 5.06 2.50 -0.69
C GLN A 58 4.80 3.60 -1.71
N MET A 59 4.54 4.81 -1.22
CA MET A 59 4.27 5.95 -2.08
C MET A 59 5.30 7.06 -1.86
N GLU A 60 5.63 7.78 -2.92
CA GLU A 60 6.60 8.87 -2.85
C GLU A 60 6.12 9.95 -1.89
N ASN A 61 4.95 10.51 -2.18
CA ASN A 61 4.37 11.56 -1.36
C ASN A 61 3.38 10.98 -0.35
N LEU A 62 3.28 11.62 0.80
CA LEU A 62 2.36 11.17 1.86
C LEU A 62 0.92 11.36 1.44
N GLN A 63 0.55 12.61 1.13
CA GLN A 63 -0.81 12.92 0.71
C GLN A 63 -1.28 11.97 -0.38
N ASP A 64 -0.47 11.82 -1.42
CA ASP A 64 -0.79 10.94 -2.53
C ASP A 64 -1.37 9.61 -2.03
N ALA A 65 -0.84 9.14 -0.91
CA ALA A 65 -1.29 7.89 -0.32
C ALA A 65 -2.67 8.05 0.32
N ILE A 66 -2.82 9.08 1.13
CA ILE A 66 -4.10 9.34 1.80
C ILE A 66 -5.27 9.07 0.87
N GLY A 67 -5.35 9.82 -0.23
CA GLY A 67 -6.42 9.64 -1.18
C GLY A 67 -6.41 8.27 -1.82
N ALA A 68 -5.24 7.84 -2.29
CA ALA A 68 -5.09 6.55 -2.93
C ALA A 68 -5.74 5.45 -2.09
N VAL A 69 -5.70 5.62 -0.77
CA VAL A 69 -6.27 4.64 0.15
C VAL A 69 -7.80 4.71 0.12
N ASN A 70 -8.35 5.81 0.58
CA ASN A 70 -9.80 5.99 0.61
C ASN A 70 -10.41 5.75 -0.77
N SER A 71 -9.58 5.87 -1.80
CA SER A 71 -10.02 5.66 -3.17
C SER A 71 -9.93 4.20 -3.57
N LEU A 72 -8.72 3.65 -3.52
CA LEU A 72 -8.48 2.25 -3.87
C LEU A 72 -9.18 1.32 -2.88
N HIS A 73 -9.62 1.88 -1.76
CA HIS A 73 -10.30 1.10 -0.73
C HIS A 73 -11.34 0.19 -1.35
N ARG A 74 -11.23 -1.11 -1.06
CA ARG A 74 -12.17 -2.09 -1.59
C ARG A 74 -12.11 -2.13 -3.12
N TYR A 75 -10.92 -1.93 -3.67
CA TYR A 75 -10.74 -1.93 -5.12
C TYR A 75 -11.02 -3.31 -5.70
N LYS A 76 -12.09 -3.41 -6.47
CA LYS A 76 -12.47 -4.68 -7.09
C LYS A 76 -11.31 -5.26 -7.89
N ILE A 77 -10.48 -6.06 -7.22
CA ILE A 77 -9.34 -6.68 -7.87
C ILE A 77 -9.49 -8.20 -7.92
N GLY A 78 -8.80 -8.82 -8.86
CA GLY A 78 -8.87 -10.27 -9.00
C GLY A 78 -10.24 -10.81 -8.66
N SER A 79 -10.33 -11.60 -7.60
CA SER A 79 -11.59 -12.19 -7.18
C SER A 79 -11.94 -11.77 -5.75
N LYS A 80 -11.20 -10.79 -5.23
CA LYS A 80 -11.44 -10.29 -3.89
C LYS A 80 -11.26 -8.78 -3.82
N LYS A 81 -11.96 -8.13 -2.90
CA LYS A 81 -11.88 -6.69 -2.74
C LYS A 81 -10.74 -6.32 -1.79
N ILE A 82 -9.69 -5.71 -2.34
CA ILE A 82 -8.55 -5.30 -1.53
C ILE A 82 -8.91 -4.13 -0.62
N LEU A 83 -8.32 -4.12 0.58
CA LEU A 83 -8.58 -3.06 1.55
C LEU A 83 -7.32 -2.25 1.81
N VAL A 84 -7.33 -0.99 1.39
CA VAL A 84 -6.19 -0.10 1.58
C VAL A 84 -6.26 0.60 2.93
N SER A 85 -5.10 0.81 3.54
CA SER A 85 -5.03 1.47 4.84
C SER A 85 -3.64 2.07 5.07
N LEU A 86 -3.63 3.29 5.58
CA LEU A 86 -2.36 3.99 5.84
C LEU A 86 -1.62 3.34 7.01
N ALA A 87 -0.32 3.60 7.10
CA ALA A 87 0.51 3.05 8.16
C ALA A 87 1.31 4.15 8.85
N THR A 88 2.00 3.77 9.93
CA THR A 88 2.81 4.73 10.68
C THR A 88 3.86 5.38 9.79
N GLY A 89 4.34 6.55 10.21
CA GLY A 89 5.34 7.26 9.44
C GLY A 89 5.43 8.73 9.80
N ALA A 90 4.48 9.51 9.31
CA ALA A 90 4.45 10.95 9.59
C ALA A 90 4.16 11.21 11.06
N SER A 91 4.69 12.32 11.58
CA SER A 91 4.49 12.68 12.97
C SER A 91 4.99 11.58 13.90
N GLY A 92 6.21 11.11 13.64
CA GLY A 92 6.79 10.06 14.46
C GLY A 92 7.51 10.60 15.68
N PRO A 93 7.45 9.84 16.78
CA PRO A 93 8.09 10.24 18.04
C PRO A 93 9.61 10.19 17.96
N SER A 94 10.12 9.43 17.00
CA SER A 94 11.56 9.30 16.82
C SER A 94 12.26 10.65 16.95
N SER A 95 11.96 11.55 16.01
CA SER A 95 12.55 12.88 16.02
C SER A 95 14.06 12.81 16.24
N GLY A 96 14.71 11.86 15.56
CA GLY A 96 16.14 11.69 15.69
C GLY A 96 16.51 10.74 16.81
N GLY A 1 12.03 -4.76 6.68
CA GLY A 1 12.94 -3.71 7.06
C GLY A 1 13.07 -3.56 8.57
N SER A 2 14.30 -3.71 9.07
CA SER A 2 14.55 -3.60 10.50
C SER A 2 15.21 -2.26 10.84
N SER A 3 16.32 -1.98 10.17
CA SER A 3 17.06 -0.75 10.40
C SER A 3 17.34 -0.03 9.08
N GLY A 4 17.27 1.30 9.11
CA GLY A 4 17.53 2.08 7.90
C GLY A 4 16.53 3.21 7.73
N SER A 5 16.75 4.30 8.45
CA SER A 5 15.86 5.46 8.37
C SER A 5 16.15 6.29 7.12
N SER A 6 15.23 6.26 6.17
CA SER A 6 15.39 7.01 4.93
C SER A 6 15.09 8.49 5.15
N GLY A 7 13.86 8.78 5.56
CA GLY A 7 13.48 10.16 5.80
C GLY A 7 11.98 10.34 5.89
N ASN A 8 11.34 10.58 4.74
CA ASN A 8 9.89 10.76 4.69
C ASN A 8 9.28 10.01 3.52
N GLY A 9 8.52 8.95 3.83
CA GLY A 9 7.90 8.17 2.79
C GLY A 9 6.45 7.85 3.09
N ALA A 10 5.87 6.94 2.32
CA ALA A 10 4.46 6.56 2.51
C ALA A 10 4.30 5.05 2.43
N ASP A 11 3.72 4.46 3.48
CA ASP A 11 3.51 3.02 3.52
C ASP A 11 2.02 2.70 3.50
N VAL A 12 1.54 2.17 2.38
CA VAL A 12 0.13 1.82 2.24
C VAL A 12 -0.09 0.34 2.50
N GLN A 13 -0.69 0.02 3.65
CA GLN A 13 -0.96 -1.36 4.01
C GLN A 13 -2.17 -1.90 3.26
N VAL A 14 -1.95 -2.96 2.49
CA VAL A 14 -3.03 -3.58 1.71
C VAL A 14 -3.27 -5.01 2.15
N SER A 15 -4.52 -5.33 2.45
CA SER A 15 -4.90 -6.67 2.88
C SER A 15 -6.07 -7.20 2.07
N ASN A 16 -6.31 -8.51 2.17
CA ASN A 16 -7.40 -9.15 1.44
C ASN A 16 -7.11 -9.17 -0.06
N ILE A 17 -5.88 -9.52 -0.42
CA ILE A 17 -5.48 -9.59 -1.81
C ILE A 17 -5.70 -10.99 -2.39
N ASP A 18 -6.45 -11.06 -3.49
CA ASP A 18 -6.73 -12.34 -4.13
C ASP A 18 -5.45 -13.14 -4.35
N TYR A 19 -5.08 -13.92 -3.34
CA TYR A 19 -3.87 -14.73 -3.42
C TYR A 19 -3.80 -15.47 -4.76
N ARG A 20 -4.92 -16.05 -5.17
CA ARG A 20 -4.98 -16.79 -6.42
C ARG A 20 -4.08 -16.16 -7.47
N LEU A 21 -4.25 -14.85 -7.68
CA LEU A 21 -3.45 -14.13 -8.66
C LEU A 21 -1.95 -14.28 -8.37
N SER A 22 -1.16 -14.38 -9.43
CA SER A 22 0.29 -14.54 -9.29
C SER A 22 0.92 -13.29 -8.68
N ARG A 23 1.97 -13.49 -7.90
CA ARG A 23 2.66 -12.38 -7.26
C ARG A 23 2.96 -11.27 -8.25
N LYS A 24 3.59 -11.63 -9.37
CA LYS A 24 3.93 -10.67 -10.41
C LYS A 24 2.69 -9.98 -10.95
N GLU A 25 1.58 -10.72 -10.98
CA GLU A 25 0.32 -10.17 -11.47
C GLU A 25 -0.32 -9.24 -10.44
N LEU A 26 0.07 -9.41 -9.18
CA LEU A 26 -0.46 -8.59 -8.10
C LEU A 26 0.36 -7.32 -7.93
N GLN A 27 1.66 -7.48 -7.69
CA GLN A 27 2.55 -6.34 -7.52
C GLN A 27 2.44 -5.37 -8.69
N GLN A 28 2.22 -5.92 -9.89
CA GLN A 28 2.09 -5.10 -11.08
C GLN A 28 0.75 -4.38 -11.11
N LEU A 29 -0.32 -5.11 -10.78
CA LEU A 29 -1.67 -4.54 -10.76
C LEU A 29 -1.76 -3.39 -9.76
N LEU A 30 -1.46 -3.70 -8.50
CA LEU A 30 -1.50 -2.69 -7.44
C LEU A 30 -0.73 -1.44 -7.83
N GLN A 31 0.50 -1.63 -8.30
CA GLN A 31 1.34 -0.51 -8.71
C GLN A 31 0.63 0.35 -9.75
N GLU A 32 -0.09 -0.30 -10.66
CA GLU A 32 -0.81 0.40 -11.71
C GLU A 32 -1.91 1.28 -11.11
N ALA A 33 -2.67 0.72 -10.19
CA ALA A 33 -3.76 1.45 -9.53
C ALA A 33 -3.22 2.64 -8.75
N PHE A 34 -2.36 2.36 -7.77
CA PHE A 34 -1.78 3.42 -6.93
C PHE A 34 -1.08 4.46 -7.81
N ALA A 35 -0.64 4.05 -8.99
CA ALA A 35 0.03 4.96 -9.91
C ALA A 35 -0.95 5.96 -10.50
N ARG A 36 -2.20 5.55 -10.68
CA ARG A 36 -3.22 6.41 -11.24
C ARG A 36 -3.51 7.59 -10.30
N HIS A 37 -3.16 7.42 -9.03
CA HIS A 37 -3.37 8.47 -8.04
C HIS A 37 -2.15 9.37 -7.92
N GLY A 38 -1.04 8.80 -7.47
CA GLY A 38 0.18 9.57 -7.32
C GLY A 38 1.37 8.89 -7.97
N LYS A 39 2.43 8.69 -7.20
CA LYS A 39 3.64 8.06 -7.71
C LYS A 39 4.06 6.89 -6.83
N VAL A 40 3.92 5.67 -7.36
CA VAL A 40 4.29 4.47 -6.62
C VAL A 40 5.78 4.44 -6.33
N LYS A 41 6.13 4.30 -5.05
CA LYS A 41 7.52 4.26 -4.64
C LYS A 41 8.06 2.82 -4.71
N SER A 42 7.31 1.89 -4.13
CA SER A 42 7.71 0.48 -4.11
C SER A 42 6.51 -0.42 -3.84
N VAL A 43 6.72 -1.72 -3.99
CA VAL A 43 5.66 -2.70 -3.76
C VAL A 43 6.20 -3.95 -3.08
N GLU A 44 5.69 -4.24 -1.90
CA GLU A 44 6.12 -5.42 -1.15
C GLU A 44 4.98 -6.40 -0.96
N LEU A 45 5.30 -7.69 -0.94
CA LEU A 45 4.30 -8.74 -0.76
C LEU A 45 4.58 -9.57 0.48
N SER A 46 3.53 -9.95 1.18
CA SER A 46 3.66 -10.74 2.40
C SER A 46 4.08 -12.17 2.07
N PRO A 47 4.76 -12.82 3.02
CA PRO A 47 5.23 -14.19 2.86
C PRO A 47 4.08 -15.21 2.84
N HIS A 48 2.91 -14.76 3.26
CA HIS A 48 1.73 -15.63 3.29
C HIS A 48 1.33 -16.04 1.88
N THR A 49 0.83 -17.27 1.75
CA THR A 49 0.41 -17.78 0.45
C THR A 49 -1.03 -18.28 0.50
N ASP A 50 -1.85 -17.61 1.30
CA ASP A 50 -3.25 -17.98 1.44
C ASP A 50 -4.13 -16.75 1.65
N TYR A 51 -5.42 -16.97 1.82
CA TYR A 51 -6.37 -15.88 2.03
C TYR A 51 -5.77 -14.81 2.95
N GLN A 52 -4.89 -15.24 3.84
CA GLN A 52 -4.24 -14.33 4.77
C GLN A 52 -3.04 -13.65 4.14
N LEU A 53 -3.16 -13.33 2.85
CA LEU A 53 -2.08 -12.67 2.11
C LEU A 53 -2.19 -11.16 2.21
N LYS A 54 -1.11 -10.51 2.63
CA LYS A 54 -1.09 -9.06 2.76
C LYS A 54 0.05 -8.46 1.94
N ALA A 55 0.10 -7.13 1.90
CA ALA A 55 1.15 -6.44 1.16
C ALA A 55 1.25 -4.97 1.60
N VAL A 56 2.35 -4.32 1.23
CA VAL A 56 2.58 -2.93 1.58
C VAL A 56 3.06 -2.13 0.38
N VAL A 57 2.17 -1.29 -0.16
CA VAL A 57 2.52 -0.46 -1.31
C VAL A 57 3.11 0.87 -0.87
N GLN A 58 4.40 1.05 -1.14
CA GLN A 58 5.09 2.28 -0.77
C GLN A 58 4.83 3.38 -1.79
N MET A 59 4.61 4.60 -1.31
CA MET A 59 4.35 5.73 -2.19
C MET A 59 5.42 6.81 -2.01
N GLU A 60 5.61 7.62 -3.05
CA GLU A 60 6.60 8.69 -3.01
C GLU A 60 6.15 9.82 -2.09
N ASN A 61 4.94 10.32 -2.32
CA ASN A 61 4.40 11.40 -1.51
C ASN A 61 3.42 10.85 -0.47
N LEU A 62 3.37 11.52 0.68
CA LEU A 62 2.49 11.09 1.76
C LEU A 62 1.02 11.26 1.36
N GLN A 63 0.67 12.48 0.96
CA GLN A 63 -0.70 12.78 0.55
C GLN A 63 -1.16 11.81 -0.53
N ASP A 64 -0.31 11.59 -1.52
CA ASP A 64 -0.64 10.68 -2.62
C ASP A 64 -1.23 9.37 -2.09
N ALA A 65 -0.70 8.90 -0.96
CA ALA A 65 -1.19 7.67 -0.36
C ALA A 65 -2.55 7.88 0.30
N ILE A 66 -2.66 8.93 1.09
CA ILE A 66 -3.92 9.24 1.76
C ILE A 66 -5.12 8.97 0.85
N GLY A 67 -5.17 9.69 -0.26
CA GLY A 67 -6.26 9.52 -1.20
C GLY A 67 -6.26 8.15 -1.85
N ALA A 68 -5.07 7.68 -2.21
CA ALA A 68 -4.93 6.37 -2.85
C ALA A 68 -5.59 5.27 -2.01
N VAL A 69 -5.60 5.48 -0.69
CA VAL A 69 -6.21 4.51 0.21
C VAL A 69 -7.73 4.60 0.19
N ASN A 70 -8.25 5.74 0.65
CA ASN A 70 -9.69 5.95 0.69
C ASN A 70 -10.30 5.80 -0.70
N SER A 71 -9.46 5.91 -1.72
CA SER A 71 -9.91 5.78 -3.11
C SER A 71 -9.92 4.33 -3.55
N LEU A 72 -8.74 3.69 -3.49
CA LEU A 72 -8.61 2.30 -3.88
C LEU A 72 -9.32 1.38 -2.89
N HIS A 73 -9.65 1.92 -1.73
CA HIS A 73 -10.33 1.15 -0.70
C HIS A 73 -11.38 0.23 -1.31
N ARG A 74 -11.23 -1.07 -1.05
CA ARG A 74 -12.15 -2.07 -1.58
C ARG A 74 -12.08 -2.12 -3.11
N TYR A 75 -10.88 -1.91 -3.65
CA TYR A 75 -10.68 -1.93 -5.09
C TYR A 75 -10.94 -3.32 -5.66
N LYS A 76 -11.98 -3.43 -6.48
CA LYS A 76 -12.33 -4.70 -7.10
C LYS A 76 -11.15 -5.29 -7.85
N ILE A 77 -10.39 -6.16 -7.17
CA ILE A 77 -9.24 -6.80 -7.77
C ILE A 77 -9.41 -8.31 -7.86
N GLY A 78 -8.70 -8.94 -8.78
CA GLY A 78 -8.79 -10.39 -8.94
C GLY A 78 -10.20 -10.90 -8.70
N SER A 79 -10.37 -11.69 -7.65
CA SER A 79 -11.67 -12.25 -7.32
C SER A 79 -12.12 -11.80 -5.93
N LYS A 80 -11.36 -10.89 -5.33
CA LYS A 80 -11.68 -10.37 -4.01
C LYS A 80 -11.27 -8.91 -3.88
N LYS A 81 -12.04 -8.14 -3.11
CA LYS A 81 -11.75 -6.74 -2.90
C LYS A 81 -10.56 -6.55 -1.95
N ILE A 82 -9.75 -5.54 -2.22
CA ILE A 82 -8.59 -5.25 -1.38
C ILE A 82 -8.89 -4.13 -0.39
N LEU A 83 -8.40 -4.29 0.84
CA LEU A 83 -8.61 -3.30 1.88
C LEU A 83 -7.37 -2.45 2.08
N VAL A 84 -7.41 -1.21 1.61
CA VAL A 84 -6.28 -0.30 1.74
C VAL A 84 -6.33 0.44 3.08
N SER A 85 -5.15 0.77 3.60
CA SER A 85 -5.05 1.47 4.88
C SER A 85 -3.65 2.06 5.07
N LEU A 86 -3.59 3.25 5.62
CA LEU A 86 -2.31 3.93 5.86
C LEU A 86 -1.60 3.31 7.06
N ALA A 87 -0.32 3.61 7.19
CA ALA A 87 0.49 3.10 8.29
C ALA A 87 1.31 4.20 8.95
N THR A 88 1.05 4.44 10.23
CA THR A 88 1.76 5.48 10.97
C THR A 88 3.27 5.34 10.80
N GLY A 89 3.78 4.15 11.08
CA GLY A 89 5.20 3.91 10.96
C GLY A 89 5.90 3.79 12.30
N ALA A 90 6.77 2.80 12.43
CA ALA A 90 7.49 2.57 13.67
C ALA A 90 8.41 3.76 13.99
N SER A 91 8.32 4.26 15.21
CA SER A 91 9.13 5.39 15.64
C SER A 91 9.56 5.23 17.10
N GLY A 92 10.53 6.05 17.51
CA GLY A 92 11.01 5.98 18.88
C GLY A 92 11.80 7.22 19.28
N PRO A 93 11.07 8.28 19.65
CA PRO A 93 11.69 9.54 20.06
C PRO A 93 12.40 9.43 21.41
N SER A 94 11.86 8.61 22.29
CA SER A 94 12.45 8.42 23.61
C SER A 94 13.58 7.38 23.56
N SER A 95 14.73 7.76 24.11
CA SER A 95 15.89 6.87 24.12
C SER A 95 17.00 7.44 25.00
N GLY A 96 18.00 6.61 25.29
CA GLY A 96 19.11 7.05 26.12
C GLY A 96 20.45 6.56 25.62
N GLY A 1 0.45 25.59 9.59
CA GLY A 1 1.25 25.58 8.39
C GLY A 1 2.68 25.12 8.65
N SER A 2 2.83 24.10 9.48
CA SER A 2 4.15 23.57 9.81
C SER A 2 4.82 22.98 8.57
N SER A 3 6.13 23.19 8.46
CA SER A 3 6.89 22.68 7.32
C SER A 3 7.35 21.24 7.58
N GLY A 4 8.00 20.66 6.59
CA GLY A 4 8.49 19.30 6.73
C GLY A 4 7.40 18.27 6.51
N SER A 5 7.59 17.08 7.06
CA SER A 5 6.62 16.00 6.92
C SER A 5 5.98 16.03 5.53
N SER A 6 6.80 16.29 4.52
CA SER A 6 6.31 16.35 3.14
C SER A 6 7.15 15.46 2.22
N GLY A 7 6.50 14.50 1.59
CA GLY A 7 7.20 13.59 0.69
C GLY A 7 8.33 12.86 1.38
N ASN A 8 8.09 12.41 2.60
CA ASN A 8 9.10 11.69 3.37
C ASN A 8 8.93 10.19 3.22
N GLY A 9 7.74 9.69 3.51
CA GLY A 9 7.46 8.28 3.40
C GLY A 9 6.01 7.94 3.66
N ALA A 10 5.40 7.19 2.74
CA ALA A 10 4.00 6.80 2.87
C ALA A 10 3.83 5.30 2.68
N ASP A 11 3.58 4.59 3.77
CA ASP A 11 3.39 3.14 3.71
C ASP A 11 1.91 2.79 3.64
N VAL A 12 1.50 2.26 2.49
CA VAL A 12 0.11 1.88 2.28
C VAL A 12 -0.11 0.39 2.60
N GLN A 13 -0.73 0.13 3.74
CA GLN A 13 -0.99 -1.25 4.15
C GLN A 13 -2.09 -1.88 3.29
N VAL A 14 -1.73 -2.92 2.56
CA VAL A 14 -2.68 -3.61 1.70
C VAL A 14 -3.18 -4.90 2.35
N SER A 15 -4.48 -5.16 2.22
CA SER A 15 -5.09 -6.35 2.79
C SER A 15 -6.12 -6.94 1.85
N ASN A 16 -6.57 -8.16 2.15
CA ASN A 16 -7.56 -8.85 1.33
C ASN A 16 -7.09 -8.95 -0.12
N ILE A 17 -5.86 -9.44 -0.30
CA ILE A 17 -5.30 -9.59 -1.63
C ILE A 17 -5.61 -10.97 -2.20
N ASP A 18 -6.36 -10.99 -3.30
CA ASP A 18 -6.72 -12.23 -3.96
C ASP A 18 -5.49 -13.08 -4.26
N TYR A 19 -5.09 -13.90 -3.30
CA TYR A 19 -3.93 -14.76 -3.47
C TYR A 19 -3.99 -15.53 -4.78
N ARG A 20 -5.20 -15.95 -5.16
CA ARG A 20 -5.41 -16.70 -6.39
C ARG A 20 -4.49 -16.19 -7.49
N LEU A 21 -4.41 -14.87 -7.62
CA LEU A 21 -3.56 -14.25 -8.64
C LEU A 21 -2.09 -14.42 -8.30
N SER A 22 -1.25 -14.49 -9.34
CA SER A 22 0.18 -14.66 -9.15
C SER A 22 0.77 -13.47 -8.41
N ARG A 23 1.85 -13.72 -7.67
CA ARG A 23 2.52 -12.66 -6.91
C ARG A 23 2.99 -11.54 -7.83
N LYS A 24 3.30 -11.89 -9.07
CA LYS A 24 3.77 -10.92 -10.05
C LYS A 24 2.61 -10.08 -10.57
N GLU A 25 1.43 -10.69 -10.64
CA GLU A 25 0.24 -9.99 -11.13
C GLU A 25 -0.35 -9.11 -10.02
N LEU A 26 -0.07 -9.47 -8.78
CA LEU A 26 -0.59 -8.71 -7.64
C LEU A 26 0.29 -7.50 -7.36
N GLN A 27 1.59 -7.65 -7.57
CA GLN A 27 2.53 -6.55 -7.34
C GLN A 27 2.52 -5.57 -8.49
N GLN A 28 2.05 -6.03 -9.66
CA GLN A 28 1.98 -5.18 -10.84
C GLN A 28 0.68 -4.39 -10.88
N LEU A 29 -0.40 -5.03 -10.45
CA LEU A 29 -1.71 -4.38 -10.43
C LEU A 29 -1.75 -3.27 -9.38
N LEU A 30 -1.35 -3.60 -8.16
CA LEU A 30 -1.34 -2.64 -7.07
C LEU A 30 -0.60 -1.37 -7.48
N GLN A 31 0.64 -1.54 -7.96
CA GLN A 31 1.45 -0.40 -8.38
C GLN A 31 0.74 0.41 -9.46
N GLU A 32 0.02 -0.29 -10.33
CA GLU A 32 -0.70 0.37 -11.41
C GLU A 32 -1.85 1.21 -10.87
N ALA A 33 -2.63 0.62 -9.96
CA ALA A 33 -3.76 1.32 -9.36
C ALA A 33 -3.31 2.57 -8.62
N PHE A 34 -2.35 2.42 -7.73
CA PHE A 34 -1.83 3.54 -6.95
C PHE A 34 -1.20 4.59 -7.88
N ALA A 35 -0.64 4.12 -8.99
CA ALA A 35 0.00 5.01 -9.96
C ALA A 35 -1.02 6.00 -10.54
N ARG A 36 -2.23 5.51 -10.80
CA ARG A 36 -3.28 6.35 -11.36
C ARG A 36 -3.56 7.55 -10.45
N HIS A 37 -3.17 7.44 -9.18
CA HIS A 37 -3.37 8.51 -8.23
C HIS A 37 -2.13 9.40 -8.14
N GLY A 38 -1.04 8.84 -7.62
CA GLY A 38 0.19 9.61 -7.49
C GLY A 38 1.37 8.91 -8.14
N LYS A 39 2.43 8.71 -7.37
CA LYS A 39 3.63 8.05 -7.87
C LYS A 39 4.05 6.89 -6.96
N VAL A 40 3.91 5.67 -7.46
CA VAL A 40 4.27 4.49 -6.70
C VAL A 40 5.77 4.45 -6.42
N LYS A 41 6.13 4.17 -5.17
CA LYS A 41 7.53 4.11 -4.78
C LYS A 41 8.04 2.67 -4.86
N SER A 42 7.34 1.75 -4.18
CA SER A 42 7.72 0.35 -4.17
C SER A 42 6.53 -0.54 -3.82
N VAL A 43 6.69 -1.84 -4.02
CA VAL A 43 5.63 -2.79 -3.73
C VAL A 43 6.19 -4.09 -3.14
N GLU A 44 5.81 -4.39 -1.91
CA GLU A 44 6.27 -5.60 -1.24
C GLU A 44 5.11 -6.53 -0.92
N LEU A 45 5.31 -7.82 -1.18
CA LEU A 45 4.28 -8.82 -0.91
C LEU A 45 4.64 -9.68 0.30
N SER A 46 3.62 -10.08 1.05
CA SER A 46 3.84 -10.90 2.23
C SER A 46 4.11 -12.35 1.85
N PRO A 47 4.85 -13.07 2.71
CA PRO A 47 5.21 -14.47 2.48
C PRO A 47 4.00 -15.40 2.60
N HIS A 48 2.89 -14.85 3.09
CA HIS A 48 1.67 -15.63 3.26
C HIS A 48 1.08 -16.01 1.90
N THR A 49 1.17 -17.30 1.56
CA THR A 49 0.64 -17.79 0.30
C THR A 49 -0.78 -18.31 0.45
N ASP A 50 -1.55 -17.64 1.30
CA ASP A 50 -2.94 -18.04 1.54
C ASP A 50 -3.84 -16.82 1.69
N TYR A 51 -5.13 -17.05 1.85
CA TYR A 51 -6.10 -15.97 2.01
C TYR A 51 -5.51 -14.84 2.86
N GLN A 52 -4.62 -15.20 3.77
CA GLN A 52 -3.99 -14.22 4.64
C GLN A 52 -2.80 -13.56 3.96
N LEU A 53 -2.92 -13.35 2.65
CA LEU A 53 -1.86 -12.73 1.87
C LEU A 53 -1.95 -11.21 1.94
N LYS A 54 -1.04 -10.60 2.70
CA LYS A 54 -1.02 -9.14 2.84
C LYS A 54 0.11 -8.53 2.02
N ALA A 55 0.14 -7.21 1.96
CA ALA A 55 1.18 -6.50 1.22
C ALA A 55 1.27 -5.04 1.66
N VAL A 56 2.30 -4.34 1.19
CA VAL A 56 2.50 -2.95 1.52
C VAL A 56 3.02 -2.16 0.33
N VAL A 57 2.21 -1.23 -0.16
CA VAL A 57 2.58 -0.41 -1.30
C VAL A 57 3.14 0.94 -0.85
N GLN A 58 4.43 1.14 -1.06
CA GLN A 58 5.09 2.38 -0.67
C GLN A 58 4.86 3.47 -1.72
N MET A 59 4.55 4.67 -1.26
CA MET A 59 4.32 5.79 -2.15
C MET A 59 5.37 6.87 -1.98
N GLU A 60 5.57 7.69 -3.01
CA GLU A 60 6.56 8.76 -2.97
C GLU A 60 6.10 9.90 -2.07
N ASN A 61 4.87 10.36 -2.30
CA ASN A 61 4.31 11.44 -1.50
C ASN A 61 3.34 10.91 -0.45
N LEU A 62 3.28 11.59 0.68
CA LEU A 62 2.39 11.19 1.78
C LEU A 62 0.93 11.38 1.38
N GLN A 63 0.56 12.61 1.05
CA GLN A 63 -0.81 12.92 0.66
C GLN A 63 -1.28 11.99 -0.46
N ASP A 64 -0.40 11.76 -1.43
CA ASP A 64 -0.72 10.89 -2.56
C ASP A 64 -1.30 9.56 -2.07
N ALA A 65 -0.81 9.09 -0.93
CA ALA A 65 -1.27 7.83 -0.37
C ALA A 65 -2.66 7.99 0.26
N ILE A 66 -2.81 9.01 1.09
CA ILE A 66 -4.09 9.28 1.75
C ILE A 66 -5.26 8.96 0.82
N GLY A 67 -5.35 9.72 -0.28
CA GLY A 67 -6.42 9.51 -1.23
C GLY A 67 -6.40 8.12 -1.84
N ALA A 68 -5.24 7.70 -2.33
CA ALA A 68 -5.08 6.39 -2.93
C ALA A 68 -5.70 5.31 -2.06
N VAL A 69 -5.63 5.50 -0.74
CA VAL A 69 -6.18 4.53 0.20
C VAL A 69 -7.70 4.61 0.23
N ASN A 70 -8.24 5.78 0.58
CA ASN A 70 -9.68 5.98 0.63
C ASN A 70 -10.31 5.80 -0.74
N SER A 71 -9.49 5.85 -1.77
CA SER A 71 -9.97 5.69 -3.14
C SER A 71 -9.91 4.23 -3.58
N LEU A 72 -8.71 3.66 -3.56
CA LEU A 72 -8.52 2.27 -3.95
C LEU A 72 -9.21 1.33 -2.97
N HIS A 73 -9.66 1.88 -1.84
CA HIS A 73 -10.33 1.09 -0.82
C HIS A 73 -11.35 0.14 -1.44
N ARG A 74 -11.19 -1.14 -1.17
CA ARG A 74 -12.10 -2.15 -1.72
C ARG A 74 -12.10 -2.13 -3.24
N TYR A 75 -10.92 -1.88 -3.82
CA TYR A 75 -10.78 -1.82 -5.27
C TYR A 75 -11.01 -3.19 -5.89
N LYS A 76 -12.12 -3.33 -6.60
CA LYS A 76 -12.46 -4.59 -7.25
C LYS A 76 -11.26 -5.15 -8.02
N ILE A 77 -10.46 -5.98 -7.34
CA ILE A 77 -9.29 -6.58 -7.95
C ILE A 77 -9.40 -8.10 -7.98
N GLY A 78 -8.68 -8.72 -8.91
CA GLY A 78 -8.72 -10.17 -9.04
C GLY A 78 -10.09 -10.74 -8.76
N SER A 79 -10.20 -11.50 -7.68
CA SER A 79 -11.47 -12.11 -7.30
C SER A 79 -11.87 -11.69 -5.88
N LYS A 80 -11.17 -10.71 -5.34
CA LYS A 80 -11.46 -10.21 -4.00
C LYS A 80 -11.25 -8.70 -3.93
N LYS A 81 -11.99 -8.05 -3.02
CA LYS A 81 -11.89 -6.61 -2.86
C LYS A 81 -10.73 -6.24 -1.93
N ILE A 82 -9.68 -5.66 -2.51
CA ILE A 82 -8.51 -5.27 -1.73
C ILE A 82 -8.85 -4.16 -0.75
N LEU A 83 -8.34 -4.27 0.46
CA LEU A 83 -8.58 -3.27 1.50
C LEU A 83 -7.33 -2.43 1.76
N VAL A 84 -7.37 -1.17 1.35
CA VAL A 84 -6.24 -0.26 1.54
C VAL A 84 -6.32 0.43 2.89
N SER A 85 -5.16 0.71 3.48
CA SER A 85 -5.10 1.37 4.78
C SER A 85 -3.72 1.98 5.01
N LEU A 86 -3.70 3.20 5.53
CA LEU A 86 -2.45 3.90 5.80
C LEU A 86 -1.69 3.22 6.94
N ALA A 87 -0.38 3.49 7.01
CA ALA A 87 0.45 2.92 8.06
C ALA A 87 1.60 3.85 8.42
N THR A 88 1.88 3.96 9.72
CA THR A 88 2.94 4.83 10.20
C THR A 88 3.69 4.19 11.36
N GLY A 89 4.91 4.66 11.61
CA GLY A 89 5.71 4.11 12.68
C GLY A 89 5.48 4.84 14.01
N ALA A 90 6.41 5.73 14.35
CA ALA A 90 6.31 6.49 15.59
C ALA A 90 5.14 7.46 15.55
N SER A 91 4.37 7.52 16.63
CA SER A 91 3.22 8.41 16.71
C SER A 91 3.52 9.61 17.61
N GLY A 92 4.08 9.34 18.78
CA GLY A 92 4.42 10.42 19.70
C GLY A 92 3.18 11.06 20.29
N PRO A 93 3.39 12.13 21.08
CA PRO A 93 2.29 12.87 21.73
C PRO A 93 1.44 13.64 20.73
N SER A 94 0.22 13.98 21.12
CA SER A 94 -0.69 14.71 20.26
C SER A 94 -1.46 15.76 21.06
N SER A 95 -2.18 16.62 20.34
CA SER A 95 -2.97 17.67 20.98
C SER A 95 -4.40 17.23 21.20
N GLY A 96 -5.09 16.92 20.10
CA GLY A 96 -6.47 16.48 20.18
C GLY A 96 -7.43 17.48 19.56
N GLY A 1 18.05 6.73 -8.16
CA GLY A 1 18.18 5.29 -8.19
C GLY A 1 17.80 4.65 -6.86
N SER A 2 18.72 3.90 -6.29
CA SER A 2 18.46 3.22 -5.02
C SER A 2 18.78 4.14 -3.84
N SER A 3 17.76 4.45 -3.05
CA SER A 3 17.93 5.32 -1.88
C SER A 3 17.56 4.59 -0.60
N GLY A 4 18.43 4.67 0.40
CA GLY A 4 18.17 4.01 1.67
C GLY A 4 17.35 4.88 2.60
N SER A 5 16.05 4.98 2.33
CA SER A 5 15.15 5.78 3.15
C SER A 5 13.98 4.94 3.65
N SER A 6 13.56 5.18 4.88
CA SER A 6 12.45 4.45 5.47
C SER A 6 11.45 5.41 6.10
N GLY A 7 11.92 6.21 7.05
CA GLY A 7 11.04 7.16 7.72
C GLY A 7 10.24 8.00 6.74
N ASN A 8 10.79 9.14 6.34
CA ASN A 8 10.12 10.02 5.40
C ASN A 8 9.53 9.24 4.23
N GLY A 9 8.21 9.07 4.25
CA GLY A 9 7.54 8.34 3.19
C GLY A 9 6.10 8.02 3.52
N ALA A 10 5.51 7.11 2.77
CA ALA A 10 4.12 6.72 2.99
C ALA A 10 3.94 5.22 2.81
N ASP A 11 3.64 4.53 3.91
CA ASP A 11 3.44 3.08 3.88
C ASP A 11 1.96 2.74 3.81
N VAL A 12 1.51 2.30 2.64
CA VAL A 12 0.11 1.93 2.44
C VAL A 12 -0.12 0.45 2.71
N GLN A 13 -0.72 0.15 3.85
CA GLN A 13 -1.00 -1.24 4.22
C GLN A 13 -2.16 -1.81 3.40
N VAL A 14 -1.90 -2.90 2.70
CA VAL A 14 -2.92 -3.53 1.88
C VAL A 14 -3.23 -4.94 2.38
N SER A 15 -4.52 -5.27 2.45
CA SER A 15 -4.95 -6.59 2.92
C SER A 15 -6.12 -7.09 2.08
N ASN A 16 -6.45 -8.37 2.25
CA ASN A 16 -7.55 -8.99 1.51
C ASN A 16 -7.21 -9.09 0.03
N ILE A 17 -5.94 -9.28 -0.28
CA ILE A 17 -5.49 -9.39 -1.66
C ILE A 17 -5.66 -10.82 -2.18
N ASP A 18 -6.46 -10.96 -3.23
CA ASP A 18 -6.71 -12.27 -3.82
C ASP A 18 -5.40 -13.02 -4.04
N TYR A 19 -5.11 -13.97 -3.15
CA TYR A 19 -3.89 -14.76 -3.25
C TYR A 19 -3.87 -15.59 -4.52
N ARG A 20 -5.02 -16.17 -4.86
CA ARG A 20 -5.14 -16.99 -6.05
C ARG A 20 -4.27 -16.45 -7.18
N LEU A 21 -4.52 -15.20 -7.57
CA LEU A 21 -3.75 -14.57 -8.63
C LEU A 21 -2.25 -14.80 -8.45
N SER A 22 -1.48 -14.53 -9.50
CA SER A 22 -0.03 -14.70 -9.44
C SER A 22 0.64 -13.53 -8.73
N ARG A 23 1.73 -13.82 -8.04
CA ARG A 23 2.47 -12.77 -7.31
C ARG A 23 3.00 -11.71 -8.27
N LYS A 24 3.27 -12.12 -9.51
CA LYS A 24 3.78 -11.20 -10.52
C LYS A 24 2.65 -10.36 -11.11
N GLU A 25 1.43 -10.90 -11.06
CA GLU A 25 0.27 -10.19 -11.58
C GLU A 25 -0.37 -9.31 -10.51
N LEU A 26 -0.05 -9.60 -9.26
CA LEU A 26 -0.58 -8.83 -8.13
C LEU A 26 0.27 -7.60 -7.85
N GLN A 27 1.58 -7.80 -7.77
CA GLN A 27 2.51 -6.71 -7.52
C GLN A 27 2.49 -5.70 -8.66
N GLN A 28 2.34 -6.19 -9.88
CA GLN A 28 2.31 -5.33 -11.06
C GLN A 28 1.00 -4.55 -11.12
N LEU A 29 -0.10 -5.22 -10.83
CA LEU A 29 -1.41 -4.59 -10.86
C LEU A 29 -1.51 -3.49 -9.80
N LEU A 30 -1.26 -3.87 -8.54
CA LEU A 30 -1.31 -2.92 -7.44
C LEU A 30 -0.58 -1.62 -7.80
N GLN A 31 0.61 -1.78 -8.38
CA GLN A 31 1.42 -0.62 -8.77
C GLN A 31 0.64 0.29 -9.73
N GLU A 32 -0.09 -0.33 -10.66
CA GLU A 32 -0.87 0.43 -11.64
C GLU A 32 -1.92 1.29 -10.94
N ALA A 33 -2.74 0.66 -10.10
CA ALA A 33 -3.78 1.36 -9.38
C ALA A 33 -3.21 2.56 -8.64
N PHE A 34 -2.37 2.30 -7.65
CA PHE A 34 -1.76 3.36 -6.85
C PHE A 34 -1.09 4.39 -7.75
N ALA A 35 -0.59 3.93 -8.89
CA ALA A 35 0.08 4.81 -9.84
C ALA A 35 -0.90 5.80 -10.46
N ARG A 36 -2.12 5.34 -10.72
CA ARG A 36 -3.16 6.18 -11.31
C ARG A 36 -3.44 7.39 -10.43
N HIS A 37 -3.12 7.27 -9.14
CA HIS A 37 -3.33 8.37 -8.20
C HIS A 37 -2.12 9.29 -8.14
N GLY A 38 -1.01 8.75 -7.62
CA GLY A 38 0.21 9.55 -7.52
C GLY A 38 1.40 8.86 -8.15
N LYS A 39 2.47 8.72 -7.38
CA LYS A 39 3.69 8.08 -7.87
C LYS A 39 4.11 6.93 -6.96
N VAL A 40 3.93 5.70 -7.43
CA VAL A 40 4.29 4.52 -6.65
C VAL A 40 5.79 4.44 -6.44
N LYS A 41 6.19 4.27 -5.18
CA LYS A 41 7.61 4.17 -4.85
C LYS A 41 8.09 2.74 -4.94
N SER A 42 7.43 1.84 -4.22
CA SER A 42 7.79 0.42 -4.22
C SER A 42 6.58 -0.45 -3.94
N VAL A 43 6.74 -1.76 -4.14
CA VAL A 43 5.65 -2.70 -3.89
C VAL A 43 6.18 -3.98 -3.25
N GLU A 44 5.80 -4.21 -2.00
CA GLU A 44 6.23 -5.41 -1.28
C GLU A 44 5.08 -6.40 -1.13
N LEU A 45 5.41 -7.68 -1.19
CA LEU A 45 4.40 -8.73 -1.06
C LEU A 45 4.70 -9.62 0.14
N SER A 46 3.64 -10.14 0.76
CA SER A 46 3.79 -11.01 1.92
C SER A 46 4.10 -12.44 1.49
N PRO A 47 4.82 -13.18 2.36
CA PRO A 47 5.19 -14.57 2.09
C PRO A 47 3.99 -15.51 2.13
N HIS A 48 2.98 -15.15 2.91
CA HIS A 48 1.77 -15.96 3.03
C HIS A 48 1.26 -16.39 1.66
N THR A 49 0.87 -17.66 1.55
CA THR A 49 0.37 -18.19 0.29
C THR A 49 -1.12 -18.52 0.39
N ASP A 50 -1.74 -18.10 1.48
CA ASP A 50 -3.15 -18.36 1.70
C ASP A 50 -3.95 -17.05 1.66
N TYR A 51 -5.24 -17.15 1.94
CA TYR A 51 -6.11 -15.97 1.93
C TYR A 51 -5.57 -14.88 2.84
N GLN A 52 -4.61 -15.25 3.69
CA GLN A 52 -4.01 -14.31 4.62
C GLN A 52 -2.85 -13.56 3.97
N LEU A 53 -2.89 -13.45 2.65
CA LEU A 53 -1.85 -12.76 1.90
C LEU A 53 -1.99 -11.25 2.02
N LYS A 54 -0.94 -10.60 2.50
CA LYS A 54 -0.95 -9.15 2.67
C LYS A 54 0.13 -8.50 1.81
N ALA A 55 0.20 -7.17 1.86
CA ALA A 55 1.19 -6.44 1.08
C ALA A 55 1.28 -4.98 1.55
N VAL A 56 2.34 -4.29 1.14
CA VAL A 56 2.53 -2.90 1.52
C VAL A 56 3.04 -2.08 0.33
N VAL A 57 2.22 -1.13 -0.11
CA VAL A 57 2.59 -0.27 -1.23
C VAL A 57 3.18 1.06 -0.75
N GLN A 58 4.44 1.29 -1.07
CA GLN A 58 5.11 2.51 -0.67
C GLN A 58 4.89 3.62 -1.70
N MET A 59 4.52 4.79 -1.22
CA MET A 59 4.28 5.93 -2.09
C MET A 59 5.33 7.02 -1.88
N GLU A 60 5.65 7.74 -2.95
CA GLU A 60 6.65 8.80 -2.89
C GLU A 60 6.20 9.91 -1.93
N ASN A 61 4.99 10.41 -2.15
CA ASN A 61 4.45 11.47 -1.32
C ASN A 61 3.44 10.91 -0.31
N LEU A 62 3.34 11.56 0.84
CA LEU A 62 2.42 11.13 1.89
C LEU A 62 0.97 11.38 1.47
N GLN A 63 0.66 12.63 1.17
CA GLN A 63 -0.69 13.00 0.75
C GLN A 63 -1.20 12.07 -0.35
N ASP A 64 -0.43 11.98 -1.42
CA ASP A 64 -0.79 11.12 -2.55
C ASP A 64 -1.36 9.79 -2.07
N ALA A 65 -0.82 9.30 -0.95
CA ALA A 65 -1.28 8.03 -0.39
C ALA A 65 -2.65 8.18 0.26
N ILE A 66 -2.77 9.17 1.14
CA ILE A 66 -4.02 9.43 1.84
C ILE A 66 -5.22 9.14 0.94
N GLY A 67 -5.32 9.88 -0.17
CA GLY A 67 -6.41 9.68 -1.10
C GLY A 67 -6.39 8.31 -1.75
N ALA A 68 -5.22 7.91 -2.24
CA ALA A 68 -5.06 6.61 -2.89
C ALA A 68 -5.67 5.51 -2.04
N VAL A 69 -5.63 5.68 -0.72
CA VAL A 69 -6.18 4.70 0.19
C VAL A 69 -7.70 4.72 0.19
N ASN A 70 -8.27 5.87 0.56
CA ASN A 70 -9.72 6.03 0.61
C ASN A 70 -10.32 5.82 -0.78
N SER A 71 -9.48 5.89 -1.80
CA SER A 71 -9.94 5.72 -3.18
C SER A 71 -9.85 4.25 -3.60
N LEU A 72 -8.65 3.69 -3.53
CA LEU A 72 -8.45 2.29 -3.90
C LEU A 72 -9.10 1.35 -2.90
N HIS A 73 -9.59 1.92 -1.80
CA HIS A 73 -10.25 1.13 -0.76
C HIS A 73 -11.26 0.18 -1.37
N ARG A 74 -11.13 -1.10 -1.05
CA ARG A 74 -12.03 -2.12 -1.57
C ARG A 74 -11.99 -2.17 -3.09
N TYR A 75 -10.82 -1.87 -3.65
CA TYR A 75 -10.65 -1.86 -5.10
C TYR A 75 -10.92 -3.25 -5.68
N LYS A 76 -12.01 -3.36 -6.44
CA LYS A 76 -12.39 -4.62 -7.06
C LYS A 76 -11.23 -5.21 -7.86
N ILE A 77 -10.39 -5.98 -7.19
CA ILE A 77 -9.24 -6.61 -7.84
C ILE A 77 -9.39 -8.13 -7.88
N GLY A 78 -8.71 -8.75 -8.84
CA GLY A 78 -8.78 -10.19 -8.97
C GLY A 78 -10.14 -10.75 -8.60
N SER A 79 -10.19 -11.53 -7.53
CA SER A 79 -11.44 -12.12 -7.07
C SER A 79 -11.75 -11.70 -5.64
N LYS A 80 -11.05 -10.69 -5.16
CA LYS A 80 -11.24 -10.18 -3.81
C LYS A 80 -10.97 -8.68 -3.74
N LYS A 81 -11.81 -7.97 -2.99
CA LYS A 81 -11.67 -6.53 -2.85
C LYS A 81 -10.54 -6.19 -1.88
N ILE A 82 -9.50 -5.56 -2.40
CA ILE A 82 -8.36 -5.17 -1.59
C ILE A 82 -8.71 -4.04 -0.63
N LEU A 83 -8.31 -4.19 0.63
CA LEU A 83 -8.58 -3.17 1.64
C LEU A 83 -7.35 -2.33 1.93
N VAL A 84 -7.36 -1.08 1.47
CA VAL A 84 -6.24 -0.18 1.68
C VAL A 84 -6.36 0.56 3.01
N SER A 85 -5.22 0.86 3.62
CA SER A 85 -5.20 1.55 4.91
C SER A 85 -3.83 2.20 5.14
N LEU A 86 -3.86 3.42 5.68
CA LEU A 86 -2.63 4.15 5.96
C LEU A 86 -1.91 3.56 7.17
N ALA A 87 -0.62 3.85 7.29
CA ALA A 87 0.18 3.36 8.39
C ALA A 87 0.89 4.50 9.12
N THR A 88 0.71 4.55 10.44
CA THR A 88 1.32 5.59 11.25
C THR A 88 2.84 5.58 11.11
N GLY A 89 3.36 6.44 10.25
CA GLY A 89 4.79 6.51 10.04
C GLY A 89 5.42 7.73 10.66
N ALA A 90 6.48 8.24 10.05
CA ALA A 90 7.18 9.42 10.56
C ALA A 90 6.21 10.60 10.67
N SER A 91 6.55 11.54 11.55
CA SER A 91 5.72 12.71 11.76
C SER A 91 6.37 13.96 11.15
N GLY A 92 6.91 13.80 9.95
CA GLY A 92 7.56 14.90 9.28
C GLY A 92 8.40 15.75 10.21
N PRO A 93 8.66 17.00 9.82
CA PRO A 93 9.46 17.93 10.62
C PRO A 93 8.74 18.37 11.89
N SER A 94 8.92 17.62 12.96
CA SER A 94 8.29 17.93 14.24
C SER A 94 9.02 19.05 14.95
N SER A 95 8.39 20.23 15.00
CA SER A 95 9.00 21.39 15.65
C SER A 95 9.18 21.15 17.14
N GLY A 96 8.14 20.60 17.78
CA GLY A 96 8.21 20.32 19.20
C GLY A 96 7.37 19.12 19.60
N GLY A 1 19.77 4.15 18.71
CA GLY A 1 18.76 3.35 18.05
C GLY A 1 18.55 3.75 16.60
N SER A 2 17.46 4.45 16.33
CA SER A 2 17.15 4.89 14.98
C SER A 2 16.56 6.30 14.98
N SER A 3 16.54 6.93 13.82
CA SER A 3 16.02 8.29 13.69
C SER A 3 14.81 8.31 12.76
N GLY A 4 15.00 7.77 11.56
CA GLY A 4 13.91 7.74 10.59
C GLY A 4 13.88 8.97 9.71
N SER A 5 13.05 8.95 8.67
CA SER A 5 12.93 10.07 7.75
C SER A 5 11.52 10.65 7.77
N SER A 6 11.30 11.64 8.64
CA SER A 6 10.00 12.27 8.76
C SER A 6 9.71 13.16 7.55
N GLY A 7 8.74 12.75 6.74
CA GLY A 7 8.38 13.51 5.56
C GLY A 7 8.24 12.64 4.33
N ASN A 8 9.30 12.56 3.53
CA ASN A 8 9.29 11.76 2.32
C ASN A 8 9.16 10.27 2.65
N GLY A 9 8.03 9.68 2.27
CA GLY A 9 7.79 8.28 2.54
C GLY A 9 6.36 7.99 2.91
N ALA A 10 5.79 6.95 2.29
CA ALA A 10 4.41 6.57 2.55
C ALA A 10 4.24 5.06 2.50
N ASP A 11 3.59 4.51 3.53
CA ASP A 11 3.37 3.06 3.59
C ASP A 11 1.88 2.75 3.53
N VAL A 12 1.46 2.14 2.42
CA VAL A 12 0.06 1.77 2.22
C VAL A 12 -0.18 0.29 2.51
N GLN A 13 -0.80 0.02 3.65
CA GLN A 13 -1.08 -1.36 4.05
C GLN A 13 -2.18 -1.96 3.18
N VAL A 14 -1.86 -3.07 2.51
CA VAL A 14 -2.82 -3.74 1.65
C VAL A 14 -3.33 -5.02 2.29
N SER A 15 -4.66 -5.19 2.32
CA SER A 15 -5.27 -6.37 2.90
C SER A 15 -6.33 -6.94 1.98
N ASN A 16 -6.79 -8.16 2.29
CA ASN A 16 -7.81 -8.82 1.48
C ASN A 16 -7.36 -8.94 0.02
N ILE A 17 -6.12 -9.40 -0.17
CA ILE A 17 -5.57 -9.57 -1.50
C ILE A 17 -5.96 -10.93 -2.09
N ASP A 18 -6.18 -10.95 -3.40
CA ASP A 18 -6.55 -12.18 -4.09
C ASP A 18 -5.33 -13.05 -4.34
N TYR A 19 -4.90 -13.78 -3.30
CA TYR A 19 -3.75 -14.66 -3.40
C TYR A 19 -3.86 -15.57 -4.62
N ARG A 20 -5.09 -15.89 -5.00
CA ARG A 20 -5.33 -16.76 -6.14
C ARG A 20 -4.48 -16.34 -7.34
N LEU A 21 -4.34 -15.02 -7.52
CA LEU A 21 -3.55 -14.50 -8.62
C LEU A 21 -2.06 -14.68 -8.36
N SER A 22 -1.25 -14.46 -9.40
CA SER A 22 0.20 -14.61 -9.28
C SER A 22 0.82 -13.35 -8.68
N ARG A 23 1.80 -13.54 -7.82
CA ARG A 23 2.49 -12.43 -7.17
C ARG A 23 2.79 -11.32 -8.18
N LYS A 24 3.43 -11.69 -9.28
CA LYS A 24 3.79 -10.73 -10.33
C LYS A 24 2.55 -9.99 -10.82
N GLU A 25 1.43 -10.71 -10.91
CA GLU A 25 0.17 -10.12 -11.37
C GLU A 25 -0.42 -9.21 -10.31
N LEU A 26 -0.03 -9.43 -9.06
CA LEU A 26 -0.53 -8.62 -7.95
C LEU A 26 0.34 -7.37 -7.75
N GLN A 27 1.62 -7.58 -7.51
CA GLN A 27 2.54 -6.47 -7.31
C GLN A 27 2.52 -5.53 -8.50
N GLN A 28 2.17 -6.06 -9.66
CA GLN A 28 2.12 -5.25 -10.88
C GLN A 28 0.80 -4.49 -10.97
N LEU A 29 -0.29 -5.15 -10.59
CA LEU A 29 -1.61 -4.54 -10.62
C LEU A 29 -1.73 -3.43 -9.58
N LEU A 30 -1.48 -3.78 -8.32
CA LEU A 30 -1.55 -2.82 -7.23
C LEU A 30 -0.77 -1.56 -7.57
N GLN A 31 0.43 -1.72 -8.13
CA GLN A 31 1.26 -0.59 -8.50
C GLN A 31 0.56 0.29 -9.52
N GLU A 32 -0.13 -0.34 -10.47
CA GLU A 32 -0.85 0.40 -11.51
C GLU A 32 -1.90 1.32 -10.90
N ALA A 33 -2.76 0.74 -10.05
CA ALA A 33 -3.81 1.50 -9.40
C ALA A 33 -3.24 2.71 -8.66
N PHE A 34 -2.38 2.44 -7.68
CA PHE A 34 -1.76 3.51 -6.90
C PHE A 34 -1.08 4.52 -7.81
N ALA A 35 -0.49 4.04 -8.90
CA ALA A 35 0.19 4.91 -9.84
C ALA A 35 -0.76 5.92 -10.45
N ARG A 36 -1.99 5.49 -10.69
CA ARG A 36 -3.01 6.37 -11.27
C ARG A 36 -3.25 7.59 -10.38
N HIS A 37 -3.01 7.43 -9.09
CA HIS A 37 -3.19 8.52 -8.14
C HIS A 37 -1.97 9.43 -8.10
N GLY A 38 -0.82 8.84 -7.75
CA GLY A 38 0.41 9.61 -7.69
C GLY A 38 1.60 8.87 -8.25
N LYS A 39 2.66 8.76 -7.46
CA LYS A 39 3.86 8.05 -7.89
C LYS A 39 4.21 6.92 -6.92
N VAL A 40 4.06 5.69 -7.39
CA VAL A 40 4.36 4.53 -6.56
C VAL A 40 5.85 4.45 -6.24
N LYS A 41 6.16 4.34 -4.95
CA LYS A 41 7.54 4.25 -4.52
C LYS A 41 8.07 2.82 -4.62
N SER A 42 7.33 1.88 -4.05
CA SER A 42 7.72 0.47 -4.07
C SER A 42 6.53 -0.42 -3.73
N VAL A 43 6.68 -1.72 -3.98
CA VAL A 43 5.63 -2.68 -3.70
C VAL A 43 6.19 -3.93 -3.02
N GLU A 44 5.72 -4.20 -1.81
CA GLU A 44 6.17 -5.36 -1.05
C GLU A 44 5.06 -6.40 -0.94
N LEU A 45 5.46 -7.66 -0.84
CA LEU A 45 4.50 -8.76 -0.73
C LEU A 45 4.80 -9.62 0.49
N SER A 46 3.75 -10.11 1.15
CA SER A 46 3.91 -10.95 2.32
C SER A 46 4.30 -12.37 1.93
N PRO A 47 5.01 -13.06 2.85
CA PRO A 47 5.47 -14.44 2.62
C PRO A 47 4.31 -15.43 2.61
N HIS A 48 3.15 -14.98 3.08
CA HIS A 48 1.96 -15.84 3.13
C HIS A 48 1.49 -16.19 1.73
N THR A 49 1.23 -17.48 1.50
CA THR A 49 0.77 -17.95 0.21
C THR A 49 -0.66 -18.45 0.28
N ASP A 50 -1.45 -17.85 1.17
CA ASP A 50 -2.85 -18.23 1.33
C ASP A 50 -3.74 -17.00 1.48
N TYR A 51 -5.04 -17.22 1.61
CA TYR A 51 -6.00 -16.13 1.76
C TYR A 51 -5.44 -15.05 2.68
N GLN A 52 -4.60 -15.45 3.62
CA GLN A 52 -4.00 -14.51 4.57
C GLN A 52 -2.78 -13.83 3.96
N LEU A 53 -2.88 -13.51 2.67
CA LEU A 53 -1.77 -12.86 1.96
C LEU A 53 -1.93 -11.34 2.00
N LYS A 54 -1.00 -10.67 2.67
CA LYS A 54 -1.04 -9.21 2.77
C LYS A 54 0.09 -8.58 1.96
N ALA A 55 0.12 -7.25 1.94
CA ALA A 55 1.14 -6.52 1.19
C ALA A 55 1.23 -5.08 1.65
N VAL A 56 2.24 -4.36 1.17
CA VAL A 56 2.43 -2.96 1.53
C VAL A 56 2.94 -2.15 0.35
N VAL A 57 2.11 -1.26 -0.16
CA VAL A 57 2.47 -0.41 -1.29
C VAL A 57 3.08 0.90 -0.83
N GLN A 58 4.37 1.07 -1.06
CA GLN A 58 5.08 2.29 -0.67
C GLN A 58 4.87 3.39 -1.71
N MET A 59 4.51 4.58 -1.24
CA MET A 59 4.30 5.71 -2.12
C MET A 59 5.36 6.78 -1.90
N GLU A 60 5.59 7.60 -2.93
CA GLU A 60 6.59 8.66 -2.85
C GLU A 60 6.08 9.82 -2.01
N ASN A 61 4.89 10.31 -2.34
CA ASN A 61 4.29 11.42 -1.61
C ASN A 61 3.35 10.91 -0.52
N LEU A 62 3.36 11.59 0.62
CA LEU A 62 2.50 11.21 1.74
C LEU A 62 1.02 11.40 1.40
N GLN A 63 0.70 12.59 0.88
CA GLN A 63 -0.67 12.89 0.52
C GLN A 63 -1.18 11.94 -0.56
N ASP A 64 -0.39 11.79 -1.62
CA ASP A 64 -0.77 10.91 -2.73
C ASP A 64 -1.32 9.59 -2.20
N ALA A 65 -0.76 9.12 -1.08
CA ALA A 65 -1.20 7.87 -0.48
C ALA A 65 -2.57 8.02 0.16
N ILE A 66 -2.71 9.06 1.00
CA ILE A 66 -3.97 9.32 1.68
C ILE A 66 -5.16 9.04 0.76
N GLY A 67 -5.23 9.78 -0.34
CA GLY A 67 -6.32 9.60 -1.29
C GLY A 67 -6.33 8.22 -1.91
N ALA A 68 -5.17 7.78 -2.39
CA ALA A 68 -5.05 6.47 -3.01
C ALA A 68 -5.68 5.38 -2.14
N VAL A 69 -5.62 5.58 -0.82
CA VAL A 69 -6.19 4.62 0.12
C VAL A 69 -7.70 4.72 0.14
N ASN A 70 -8.22 5.85 0.60
CA ASN A 70 -9.67 6.06 0.67
C ASN A 70 -10.31 5.88 -0.70
N SER A 71 -9.49 5.89 -1.74
CA SER A 71 -9.98 5.74 -3.10
C SER A 71 -9.97 4.27 -3.53
N LEU A 72 -8.78 3.67 -3.50
CA LEU A 72 -8.64 2.26 -3.88
C LEU A 72 -9.34 1.36 -2.88
N HIS A 73 -9.70 1.91 -1.73
CA HIS A 73 -10.38 1.15 -0.69
C HIS A 73 -11.47 0.27 -1.28
N ARG A 74 -11.37 -1.03 -1.03
CA ARG A 74 -12.35 -1.98 -1.54
C ARG A 74 -12.36 -1.99 -3.07
N TYR A 75 -11.18 -1.83 -3.66
CA TYR A 75 -11.05 -1.81 -5.11
C TYR A 75 -11.25 -3.21 -5.70
N LYS A 76 -12.31 -3.36 -6.49
CA LYS A 76 -12.62 -4.65 -7.12
C LYS A 76 -11.40 -5.18 -7.87
N ILE A 77 -10.56 -5.94 -7.17
CA ILE A 77 -9.37 -6.51 -7.78
C ILE A 77 -9.43 -8.03 -7.79
N GLY A 78 -8.69 -8.65 -8.71
CA GLY A 78 -8.68 -10.10 -8.81
C GLY A 78 -10.05 -10.70 -8.52
N SER A 79 -10.12 -11.50 -7.46
CA SER A 79 -11.37 -12.16 -7.09
C SER A 79 -11.80 -11.76 -5.68
N LYS A 80 -11.15 -10.72 -5.15
CA LYS A 80 -11.46 -10.23 -3.81
C LYS A 80 -11.23 -8.73 -3.71
N LYS A 81 -12.09 -8.05 -2.95
CA LYS A 81 -11.98 -6.61 -2.76
C LYS A 81 -10.80 -6.27 -1.86
N ILE A 82 -9.82 -5.57 -2.43
CA ILE A 82 -8.64 -5.17 -1.68
C ILE A 82 -8.97 -4.06 -0.68
N LEU A 83 -8.45 -4.18 0.53
CA LEU A 83 -8.68 -3.19 1.56
C LEU A 83 -7.43 -2.35 1.81
N VAL A 84 -7.45 -1.10 1.36
CA VAL A 84 -6.32 -0.20 1.53
C VAL A 84 -6.40 0.52 2.88
N SER A 85 -5.23 0.76 3.48
CA SER A 85 -5.18 1.44 4.77
C SER A 85 -3.78 1.99 5.01
N LEU A 86 -3.72 3.24 5.49
CA LEU A 86 -2.46 3.90 5.77
C LEU A 86 -1.75 3.24 6.96
N ALA A 87 -0.47 3.56 7.12
CA ALA A 87 0.31 3.01 8.23
C ALA A 87 1.12 4.09 8.93
N THR A 88 1.20 4.01 10.24
CA THR A 88 1.94 4.98 11.03
C THR A 88 3.38 5.10 10.55
N GLY A 89 4.12 6.04 11.13
CA GLY A 89 5.51 6.24 10.75
C GLY A 89 6.14 7.43 11.45
N ALA A 90 6.04 7.45 12.78
CA ALA A 90 6.61 8.53 13.56
C ALA A 90 6.48 8.26 15.06
N SER A 91 7.50 8.63 15.82
CA SER A 91 7.52 8.41 17.26
C SER A 91 7.52 9.74 18.00
N GLY A 92 6.33 10.33 18.17
CA GLY A 92 6.21 11.59 18.87
C GLY A 92 5.32 12.58 18.14
N PRO A 93 4.00 12.46 18.33
CA PRO A 93 3.03 13.34 17.69
C PRO A 93 3.08 14.76 18.24
N SER A 94 3.94 14.98 19.22
CA SER A 94 4.10 16.30 19.83
C SER A 94 4.27 17.38 18.77
N SER A 95 3.62 18.51 18.97
CA SER A 95 3.68 19.62 18.02
C SER A 95 5.11 20.18 17.96
N GLY A 96 5.79 19.89 16.85
CA GLY A 96 7.15 20.37 16.68
C GLY A 96 7.99 19.43 15.83
N GLY A 1 16.94 22.76 18.38
CA GLY A 1 15.59 22.24 18.25
C GLY A 1 15.55 20.77 17.90
N SER A 2 15.00 19.96 18.79
CA SER A 2 14.91 18.52 18.58
C SER A 2 13.68 18.17 17.73
N SER A 3 12.52 18.62 18.18
CA SER A 3 11.28 18.35 17.46
C SER A 3 11.39 18.75 15.99
N GLY A 4 11.71 17.78 15.15
CA GLY A 4 11.84 18.06 13.73
C GLY A 4 11.17 17.00 12.87
N SER A 5 9.96 17.29 12.42
CA SER A 5 9.20 16.37 11.60
C SER A 5 8.73 17.04 10.30
N SER A 6 9.20 16.53 9.17
CA SER A 6 8.83 17.09 7.88
C SER A 6 7.84 16.17 7.16
N GLY A 7 8.26 14.94 6.90
CA GLY A 7 7.40 13.99 6.21
C GLY A 7 7.94 13.57 4.87
N ASN A 8 8.43 12.33 4.78
CA ASN A 8 8.99 11.81 3.55
C ASN A 8 8.70 10.33 3.40
N GLY A 9 7.94 9.97 2.37
CA GLY A 9 7.60 8.58 2.14
C GLY A 9 6.27 8.19 2.76
N ALA A 10 5.66 7.14 2.23
CA ALA A 10 4.37 6.66 2.74
C ALA A 10 4.26 5.15 2.60
N ASP A 11 3.65 4.52 3.60
CA ASP A 11 3.47 3.07 3.60
C ASP A 11 1.99 2.71 3.57
N VAL A 12 1.53 2.23 2.43
CA VAL A 12 0.13 1.84 2.27
C VAL A 12 -0.06 0.35 2.50
N GLN A 13 -0.74 0.01 3.60
CA GLN A 13 -0.99 -1.38 3.96
C GLN A 13 -2.16 -1.93 3.16
N VAL A 14 -1.91 -3.02 2.42
CA VAL A 14 -2.95 -3.66 1.62
C VAL A 14 -3.27 -5.05 2.13
N SER A 15 -4.56 -5.34 2.30
CA SER A 15 -5.00 -6.64 2.78
C SER A 15 -6.14 -7.18 1.94
N ASN A 16 -6.47 -8.46 2.13
CA ASN A 16 -7.55 -9.09 1.39
C ASN A 16 -7.20 -9.21 -0.09
N ILE A 17 -5.95 -9.57 -0.36
CA ILE A 17 -5.48 -9.72 -1.73
C ILE A 17 -5.83 -11.10 -2.28
N ASP A 18 -6.50 -11.12 -3.43
CA ASP A 18 -6.88 -12.37 -4.07
C ASP A 18 -5.66 -13.22 -4.42
N TYR A 19 -5.19 -14.00 -3.46
CA TYR A 19 -4.02 -14.85 -3.67
C TYR A 19 -4.16 -15.66 -4.94
N ARG A 20 -5.41 -15.96 -5.31
CA ARG A 20 -5.68 -16.74 -6.51
C ARG A 20 -4.77 -16.32 -7.65
N LEU A 21 -4.51 -15.02 -7.76
CA LEU A 21 -3.65 -14.49 -8.81
C LEU A 21 -2.18 -14.67 -8.46
N SER A 22 -1.32 -14.55 -9.46
CA SER A 22 0.11 -14.71 -9.26
C SER A 22 0.70 -13.51 -8.50
N ARG A 23 1.56 -13.80 -7.53
CA ARG A 23 2.18 -12.75 -6.73
C ARG A 23 2.82 -11.69 -7.62
N LYS A 24 3.32 -12.12 -8.78
CA LYS A 24 3.95 -11.22 -9.73
C LYS A 24 2.92 -10.31 -10.39
N GLU A 25 1.81 -10.90 -10.82
CA GLU A 25 0.76 -10.15 -11.47
C GLU A 25 0.06 -9.22 -10.48
N LEU A 26 0.14 -9.56 -9.21
CA LEU A 26 -0.48 -8.76 -8.15
C LEU A 26 0.37 -7.53 -7.83
N GLN A 27 1.66 -7.74 -7.63
CA GLN A 27 2.57 -6.66 -7.32
C GLN A 27 2.56 -5.61 -8.42
N GLN A 28 2.51 -6.06 -9.67
CA GLN A 28 2.49 -5.16 -10.81
C GLN A 28 1.17 -4.40 -10.89
N LEU A 29 0.07 -5.13 -10.78
CA LEU A 29 -1.26 -4.54 -10.85
C LEU A 29 -1.42 -3.46 -9.78
N LEU A 30 -1.31 -3.86 -8.52
CA LEU A 30 -1.43 -2.91 -7.41
C LEU A 30 -0.76 -1.58 -7.74
N GLN A 31 0.43 -1.67 -8.32
CA GLN A 31 1.18 -0.47 -8.69
C GLN A 31 0.36 0.42 -9.63
N GLU A 32 -0.23 -0.20 -10.64
CA GLU A 32 -1.04 0.54 -11.62
C GLU A 32 -2.06 1.43 -10.91
N ALA A 33 -2.94 0.80 -10.13
CA ALA A 33 -3.97 1.53 -9.40
C ALA A 33 -3.36 2.69 -8.61
N PHE A 34 -2.49 2.36 -7.66
CA PHE A 34 -1.83 3.37 -6.84
C PHE A 34 -1.13 4.41 -7.70
N ALA A 35 -0.67 3.98 -8.88
CA ALA A 35 0.03 4.87 -9.80
C ALA A 35 -0.93 5.90 -10.39
N ARG A 36 -2.09 5.42 -10.83
CA ARG A 36 -3.09 6.31 -11.43
C ARG A 36 -3.39 7.48 -10.52
N HIS A 37 -3.10 7.32 -9.23
CA HIS A 37 -3.34 8.37 -8.25
C HIS A 37 -2.14 9.31 -8.16
N GLY A 38 -1.06 8.81 -7.59
CA GLY A 38 0.14 9.62 -7.45
C GLY A 38 1.35 8.99 -8.12
N LYS A 39 2.41 8.79 -7.34
CA LYS A 39 3.64 8.20 -7.86
C LYS A 39 4.10 7.04 -6.98
N VAL A 40 3.87 5.82 -7.44
CA VAL A 40 4.27 4.63 -6.70
C VAL A 40 5.77 4.57 -6.51
N LYS A 41 6.20 4.27 -5.28
CA LYS A 41 7.62 4.17 -4.97
C LYS A 41 8.11 2.73 -5.06
N SER A 42 7.46 1.85 -4.31
CA SER A 42 7.83 0.44 -4.30
C SER A 42 6.63 -0.43 -3.92
N VAL A 43 6.75 -1.73 -4.18
CA VAL A 43 5.68 -2.68 -3.85
C VAL A 43 6.23 -3.90 -3.15
N GLU A 44 5.78 -4.14 -1.91
CA GLU A 44 6.22 -5.29 -1.14
C GLU A 44 5.12 -6.32 -1.01
N LEU A 45 5.50 -7.59 -0.95
CA LEU A 45 4.54 -8.68 -0.83
C LEU A 45 4.86 -9.56 0.37
N SER A 46 3.84 -9.96 1.11
CA SER A 46 4.01 -10.80 2.29
C SER A 46 4.24 -12.25 1.89
N PRO A 47 4.91 -13.02 2.76
CA PRO A 47 5.20 -14.43 2.52
C PRO A 47 3.95 -15.30 2.57
N HIS A 48 2.90 -14.78 3.19
CA HIS A 48 1.64 -15.52 3.30
C HIS A 48 1.16 -16.00 1.94
N THR A 49 0.96 -17.31 1.82
CA THR A 49 0.51 -17.91 0.58
C THR A 49 -0.92 -18.41 0.68
N ASP A 50 -1.73 -17.68 1.44
CA ASP A 50 -3.13 -18.05 1.64
C ASP A 50 -4.02 -16.82 1.74
N TYR A 51 -5.31 -17.03 1.94
CA TYR A 51 -6.26 -15.93 2.06
C TYR A 51 -5.66 -14.78 2.88
N GLN A 52 -4.75 -15.13 3.78
CA GLN A 52 -4.11 -14.12 4.63
C GLN A 52 -2.93 -13.47 3.90
N LEU A 53 -3.12 -13.24 2.60
CA LEU A 53 -2.06 -12.62 1.79
C LEU A 53 -2.13 -11.10 1.88
N LYS A 54 -1.13 -10.51 2.52
CA LYS A 54 -1.07 -9.06 2.67
C LYS A 54 0.05 -8.46 1.82
N ALA A 55 0.18 -7.15 1.86
CA ALA A 55 1.21 -6.46 1.10
C ALA A 55 1.31 -4.99 1.52
N VAL A 56 2.37 -4.32 1.05
CA VAL A 56 2.59 -2.92 1.37
C VAL A 56 3.07 -2.14 0.16
N VAL A 57 2.31 -1.12 -0.22
CA VAL A 57 2.65 -0.30 -1.38
C VAL A 57 3.21 1.05 -0.94
N GLN A 58 4.51 1.23 -1.10
CA GLN A 58 5.17 2.48 -0.72
C GLN A 58 4.91 3.57 -1.76
N MET A 59 4.56 4.75 -1.28
CA MET A 59 4.28 5.88 -2.17
C MET A 59 5.34 6.96 -2.02
N GLU A 60 5.46 7.81 -3.04
CA GLU A 60 6.44 8.90 -3.02
C GLU A 60 6.00 10.02 -2.08
N ASN A 61 4.82 10.54 -2.32
CA ASN A 61 4.28 11.62 -1.50
C ASN A 61 3.28 11.09 -0.48
N LEU A 62 3.33 11.63 0.73
CA LEU A 62 2.42 11.20 1.79
C LEU A 62 0.97 11.38 1.38
N GLN A 63 0.59 12.63 1.10
CA GLN A 63 -0.78 12.94 0.69
C GLN A 63 -1.25 11.96 -0.38
N ASP A 64 -0.43 11.76 -1.40
CA ASP A 64 -0.78 10.86 -2.50
C ASP A 64 -1.36 9.56 -1.96
N ALA A 65 -0.80 9.08 -0.85
CA ALA A 65 -1.26 7.84 -0.24
C ALA A 65 -2.63 8.02 0.40
N ILE A 66 -2.77 9.06 1.21
CA ILE A 66 -4.04 9.35 1.88
C ILE A 66 -5.22 9.06 0.96
N GLY A 67 -5.26 9.76 -0.17
CA GLY A 67 -6.35 9.56 -1.12
C GLY A 67 -6.32 8.18 -1.75
N ALA A 68 -5.15 7.77 -2.21
CA ALA A 68 -4.99 6.46 -2.84
C ALA A 68 -5.63 5.37 -1.98
N VAL A 69 -5.60 5.56 -0.67
CA VAL A 69 -6.16 4.58 0.26
C VAL A 69 -7.68 4.64 0.26
N ASN A 70 -8.22 5.80 0.65
CA ASN A 70 -9.66 6.00 0.69
C ASN A 70 -10.28 5.80 -0.69
N SER A 71 -9.45 5.91 -1.73
CA SER A 71 -9.92 5.74 -3.10
C SER A 71 -9.89 4.28 -3.51
N LEU A 72 -8.70 3.68 -3.47
CA LEU A 72 -8.54 2.28 -3.85
C LEU A 72 -9.26 1.37 -2.86
N HIS A 73 -9.58 1.91 -1.69
CA HIS A 73 -10.26 1.14 -0.65
C HIS A 73 -11.28 0.18 -1.28
N ARG A 74 -11.12 -1.11 -0.99
CA ARG A 74 -12.02 -2.13 -1.52
C ARG A 74 -11.97 -2.15 -3.04
N TYR A 75 -10.78 -1.93 -3.59
CA TYR A 75 -10.59 -1.93 -5.04
C TYR A 75 -10.89 -3.31 -5.63
N LYS A 76 -11.94 -3.39 -6.44
CA LYS A 76 -12.33 -4.65 -7.07
C LYS A 76 -11.18 -5.22 -7.88
N ILE A 77 -10.36 -6.05 -7.24
CA ILE A 77 -9.23 -6.68 -7.91
C ILE A 77 -9.41 -8.19 -8.02
N GLY A 78 -8.72 -8.79 -8.98
CA GLY A 78 -8.84 -10.23 -9.18
C GLY A 78 -10.22 -10.75 -8.89
N SER A 79 -10.33 -11.58 -7.85
CA SER A 79 -11.61 -12.15 -7.46
C SER A 79 -11.97 -11.76 -6.03
N LYS A 80 -11.30 -10.73 -5.51
CA LYS A 80 -11.56 -10.26 -4.16
C LYS A 80 -11.28 -8.76 -4.05
N LYS A 81 -11.87 -8.14 -3.04
CA LYS A 81 -11.69 -6.71 -2.82
C LYS A 81 -10.56 -6.44 -1.84
N ILE A 82 -9.61 -5.60 -2.24
CA ILE A 82 -8.47 -5.26 -1.39
C ILE A 82 -8.82 -4.13 -0.44
N LEU A 83 -8.31 -4.21 0.79
CA LEU A 83 -8.57 -3.19 1.80
C LEU A 83 -7.32 -2.36 2.05
N VAL A 84 -7.35 -1.10 1.62
CA VAL A 84 -6.23 -0.19 1.81
C VAL A 84 -6.31 0.54 3.14
N SER A 85 -5.16 0.79 3.74
CA SER A 85 -5.10 1.48 5.03
C SER A 85 -3.70 2.04 5.29
N LEU A 86 -3.65 3.30 5.69
CA LEU A 86 -2.38 3.97 5.96
C LEU A 86 -1.67 3.31 7.14
N ALA A 87 -0.36 3.53 7.25
CA ALA A 87 0.43 2.97 8.33
C ALA A 87 1.23 4.05 9.04
N THR A 88 1.20 4.02 10.37
CA THR A 88 1.92 5.00 11.17
C THR A 88 3.38 5.10 10.74
N GLY A 89 3.83 6.33 10.48
CA GLY A 89 5.20 6.54 10.05
C GLY A 89 5.95 7.48 10.97
N ALA A 90 5.45 8.71 11.10
CA ALA A 90 6.08 9.70 11.96
C ALA A 90 5.09 10.79 12.35
N SER A 91 5.06 11.12 13.64
CA SER A 91 4.14 12.14 14.14
C SER A 91 4.84 13.00 15.21
N GLY A 92 4.42 14.25 15.30
CA GLY A 92 5.01 15.16 16.27
C GLY A 92 3.99 15.67 17.27
N PRO A 93 4.47 16.11 18.44
CA PRO A 93 3.62 16.64 19.50
C PRO A 93 3.01 17.98 19.15
N SER A 94 3.80 18.83 18.50
CA SER A 94 3.33 20.15 18.10
C SER A 94 4.27 20.76 17.05
N SER A 95 3.69 21.25 15.96
CA SER A 95 4.47 21.85 14.89
C SER A 95 4.97 23.23 15.29
N GLY A 96 6.29 23.35 15.46
CA GLY A 96 6.87 24.63 15.86
C GLY A 96 6.93 24.80 17.36
N GLY A 1 0.98 15.93 17.91
CA GLY A 1 1.91 16.27 18.96
C GLY A 1 3.19 16.87 18.44
N SER A 2 4.12 17.18 19.33
CA SER A 2 5.40 17.78 18.95
C SER A 2 6.33 16.73 18.34
N SER A 3 7.04 17.11 17.30
CA SER A 3 7.97 16.20 16.62
C SER A 3 8.79 16.94 15.57
N GLY A 4 10.10 16.75 15.61
CA GLY A 4 10.97 17.39 14.64
C GLY A 4 10.60 17.08 13.21
N SER A 5 10.90 17.99 12.30
CA SER A 5 10.59 17.80 10.89
C SER A 5 11.40 16.65 10.30
N SER A 6 10.71 15.62 9.81
CA SER A 6 11.36 14.46 9.23
C SER A 6 10.51 13.87 8.11
N GLY A 7 11.16 13.09 7.25
CA GLY A 7 10.44 12.48 6.14
C GLY A 7 11.04 11.15 5.73
N ASN A 8 10.27 10.08 5.85
CA ASN A 8 10.72 8.74 5.49
C ASN A 8 10.04 8.25 4.22
N GLY A 9 8.72 8.34 4.19
CA GLY A 9 7.97 7.90 3.03
C GLY A 9 6.53 7.55 3.37
N ALA A 10 5.82 6.98 2.39
CA ALA A 10 4.43 6.60 2.59
C ALA A 10 4.25 5.10 2.47
N ASP A 11 3.79 4.47 3.56
CA ASP A 11 3.58 3.03 3.57
C ASP A 11 2.09 2.70 3.52
N VAL A 12 1.63 2.17 2.38
CA VAL A 12 0.24 1.82 2.21
C VAL A 12 0.02 0.33 2.44
N GLN A 13 -0.63 0.00 3.55
CA GLN A 13 -0.91 -1.39 3.89
C GLN A 13 -2.07 -1.94 3.07
N VAL A 14 -1.81 -3.00 2.33
CA VAL A 14 -2.83 -3.61 1.49
C VAL A 14 -3.18 -5.01 1.99
N SER A 15 -4.45 -5.22 2.31
CA SER A 15 -4.93 -6.51 2.81
C SER A 15 -6.08 -7.03 1.96
N ASN A 16 -6.43 -8.30 2.16
CA ASN A 16 -7.51 -8.92 1.42
C ASN A 16 -7.14 -9.09 -0.05
N ILE A 17 -5.89 -9.49 -0.30
CA ILE A 17 -5.41 -9.70 -1.65
C ILE A 17 -5.74 -11.10 -2.14
N ASP A 18 -6.39 -11.19 -3.30
CA ASP A 18 -6.75 -12.47 -3.88
C ASP A 18 -5.51 -13.29 -4.22
N TYR A 19 -5.08 -14.12 -3.28
CA TYR A 19 -3.90 -14.95 -3.48
C TYR A 19 -3.96 -15.68 -4.82
N ARG A 20 -5.15 -16.15 -5.17
CA ARG A 20 -5.34 -16.86 -6.44
C ARG A 20 -4.45 -16.27 -7.53
N LEU A 21 -4.39 -14.94 -7.59
CA LEU A 21 -3.56 -14.27 -8.59
C LEU A 21 -2.08 -14.46 -8.30
N SER A 22 -1.28 -14.51 -9.36
CA SER A 22 0.16 -14.69 -9.22
C SER A 22 0.81 -13.44 -8.63
N ARG A 23 1.77 -13.64 -7.75
CA ARG A 23 2.48 -12.54 -7.11
C ARG A 23 2.86 -11.48 -8.13
N LYS A 24 3.58 -11.89 -9.16
CA LYS A 24 4.01 -10.98 -10.21
C LYS A 24 2.83 -10.20 -10.78
N GLU A 25 1.66 -10.83 -10.77
CA GLU A 25 0.45 -10.19 -11.28
C GLU A 25 -0.21 -9.32 -10.20
N LEU A 26 0.15 -9.57 -8.96
CA LEU A 26 -0.40 -8.82 -7.83
C LEU A 26 0.40 -7.55 -7.59
N GLN A 27 1.72 -7.68 -7.51
CA GLN A 27 2.61 -6.55 -7.29
C GLN A 27 2.59 -5.60 -8.48
N GLN A 28 2.09 -6.09 -9.61
CA GLN A 28 2.02 -5.28 -10.83
C GLN A 28 0.70 -4.54 -10.90
N LEU A 29 -0.40 -5.25 -10.66
CA LEU A 29 -1.72 -4.66 -10.72
C LEU A 29 -1.87 -3.55 -9.67
N LEU A 30 -1.43 -3.84 -8.45
CA LEU A 30 -1.50 -2.86 -7.36
C LEU A 30 -0.76 -1.58 -7.73
N GLN A 31 0.47 -1.74 -8.21
CA GLN A 31 1.29 -0.60 -8.60
C GLN A 31 0.57 0.27 -9.62
N GLU A 32 -0.20 -0.37 -10.49
CA GLU A 32 -0.95 0.34 -11.51
C GLU A 32 -2.03 1.23 -10.89
N ALA A 33 -2.89 0.62 -10.08
CA ALA A 33 -3.96 1.36 -9.41
C ALA A 33 -3.41 2.53 -8.62
N PHE A 34 -2.49 2.26 -7.70
CA PHE A 34 -1.89 3.29 -6.88
C PHE A 34 -1.18 4.33 -7.74
N ALA A 35 -0.72 3.91 -8.91
CA ALA A 35 -0.03 4.80 -9.83
C ALA A 35 -0.99 5.82 -10.43
N ARG A 36 -2.22 5.40 -10.69
CA ARG A 36 -3.22 6.28 -11.26
C ARG A 36 -3.47 7.49 -10.35
N HIS A 37 -3.22 7.32 -9.06
CA HIS A 37 -3.41 8.39 -8.09
C HIS A 37 -2.17 9.28 -8.03
N GLY A 38 -1.06 8.72 -7.54
CA GLY A 38 0.17 9.48 -7.43
C GLY A 38 1.33 8.80 -8.11
N LYS A 39 2.42 8.60 -7.37
CA LYS A 39 3.61 7.95 -7.91
C LYS A 39 4.07 6.82 -7.00
N VAL A 40 3.91 5.58 -7.48
CA VAL A 40 4.30 4.41 -6.71
C VAL A 40 5.80 4.42 -6.43
N LYS A 41 6.15 4.29 -5.15
CA LYS A 41 7.54 4.29 -4.74
C LYS A 41 8.10 2.87 -4.71
N SER A 42 7.36 1.97 -4.09
CA SER A 42 7.77 0.56 -4.00
C SER A 42 6.58 -0.34 -3.72
N VAL A 43 6.78 -1.64 -3.92
CA VAL A 43 5.72 -2.62 -3.68
C VAL A 43 6.28 -3.90 -3.08
N GLU A 44 5.83 -4.21 -1.87
CA GLU A 44 6.29 -5.41 -1.18
C GLU A 44 5.15 -6.41 -1.00
N LEU A 45 5.47 -7.69 -1.05
CA LEU A 45 4.48 -8.75 -0.90
C LEU A 45 4.76 -9.58 0.34
N SER A 46 3.69 -9.96 1.05
CA SER A 46 3.81 -10.76 2.25
C SER A 46 4.14 -12.22 1.91
N PRO A 47 4.87 -12.89 2.82
CA PRO A 47 5.25 -14.29 2.63
C PRO A 47 4.07 -15.25 2.72
N HIS A 48 2.89 -14.69 3.03
CA HIS A 48 1.68 -15.50 3.15
C HIS A 48 1.12 -15.84 1.78
N THR A 49 1.04 -17.14 1.49
CA THR A 49 0.52 -17.60 0.20
C THR A 49 -0.90 -18.14 0.34
N ASP A 50 -1.70 -17.47 1.17
CA ASP A 50 -3.09 -17.87 1.38
C ASP A 50 -3.97 -16.66 1.65
N TYR A 51 -5.25 -16.91 1.89
CA TYR A 51 -6.21 -15.84 2.14
C TYR A 51 -5.57 -14.73 2.97
N GLN A 52 -4.61 -15.10 3.81
CA GLN A 52 -3.92 -14.14 4.65
C GLN A 52 -2.77 -13.47 3.89
N LEU A 53 -2.98 -13.24 2.60
CA LEU A 53 -1.97 -12.61 1.76
C LEU A 53 -2.10 -11.09 1.79
N LYS A 54 -1.10 -10.43 2.38
CA LYS A 54 -1.10 -8.98 2.48
C LYS A 54 0.06 -8.37 1.69
N ALA A 55 0.21 -7.06 1.78
CA ALA A 55 1.29 -6.36 1.09
C ALA A 55 1.41 -4.92 1.55
N VAL A 56 2.44 -4.23 1.08
CA VAL A 56 2.67 -2.84 1.46
C VAL A 56 3.14 -2.02 0.27
N VAL A 57 2.24 -1.19 -0.26
CA VAL A 57 2.56 -0.35 -1.40
C VAL A 57 3.14 0.99 -0.96
N GLN A 58 4.44 1.17 -1.19
CA GLN A 58 5.12 2.40 -0.81
C GLN A 58 4.85 3.51 -1.83
N MET A 59 4.63 4.72 -1.34
CA MET A 59 4.36 5.86 -2.22
C MET A 59 5.43 6.94 -2.03
N GLU A 60 5.53 7.83 -3.01
CA GLU A 60 6.51 8.91 -2.96
C GLU A 60 6.04 10.01 -2.01
N ASN A 61 4.89 10.60 -2.31
CA ASN A 61 4.34 11.66 -1.48
C ASN A 61 3.36 11.10 -0.45
N LEU A 62 3.35 11.70 0.73
CA LEU A 62 2.47 11.27 1.80
C LEU A 62 1.01 11.42 1.40
N GLN A 63 0.62 12.65 1.06
CA GLN A 63 -0.75 12.93 0.64
C GLN A 63 -1.21 11.95 -0.43
N ASP A 64 -0.41 11.82 -1.49
CA ASP A 64 -0.74 10.91 -2.59
C ASP A 64 -1.28 9.59 -2.06
N ALA A 65 -0.72 9.14 -0.94
CA ALA A 65 -1.15 7.89 -0.33
C ALA A 65 -2.52 8.03 0.32
N ILE A 66 -2.65 9.03 1.18
CA ILE A 66 -3.91 9.28 1.88
C ILE A 66 -5.10 9.03 0.96
N GLY A 67 -5.14 9.75 -0.16
CA GLY A 67 -6.23 9.59 -1.10
C GLY A 67 -6.23 8.22 -1.75
N ALA A 68 -5.07 7.77 -2.19
CA ALA A 68 -4.94 6.47 -2.82
C ALA A 68 -5.62 5.37 -2.00
N VAL A 69 -5.57 5.53 -0.68
CA VAL A 69 -6.19 4.56 0.22
C VAL A 69 -7.71 4.68 0.20
N ASN A 70 -8.22 5.80 0.70
CA ASN A 70 -9.65 6.03 0.73
C ASN A 70 -10.27 5.88 -0.65
N SER A 71 -9.43 5.93 -1.68
CA SER A 71 -9.89 5.80 -3.05
C SER A 71 -9.86 4.34 -3.50
N LEU A 72 -8.68 3.74 -3.47
CA LEU A 72 -8.52 2.34 -3.87
C LEU A 72 -9.25 1.42 -2.91
N HIS A 73 -9.60 1.93 -1.74
CA HIS A 73 -10.31 1.15 -0.73
C HIS A 73 -11.36 0.26 -1.38
N ARG A 74 -11.21 -1.05 -1.19
CA ARG A 74 -12.15 -2.01 -1.76
C ARG A 74 -12.06 -2.03 -3.28
N TYR A 75 -10.83 -1.90 -3.79
CA TYR A 75 -10.60 -1.90 -5.23
C TYR A 75 -10.89 -3.27 -5.83
N LYS A 76 -11.94 -3.36 -6.63
CA LYS A 76 -12.32 -4.61 -7.27
C LYS A 76 -11.13 -5.24 -7.98
N ILE A 77 -10.42 -6.12 -7.28
CA ILE A 77 -9.26 -6.80 -7.83
C ILE A 77 -9.46 -8.32 -7.84
N GLY A 78 -8.73 -9.00 -8.73
CA GLY A 78 -8.84 -10.44 -8.80
C GLY A 78 -10.25 -10.93 -8.58
N SER A 79 -10.46 -11.67 -7.50
CA SER A 79 -11.77 -12.21 -7.17
C SER A 79 -12.28 -11.66 -5.85
N LYS A 80 -11.50 -10.76 -5.25
CA LYS A 80 -11.86 -10.15 -3.98
C LYS A 80 -11.51 -8.67 -3.97
N LYS A 81 -12.20 -7.91 -3.12
CA LYS A 81 -11.96 -6.48 -3.01
C LYS A 81 -10.86 -6.18 -1.99
N ILE A 82 -9.74 -5.67 -2.48
CA ILE A 82 -8.61 -5.34 -1.62
C ILE A 82 -8.96 -4.19 -0.68
N LEU A 83 -8.35 -4.21 0.50
CA LEU A 83 -8.60 -3.17 1.50
C LEU A 83 -7.32 -2.36 1.76
N VAL A 84 -7.34 -1.10 1.35
CA VAL A 84 -6.19 -0.22 1.55
C VAL A 84 -6.24 0.45 2.92
N SER A 85 -5.06 0.75 3.47
CA SER A 85 -4.97 1.39 4.78
C SER A 85 -3.58 1.98 5.00
N LEU A 86 -3.54 3.12 5.67
CA LEU A 86 -2.27 3.80 5.95
C LEU A 86 -1.57 3.16 7.14
N ALA A 87 -0.27 3.42 7.27
CA ALA A 87 0.52 2.88 8.37
C ALA A 87 1.23 3.99 9.14
N THR A 88 0.94 4.08 10.43
CA THR A 88 1.55 5.10 11.29
C THR A 88 2.15 4.48 12.54
N GLY A 89 3.38 4.87 12.87
CA GLY A 89 4.04 4.35 14.05
C GLY A 89 5.54 4.20 13.86
N ALA A 90 6.28 5.25 14.17
CA ALA A 90 7.73 5.22 14.03
C ALA A 90 8.42 5.41 15.37
N SER A 91 7.95 6.39 16.15
CA SER A 91 8.52 6.67 17.45
C SER A 91 7.52 7.39 18.34
N GLY A 92 7.10 6.74 19.43
CA GLY A 92 6.14 7.34 20.34
C GLY A 92 6.27 6.79 21.75
N PRO A 93 7.20 7.35 22.52
CA PRO A 93 7.43 6.93 23.91
C PRO A 93 6.29 7.31 24.84
N SER A 94 6.43 6.99 26.12
CA SER A 94 5.41 7.30 27.11
C SER A 94 5.26 8.82 27.28
N SER A 95 4.04 9.31 27.10
CA SER A 95 3.76 10.73 27.23
C SER A 95 2.92 11.01 28.46
N GLY A 96 3.57 11.07 29.63
CA GLY A 96 2.86 11.33 30.86
C GLY A 96 1.66 10.41 31.05
N GLY A 1 19.25 26.41 2.62
CA GLY A 1 18.87 25.13 2.06
C GLY A 1 18.86 24.03 3.09
N SER A 2 17.89 23.13 2.99
CA SER A 2 17.77 22.03 3.93
C SER A 2 19.02 21.17 3.92
N SER A 3 19.25 20.45 5.03
CA SER A 3 20.43 19.59 5.15
C SER A 3 20.01 18.13 5.27
N GLY A 4 19.27 17.81 6.32
CA GLY A 4 18.83 16.45 6.53
C GLY A 4 17.88 15.97 5.46
N SER A 5 18.42 15.59 4.31
CA SER A 5 17.61 15.11 3.20
C SER A 5 16.55 14.14 3.67
N SER A 6 15.32 14.63 3.83
CA SER A 6 14.21 13.81 4.28
C SER A 6 12.88 14.51 4.06
N GLY A 7 11.90 13.76 3.57
CA GLY A 7 10.58 14.32 3.32
C GLY A 7 9.59 13.29 2.81
N ASN A 8 10.02 12.49 1.84
CA ASN A 8 9.16 11.46 1.27
C ASN A 8 9.15 10.22 2.15
N GLY A 9 8.02 9.51 2.14
CA GLY A 9 7.90 8.30 2.94
C GLY A 9 6.45 7.99 3.29
N ALA A 10 5.84 7.10 2.49
CA ALA A 10 4.46 6.72 2.72
C ALA A 10 4.27 5.22 2.53
N ASP A 11 3.79 4.55 3.58
CA ASP A 11 3.57 3.10 3.53
C ASP A 11 2.08 2.79 3.53
N VAL A 12 1.61 2.18 2.44
CA VAL A 12 0.20 1.82 2.32
C VAL A 12 -0.02 0.33 2.58
N GLN A 13 -0.65 0.02 3.70
CA GLN A 13 -0.91 -1.37 4.07
C GLN A 13 -2.03 -1.95 3.22
N VAL A 14 -1.74 -3.06 2.56
CA VAL A 14 -2.73 -3.72 1.70
C VAL A 14 -3.17 -5.05 2.31
N SER A 15 -4.49 -5.27 2.36
CA SER A 15 -5.04 -6.49 2.91
C SER A 15 -6.19 -7.01 2.06
N ASN A 16 -6.61 -8.24 2.32
CA ASN A 16 -7.70 -8.85 1.57
C ASN A 16 -7.28 -9.12 0.12
N ILE A 17 -5.98 -9.30 -0.09
CA ILE A 17 -5.45 -9.57 -1.41
C ILE A 17 -5.95 -10.91 -1.95
N ASP A 18 -6.06 -11.00 -3.27
CA ASP A 18 -6.54 -12.23 -3.91
C ASP A 18 -5.36 -13.18 -4.19
N TYR A 19 -5.06 -14.04 -3.24
CA TYR A 19 -3.97 -15.00 -3.39
C TYR A 19 -4.01 -15.66 -4.76
N ARG A 20 -5.21 -15.97 -5.22
CA ARG A 20 -5.40 -16.61 -6.52
C ARG A 20 -4.38 -16.09 -7.53
N LEU A 21 -4.38 -14.77 -7.74
CA LEU A 21 -3.46 -14.15 -8.67
C LEU A 21 -2.01 -14.34 -8.24
N SER A 22 -1.12 -14.45 -9.20
CA SER A 22 0.31 -14.63 -8.92
C SER A 22 0.91 -13.37 -8.31
N ARG A 23 1.89 -13.55 -7.43
CA ARG A 23 2.55 -12.42 -6.78
C ARG A 23 2.85 -11.31 -7.79
N LYS A 24 3.57 -11.66 -8.84
CA LYS A 24 3.92 -10.70 -9.88
C LYS A 24 2.68 -9.96 -10.38
N GLU A 25 1.66 -10.72 -10.77
CA GLU A 25 0.42 -10.14 -11.27
C GLU A 25 -0.11 -9.09 -10.30
N LEU A 26 -0.09 -9.41 -9.01
CA LEU A 26 -0.57 -8.50 -7.98
C LEU A 26 0.36 -7.30 -7.84
N GLN A 27 1.65 -7.54 -7.91
CA GLN A 27 2.64 -6.48 -7.79
C GLN A 27 2.36 -5.37 -8.80
N GLN A 28 2.39 -5.71 -10.09
CA GLN A 28 2.15 -4.73 -11.14
C GLN A 28 0.78 -4.08 -10.96
N LEU A 29 -0.24 -4.91 -10.79
CA LEU A 29 -1.60 -4.41 -10.61
C LEU A 29 -1.66 -3.32 -9.55
N LEU A 30 -1.32 -3.68 -8.31
CA LEU A 30 -1.33 -2.74 -7.20
C LEU A 30 -0.61 -1.45 -7.60
N GLN A 31 0.60 -1.58 -8.12
CA GLN A 31 1.39 -0.42 -8.53
C GLN A 31 0.61 0.44 -9.52
N GLU A 32 -0.05 -0.22 -10.47
CA GLU A 32 -0.84 0.48 -11.49
C GLU A 32 -1.92 1.33 -10.85
N ALA A 33 -2.72 0.70 -9.98
CA ALA A 33 -3.80 1.41 -9.30
C ALA A 33 -3.28 2.61 -8.52
N PHE A 34 -2.40 2.33 -7.56
CA PHE A 34 -1.83 3.39 -6.73
C PHE A 34 -1.13 4.44 -7.59
N ALA A 35 -0.69 4.03 -8.78
CA ALA A 35 -0.01 4.92 -9.71
C ALA A 35 -1.00 5.94 -10.30
N ARG A 36 -2.19 5.46 -10.63
CA ARG A 36 -3.22 6.32 -11.21
C ARG A 36 -3.49 7.53 -10.31
N HIS A 37 -3.26 7.35 -9.02
CA HIS A 37 -3.48 8.42 -8.05
C HIS A 37 -2.25 9.33 -7.95
N GLY A 38 -1.14 8.75 -7.49
CA GLY A 38 0.09 9.53 -7.36
C GLY A 38 1.26 8.85 -8.03
N LYS A 39 2.36 8.70 -7.28
CA LYS A 39 3.56 8.07 -7.80
C LYS A 39 4.03 6.94 -6.88
N VAL A 40 3.87 5.71 -7.34
CA VAL A 40 4.27 4.54 -6.57
C VAL A 40 5.77 4.57 -6.27
N LYS A 41 6.12 4.29 -5.02
CA LYS A 41 7.52 4.29 -4.61
C LYS A 41 8.09 2.87 -4.66
N SER A 42 7.46 1.95 -3.94
CA SER A 42 7.90 0.57 -3.90
C SER A 42 6.74 -0.37 -3.62
N VAL A 43 6.90 -1.64 -4.01
CA VAL A 43 5.86 -2.64 -3.81
C VAL A 43 6.44 -3.92 -3.21
N GLU A 44 5.88 -4.35 -2.10
CA GLU A 44 6.34 -5.57 -1.43
C GLU A 44 5.15 -6.47 -1.07
N LEU A 45 5.37 -7.77 -1.15
CA LEU A 45 4.33 -8.76 -0.84
C LEU A 45 4.75 -9.64 0.33
N SER A 46 3.77 -10.11 1.10
CA SER A 46 4.04 -10.96 2.24
C SER A 46 4.25 -12.41 1.80
N PRO A 47 4.89 -13.20 2.66
CA PRO A 47 5.17 -14.62 2.39
C PRO A 47 3.91 -15.47 2.40
N HIS A 48 2.87 -14.97 3.08
CA HIS A 48 1.61 -15.69 3.16
C HIS A 48 1.15 -16.17 1.78
N THR A 49 0.73 -17.43 1.69
CA THR A 49 0.28 -18.00 0.44
C THR A 49 -1.17 -18.45 0.53
N ASP A 50 -1.99 -17.66 1.22
CA ASP A 50 -3.40 -17.98 1.38
C ASP A 50 -4.21 -16.73 1.69
N TYR A 51 -5.50 -16.90 1.93
CA TYR A 51 -6.38 -15.78 2.24
C TYR A 51 -5.66 -14.72 3.06
N GLN A 52 -4.73 -15.18 3.90
CA GLN A 52 -3.96 -14.28 4.75
C GLN A 52 -2.80 -13.66 3.99
N LEU A 53 -3.05 -13.30 2.73
CA LEU A 53 -2.02 -12.70 1.89
C LEU A 53 -2.12 -11.18 1.92
N LYS A 54 -1.13 -10.54 2.53
CA LYS A 54 -1.10 -9.09 2.62
C LYS A 54 0.07 -8.51 1.83
N ALA A 55 0.19 -7.19 1.83
CA ALA A 55 1.26 -6.52 1.12
C ALA A 55 1.39 -5.07 1.56
N VAL A 56 2.46 -4.41 1.12
CA VAL A 56 2.71 -3.01 1.48
C VAL A 56 3.16 -2.22 0.26
N VAL A 57 2.31 -1.29 -0.18
CA VAL A 57 2.63 -0.46 -1.34
C VAL A 57 3.12 0.92 -0.90
N GLN A 58 4.42 1.14 -1.03
CA GLN A 58 5.01 2.42 -0.65
C GLN A 58 4.77 3.48 -1.72
N MET A 59 4.48 4.70 -1.29
CA MET A 59 4.23 5.80 -2.21
C MET A 59 5.27 6.90 -2.04
N GLU A 60 5.51 7.65 -3.11
CA GLU A 60 6.49 8.74 -3.08
C GLU A 60 6.02 9.86 -2.16
N ASN A 61 4.84 10.39 -2.45
CA ASN A 61 4.28 11.48 -1.64
C ASN A 61 3.32 10.93 -0.59
N LEU A 62 3.37 11.49 0.61
CA LEU A 62 2.51 11.05 1.70
C LEU A 62 1.04 11.27 1.35
N GLN A 63 0.69 12.50 0.99
CA GLN A 63 -0.68 12.84 0.62
C GLN A 63 -1.19 11.91 -0.48
N ASP A 64 -0.36 11.70 -1.50
CA ASP A 64 -0.73 10.84 -2.62
C ASP A 64 -1.34 9.53 -2.12
N ALA A 65 -0.77 8.99 -1.05
CA ALA A 65 -1.26 7.75 -0.47
C ALA A 65 -2.62 7.94 0.18
N ILE A 66 -2.74 8.99 0.99
CA ILE A 66 -4.00 9.28 1.68
C ILE A 66 -5.20 8.98 0.78
N GLY A 67 -5.33 9.73 -0.30
CA GLY A 67 -6.43 9.53 -1.22
C GLY A 67 -6.42 8.15 -1.85
N ALA A 68 -5.26 7.76 -2.38
CA ALA A 68 -5.13 6.45 -3.01
C ALA A 68 -5.72 5.35 -2.14
N VAL A 69 -5.62 5.53 -0.82
CA VAL A 69 -6.15 4.55 0.12
C VAL A 69 -7.67 4.63 0.19
N ASN A 70 -8.19 5.79 0.60
CA ASN A 70 -9.63 5.98 0.71
C ASN A 70 -10.30 5.83 -0.65
N SER A 71 -9.50 5.83 -1.70
CA SER A 71 -10.02 5.69 -3.06
C SER A 71 -9.98 4.23 -3.51
N LEU A 72 -8.77 3.66 -3.55
CA LEU A 72 -8.60 2.27 -3.95
C LEU A 72 -9.28 1.32 -2.98
N HIS A 73 -9.64 1.85 -1.81
CA HIS A 73 -10.29 1.03 -0.79
C HIS A 73 -11.35 0.13 -1.41
N ARG A 74 -11.21 -1.18 -1.17
CA ARG A 74 -12.14 -2.16 -1.72
C ARG A 74 -12.09 -2.17 -3.25
N TYR A 75 -10.91 -1.98 -3.80
CA TYR A 75 -10.72 -1.96 -5.25
C TYR A 75 -10.96 -3.36 -5.84
N LYS A 76 -12.06 -3.50 -6.57
CA LYS A 76 -12.41 -4.77 -7.19
C LYS A 76 -11.22 -5.35 -7.94
N ILE A 77 -10.47 -6.22 -7.27
CA ILE A 77 -9.30 -6.85 -7.87
C ILE A 77 -9.47 -8.37 -7.93
N GLY A 78 -8.69 -9.00 -8.80
CA GLY A 78 -8.76 -10.45 -8.94
C GLY A 78 -10.17 -10.99 -8.71
N SER A 79 -10.35 -11.72 -7.63
CA SER A 79 -11.66 -12.29 -7.30
C SER A 79 -12.17 -11.77 -5.96
N LYS A 80 -11.38 -10.90 -5.33
CA LYS A 80 -11.75 -10.32 -4.06
C LYS A 80 -11.45 -8.83 -4.03
N LYS A 81 -12.08 -8.11 -3.10
CA LYS A 81 -11.88 -6.67 -2.97
C LYS A 81 -10.74 -6.38 -2.00
N ILE A 82 -9.74 -5.64 -2.47
CA ILE A 82 -8.60 -5.27 -1.65
C ILE A 82 -8.93 -4.12 -0.72
N LEU A 83 -8.38 -4.16 0.49
CA LEU A 83 -8.63 -3.12 1.48
C LEU A 83 -7.34 -2.34 1.76
N VAL A 84 -7.32 -1.09 1.31
CA VAL A 84 -6.15 -0.23 1.52
C VAL A 84 -6.23 0.49 2.85
N SER A 85 -5.07 0.76 3.44
CA SER A 85 -5.00 1.44 4.73
C SER A 85 -3.63 2.05 4.96
N LEU A 86 -3.61 3.29 5.45
CA LEU A 86 -2.36 3.99 5.71
C LEU A 86 -1.63 3.37 6.91
N ALA A 87 -0.35 3.70 7.05
CA ALA A 87 0.46 3.19 8.15
C ALA A 87 1.15 4.32 8.90
N THR A 88 1.55 4.04 10.14
CA THR A 88 2.22 5.04 10.96
C THR A 88 3.69 4.70 11.15
N GLY A 89 4.56 5.71 11.02
CA GLY A 89 5.98 5.49 11.17
C GLY A 89 6.57 6.32 12.29
N ALA A 90 6.47 5.83 13.52
CA ALA A 90 7.00 6.53 14.68
C ALA A 90 8.51 6.40 14.76
N SER A 91 9.20 7.53 14.93
CA SER A 91 10.65 7.53 15.02
C SER A 91 11.12 8.16 16.34
N GLY A 92 12.32 7.81 16.77
CA GLY A 92 12.86 8.35 18.00
C GLY A 92 12.20 7.76 19.23
N PRO A 93 12.99 7.60 20.31
CA PRO A 93 12.49 7.04 21.57
C PRO A 93 11.53 7.99 22.29
N SER A 94 11.95 9.24 22.43
CA SER A 94 11.12 10.24 23.10
C SER A 94 11.34 11.62 22.49
N SER A 95 10.62 12.61 23.00
CA SER A 95 10.73 13.98 22.50
C SER A 95 12.04 14.61 22.96
N GLY A 96 12.55 15.55 22.16
CA GLY A 96 13.79 16.22 22.50
C GLY A 96 14.97 15.68 21.71
N GLY A 1 1.35 26.61 10.15
CA GLY A 1 2.06 25.78 11.10
C GLY A 1 3.52 26.16 11.23
N SER A 2 4.18 25.64 12.26
CA SER A 2 5.59 25.94 12.49
C SER A 2 6.42 24.66 12.51
N SER A 3 5.92 23.65 13.21
CA SER A 3 6.62 22.37 13.32
C SER A 3 6.20 21.44 12.19
N GLY A 4 6.81 21.62 11.02
CA GLY A 4 6.49 20.79 9.87
C GLY A 4 6.49 19.31 10.22
N SER A 5 5.42 18.62 9.85
CA SER A 5 5.30 17.19 10.12
C SER A 5 6.18 16.38 9.17
N SER A 6 7.41 16.11 9.61
CA SER A 6 8.35 15.35 8.80
C SER A 6 7.65 14.20 8.09
N GLY A 7 8.15 13.84 6.92
CA GLY A 7 7.56 12.75 6.15
C GLY A 7 8.59 11.72 5.70
N ASN A 8 8.73 10.65 6.48
CA ASN A 8 9.68 9.60 6.16
C ASN A 8 9.09 8.62 5.15
N GLY A 9 8.40 9.15 4.15
CA GLY A 9 7.79 8.31 3.14
C GLY A 9 6.32 8.07 3.39
N ALA A 10 5.73 7.16 2.62
CA ALA A 10 4.31 6.84 2.76
C ALA A 10 4.06 5.36 2.54
N ASP A 11 3.68 4.66 3.61
CA ASP A 11 3.41 3.23 3.54
C ASP A 11 1.90 2.96 3.52
N VAL A 12 1.46 2.20 2.53
CA VAL A 12 0.04 1.86 2.40
C VAL A 12 -0.19 0.37 2.64
N GLN A 13 -0.79 0.06 3.79
CA GLN A 13 -1.07 -1.33 4.14
C GLN A 13 -2.23 -1.87 3.30
N VAL A 14 -1.97 -2.95 2.57
CA VAL A 14 -2.99 -3.57 1.73
C VAL A 14 -3.29 -4.99 2.19
N SER A 15 -4.54 -5.26 2.51
CA SER A 15 -4.96 -6.58 2.96
C SER A 15 -6.12 -7.11 2.11
N ASN A 16 -6.42 -8.39 2.27
CA ASN A 16 -7.51 -9.02 1.52
C ASN A 16 -7.16 -9.13 0.05
N ILE A 17 -5.91 -9.44 -0.24
CA ILE A 17 -5.45 -9.59 -1.61
C ILE A 17 -5.61 -11.02 -2.11
N ASP A 18 -6.33 -11.17 -3.22
CA ASP A 18 -6.57 -12.49 -3.79
C ASP A 18 -5.25 -13.22 -4.04
N TYR A 19 -5.01 -14.26 -3.24
CA TYR A 19 -3.78 -15.04 -3.37
C TYR A 19 -3.73 -15.77 -4.72
N ARG A 20 -4.88 -16.27 -5.15
CA ARG A 20 -4.97 -16.98 -6.42
C ARG A 20 -4.02 -16.39 -7.45
N LEU A 21 -4.25 -15.13 -7.82
CA LEU A 21 -3.42 -14.45 -8.80
C LEU A 21 -1.94 -14.72 -8.53
N SER A 22 -1.11 -14.45 -9.53
CA SER A 22 0.33 -14.67 -9.41
C SER A 22 1.01 -13.45 -8.79
N ARG A 23 1.89 -13.69 -7.83
CA ARG A 23 2.62 -12.62 -7.15
C ARG A 23 2.92 -11.48 -8.12
N LYS A 24 3.78 -11.75 -9.10
CA LYS A 24 4.15 -10.75 -10.09
C LYS A 24 2.92 -10.01 -10.60
N GLU A 25 1.90 -10.76 -10.99
CA GLU A 25 0.67 -10.17 -11.50
C GLU A 25 0.06 -9.21 -10.48
N LEU A 26 0.17 -9.58 -9.21
CA LEU A 26 -0.38 -8.76 -8.12
C LEU A 26 0.46 -7.51 -7.92
N GLN A 27 1.78 -7.67 -7.88
CA GLN A 27 2.69 -6.55 -7.69
C GLN A 27 2.35 -5.41 -8.64
N GLN A 28 2.49 -5.65 -9.94
CA GLN A 28 2.20 -4.65 -10.94
C GLN A 28 0.81 -4.05 -10.72
N LEU A 29 -0.21 -4.90 -10.75
CA LEU A 29 -1.59 -4.44 -10.55
C LEU A 29 -1.65 -3.36 -9.49
N LEU A 30 -1.27 -3.70 -8.27
CA LEU A 30 -1.29 -2.76 -7.16
C LEU A 30 -0.62 -1.45 -7.56
N GLN A 31 0.59 -1.55 -8.11
CA GLN A 31 1.34 -0.38 -8.53
C GLN A 31 0.53 0.47 -9.51
N GLU A 32 -0.13 -0.20 -10.45
CA GLU A 32 -0.95 0.49 -11.44
C GLU A 32 -2.02 1.34 -10.78
N ALA A 33 -2.84 0.69 -9.95
CA ALA A 33 -3.92 1.38 -9.24
C ALA A 33 -3.39 2.63 -8.55
N PHE A 34 -2.45 2.44 -7.64
CA PHE A 34 -1.87 3.56 -6.89
C PHE A 34 -1.26 4.59 -7.84
N ALA A 35 -0.70 4.11 -8.95
CA ALA A 35 -0.08 4.98 -9.94
C ALA A 35 -1.08 6.01 -10.45
N ARG A 36 -2.26 5.55 -10.84
CA ARG A 36 -3.30 6.43 -11.35
C ARG A 36 -3.53 7.61 -10.40
N HIS A 37 -3.16 7.43 -9.13
CA HIS A 37 -3.32 8.47 -8.13
C HIS A 37 -2.08 9.35 -8.05
N GLY A 38 -0.94 8.75 -7.70
CA GLY A 38 0.30 9.50 -7.60
C GLY A 38 1.46 8.76 -8.22
N LYS A 39 2.55 8.63 -7.48
CA LYS A 39 3.74 7.95 -7.96
C LYS A 39 4.12 6.79 -7.04
N VAL A 40 3.84 5.58 -7.50
CA VAL A 40 4.15 4.38 -6.72
C VAL A 40 5.64 4.30 -6.41
N LYS A 41 5.98 4.28 -5.12
CA LYS A 41 7.36 4.21 -4.70
C LYS A 41 7.89 2.78 -4.82
N SER A 42 7.20 1.84 -4.19
CA SER A 42 7.59 0.44 -4.22
C SER A 42 6.42 -0.47 -3.89
N VAL A 43 6.59 -1.77 -4.13
CA VAL A 43 5.54 -2.75 -3.85
C VAL A 43 6.12 -4.01 -3.23
N GLU A 44 5.62 -4.36 -2.04
CA GLU A 44 6.09 -5.55 -1.35
C GLU A 44 4.93 -6.51 -1.05
N LEU A 45 5.17 -7.79 -1.24
CA LEU A 45 4.15 -8.81 -1.00
C LEU A 45 4.48 -9.64 0.24
N SER A 46 3.45 -10.06 0.97
CA SER A 46 3.65 -10.85 2.17
C SER A 46 3.99 -12.30 1.82
N PRO A 47 4.72 -12.97 2.72
CA PRO A 47 5.13 -14.36 2.52
C PRO A 47 3.96 -15.33 2.62
N HIS A 48 2.80 -14.82 3.04
CA HIS A 48 1.60 -15.63 3.18
C HIS A 48 1.10 -16.09 1.81
N THR A 49 0.90 -17.40 1.66
CA THR A 49 0.43 -17.96 0.40
C THR A 49 -0.99 -18.51 0.55
N ASP A 50 -1.84 -17.76 1.23
CA ASP A 50 -3.22 -18.17 1.45
C ASP A 50 -4.13 -16.96 1.63
N TYR A 51 -5.41 -17.22 1.88
CA TYR A 51 -6.38 -16.15 2.07
C TYR A 51 -5.80 -15.02 2.92
N GLN A 52 -4.86 -15.39 3.80
CA GLN A 52 -4.23 -14.41 4.67
C GLN A 52 -3.08 -13.71 3.96
N LEU A 53 -3.27 -13.41 2.68
CA LEU A 53 -2.25 -12.74 1.89
C LEU A 53 -2.34 -11.22 2.06
N LYS A 54 -1.22 -10.62 2.47
CA LYS A 54 -1.17 -9.17 2.66
C LYS A 54 -0.09 -8.55 1.79
N ALA A 55 0.06 -7.23 1.89
CA ALA A 55 1.06 -6.52 1.11
C ALA A 55 1.22 -5.08 1.61
N VAL A 56 2.25 -4.41 1.13
CA VAL A 56 2.52 -3.02 1.53
C VAL A 56 3.02 -2.21 0.35
N VAL A 57 2.22 -1.24 -0.08
CA VAL A 57 2.58 -0.38 -1.19
C VAL A 57 3.07 0.99 -0.71
N GLN A 58 4.26 1.38 -1.16
CA GLN A 58 4.83 2.66 -0.76
C GLN A 58 4.60 3.72 -1.85
N MET A 59 4.40 4.96 -1.42
CA MET A 59 4.17 6.06 -2.34
C MET A 59 5.21 7.15 -2.16
N GLU A 60 5.78 7.61 -3.27
CA GLU A 60 6.79 8.67 -3.23
C GLU A 60 6.35 9.82 -2.34
N ASN A 61 5.09 10.22 -2.49
CA ASN A 61 4.53 11.32 -1.70
C ASN A 61 3.63 10.80 -0.60
N LEU A 62 3.44 11.60 0.44
CA LEU A 62 2.59 11.21 1.56
C LEU A 62 1.11 11.42 1.22
N GLN A 63 0.75 12.65 0.89
CA GLN A 63 -0.62 12.98 0.55
C GLN A 63 -1.15 12.04 -0.55
N ASP A 64 -0.33 11.81 -1.56
CA ASP A 64 -0.71 10.94 -2.66
C ASP A 64 -1.30 9.62 -2.14
N ALA A 65 -0.77 9.15 -1.02
CA ALA A 65 -1.25 7.91 -0.42
C ALA A 65 -2.62 8.10 0.23
N ILE A 66 -2.71 9.12 1.09
CA ILE A 66 -3.96 9.41 1.78
C ILE A 66 -5.16 9.12 0.89
N GLY A 67 -5.22 9.78 -0.25
CA GLY A 67 -6.33 9.58 -1.18
C GLY A 67 -6.31 8.19 -1.79
N ALA A 68 -5.14 7.74 -2.21
CA ALA A 68 -4.99 6.42 -2.82
C ALA A 68 -5.62 5.34 -1.95
N VAL A 69 -5.55 5.53 -0.64
CA VAL A 69 -6.11 4.57 0.31
C VAL A 69 -7.63 4.64 0.32
N ASN A 70 -8.16 5.83 0.60
CA ASN A 70 -9.60 6.04 0.64
C ASN A 70 -10.22 5.90 -0.74
N SER A 71 -9.37 5.90 -1.77
CA SER A 71 -9.82 5.77 -3.15
C SER A 71 -9.80 4.31 -3.59
N LEU A 72 -8.63 3.69 -3.50
CA LEU A 72 -8.48 2.29 -3.90
C LEU A 72 -9.14 1.36 -2.89
N HIS A 73 -9.63 1.94 -1.80
CA HIS A 73 -10.28 1.16 -0.75
C HIS A 73 -11.28 0.18 -1.36
N ARG A 74 -11.11 -1.10 -1.06
CA ARG A 74 -11.99 -2.13 -1.57
C ARG A 74 -11.95 -2.19 -3.09
N TYR A 75 -10.78 -1.91 -3.65
CA TYR A 75 -10.61 -1.90 -5.10
C TYR A 75 -10.88 -3.29 -5.68
N LYS A 76 -11.97 -3.40 -6.44
CA LYS A 76 -12.34 -4.68 -7.06
C LYS A 76 -11.17 -5.26 -7.85
N ILE A 77 -10.37 -6.09 -7.19
CA ILE A 77 -9.23 -6.72 -7.84
C ILE A 77 -9.39 -8.24 -7.89
N GLY A 78 -8.69 -8.87 -8.82
CA GLY A 78 -8.76 -10.31 -8.96
C GLY A 78 -10.15 -10.86 -8.64
N SER A 79 -10.25 -11.62 -7.56
CA SER A 79 -11.52 -12.21 -7.15
C SER A 79 -11.88 -11.79 -5.73
N LYS A 80 -11.31 -10.67 -5.30
CA LYS A 80 -11.58 -10.15 -3.95
C LYS A 80 -11.29 -8.65 -3.89
N LYS A 81 -11.92 -7.98 -2.92
CA LYS A 81 -11.72 -6.55 -2.73
C LYS A 81 -10.57 -6.27 -1.77
N ILE A 82 -9.59 -5.51 -2.25
CA ILE A 82 -8.43 -5.17 -1.43
C ILE A 82 -8.76 -4.04 -0.46
N LEU A 83 -8.37 -4.20 0.79
CA LEU A 83 -8.62 -3.19 1.81
C LEU A 83 -7.37 -2.34 2.05
N VAL A 84 -7.41 -1.10 1.58
CA VAL A 84 -6.29 -0.18 1.75
C VAL A 84 -6.39 0.57 3.07
N SER A 85 -5.24 0.85 3.67
CA SER A 85 -5.19 1.57 4.94
C SER A 85 -3.79 2.12 5.20
N LEU A 86 -3.73 3.40 5.56
CA LEU A 86 -2.45 4.05 5.85
C LEU A 86 -1.76 3.40 7.05
N ALA A 87 -0.47 3.63 7.17
CA ALA A 87 0.31 3.08 8.28
C ALA A 87 0.99 4.18 9.09
N THR A 88 1.35 3.87 10.32
CA THR A 88 2.01 4.82 11.20
C THR A 88 3.30 4.25 11.78
N GLY A 89 4.37 5.05 11.73
CA GLY A 89 5.64 4.61 12.24
C GLY A 89 5.93 5.17 13.62
N ALA A 90 7.12 5.75 13.78
CA ALA A 90 7.52 6.34 15.06
C ALA A 90 6.92 7.72 15.23
N SER A 91 5.83 7.80 15.99
CA SER A 91 5.16 9.07 16.23
C SER A 91 5.24 9.45 17.71
N GLY A 92 6.16 10.36 18.02
CA GLY A 92 6.33 10.80 19.40
C GLY A 92 6.52 12.29 19.51
N PRO A 93 5.41 13.04 19.52
CA PRO A 93 5.43 14.50 19.62
C PRO A 93 5.87 14.98 20.99
N SER A 94 6.37 16.21 21.06
CA SER A 94 6.83 16.78 22.31
C SER A 94 6.13 18.11 22.60
N SER A 95 6.04 18.95 21.57
CA SER A 95 5.40 20.25 21.71
C SER A 95 4.70 20.66 20.41
N GLY A 96 3.54 21.28 20.54
CA GLY A 96 2.80 21.71 19.37
C GLY A 96 3.35 22.98 18.76
N GLY A 1 14.99 22.41 13.59
CA GLY A 1 13.70 23.07 13.44
C GLY A 1 12.55 22.09 13.35
N SER A 2 11.38 22.50 13.83
CA SER A 2 10.20 21.65 13.81
C SER A 2 9.82 21.28 12.38
N SER A 3 9.23 20.10 12.22
CA SER A 3 8.81 19.63 10.90
C SER A 3 7.88 20.63 10.23
N GLY A 4 8.32 21.18 9.11
CA GLY A 4 7.51 22.15 8.39
C GLY A 4 6.70 21.51 7.27
N SER A 5 5.73 20.68 7.65
CA SER A 5 4.89 20.00 6.68
C SER A 5 5.70 19.03 5.84
N SER A 6 6.63 18.35 6.47
CA SER A 6 7.49 17.38 5.78
C SER A 6 6.92 15.97 5.89
N GLY A 7 7.20 15.14 4.89
CA GLY A 7 6.71 13.77 4.89
C GLY A 7 7.35 12.93 3.81
N ASN A 8 8.30 12.08 4.20
CA ASN A 8 8.99 11.21 3.26
C ASN A 8 8.88 9.75 3.69
N GLY A 9 8.16 8.96 2.91
CA GLY A 9 7.99 7.55 3.21
C GLY A 9 6.56 7.20 3.55
N ALA A 10 5.76 6.97 2.53
CA ALA A 10 4.35 6.62 2.72
C ALA A 10 4.13 5.12 2.58
N ASP A 11 3.69 4.48 3.65
CA ASP A 11 3.45 3.04 3.65
C ASP A 11 1.95 2.74 3.58
N VAL A 12 1.54 2.08 2.51
CA VAL A 12 0.13 1.74 2.32
C VAL A 12 -0.12 0.26 2.64
N GLN A 13 -0.76 0.00 3.77
CA GLN A 13 -1.06 -1.36 4.18
C GLN A 13 -2.16 -1.96 3.31
N VAL A 14 -1.82 -3.04 2.61
CA VAL A 14 -2.78 -3.71 1.74
C VAL A 14 -3.28 -5.00 2.36
N SER A 15 -4.59 -5.21 2.31
CA SER A 15 -5.21 -6.41 2.88
C SER A 15 -6.23 -7.00 1.92
N ASN A 16 -6.67 -8.22 2.22
CA ASN A 16 -7.65 -8.90 1.38
C ASN A 16 -7.17 -8.98 -0.06
N ILE A 17 -5.97 -9.53 -0.24
CA ILE A 17 -5.40 -9.68 -1.58
C ILE A 17 -5.65 -11.07 -2.14
N ASP A 18 -6.49 -11.14 -3.16
CA ASP A 18 -6.82 -12.42 -3.80
C ASP A 18 -5.55 -13.22 -4.08
N TYR A 19 -5.16 -14.07 -3.13
CA TYR A 19 -3.98 -14.90 -3.28
C TYR A 19 -4.01 -15.67 -4.60
N ARG A 20 -5.21 -16.06 -5.01
CA ARG A 20 -5.37 -16.81 -6.26
C ARG A 20 -4.47 -16.24 -7.35
N LEU A 21 -4.33 -14.92 -7.39
CA LEU A 21 -3.49 -14.26 -8.38
C LEU A 21 -2.02 -14.37 -8.02
N SER A 22 -1.16 -14.41 -9.03
CA SER A 22 0.28 -14.51 -8.82
C SER A 22 0.82 -13.25 -8.17
N ARG A 23 2.05 -13.32 -7.69
CA ARG A 23 2.69 -12.16 -7.05
C ARG A 23 3.03 -11.09 -8.08
N LYS A 24 3.51 -11.52 -9.24
CA LYS A 24 3.87 -10.60 -10.31
C LYS A 24 2.64 -9.87 -10.84
N GLU A 25 1.50 -10.56 -10.82
CA GLU A 25 0.25 -9.97 -11.30
C GLU A 25 -0.37 -9.06 -10.24
N LEU A 26 -0.10 -9.37 -8.98
CA LEU A 26 -0.63 -8.58 -7.87
C LEU A 26 0.20 -7.32 -7.66
N GLN A 27 1.52 -7.45 -7.74
CA GLN A 27 2.41 -6.31 -7.56
C GLN A 27 2.31 -5.35 -8.74
N GLN A 28 2.15 -5.91 -9.93
CA GLN A 28 2.05 -5.10 -11.14
C GLN A 28 0.73 -4.33 -11.17
N LEU A 29 -0.36 -5.02 -10.84
CA LEU A 29 -1.68 -4.40 -10.82
C LEU A 29 -1.75 -3.29 -9.77
N LEU A 30 -1.41 -3.63 -8.53
CA LEU A 30 -1.43 -2.66 -7.44
C LEU A 30 -0.67 -1.40 -7.82
N GLN A 31 0.57 -1.57 -8.28
CA GLN A 31 1.40 -0.44 -8.68
C GLN A 31 0.69 0.42 -9.72
N GLU A 32 0.01 -0.24 -10.66
CA GLU A 32 -0.71 0.47 -11.70
C GLU A 32 -1.81 1.35 -11.12
N ALA A 33 -2.65 0.76 -10.27
CA ALA A 33 -3.73 1.50 -9.63
C ALA A 33 -3.20 2.66 -8.81
N PHE A 34 -2.37 2.35 -7.82
CA PHE A 34 -1.79 3.37 -6.95
C PHE A 34 -1.13 4.47 -7.77
N ALA A 35 -0.57 4.09 -8.92
CA ALA A 35 0.08 5.05 -9.80
C ALA A 35 -0.91 6.05 -10.37
N ARG A 36 -2.08 5.56 -10.75
CA ARG A 36 -3.12 6.43 -11.30
C ARG A 36 -3.42 7.59 -10.38
N HIS A 37 -3.26 7.37 -9.08
CA HIS A 37 -3.50 8.40 -8.08
C HIS A 37 -2.28 9.30 -7.91
N GLY A 38 -1.20 8.73 -7.40
CA GLY A 38 0.01 9.49 -7.18
C GLY A 38 1.21 8.89 -7.91
N LYS A 39 2.30 8.69 -7.18
CA LYS A 39 3.51 8.12 -7.75
C LYS A 39 4.04 6.98 -6.88
N VAL A 40 3.83 5.76 -7.34
CA VAL A 40 4.29 4.57 -6.61
C VAL A 40 5.78 4.68 -6.28
N LYS A 41 6.16 4.16 -5.12
CA LYS A 41 7.55 4.18 -4.70
C LYS A 41 8.12 2.77 -4.60
N SER A 42 7.31 1.84 -4.07
CA SER A 42 7.74 0.46 -3.92
C SER A 42 6.54 -0.44 -3.66
N VAL A 43 6.72 -1.74 -3.91
CA VAL A 43 5.66 -2.72 -3.70
C VAL A 43 6.19 -3.98 -3.03
N GLU A 44 5.80 -4.19 -1.78
CA GLU A 44 6.24 -5.37 -1.04
C GLU A 44 5.08 -6.35 -0.85
N LEU A 45 5.41 -7.64 -0.86
CA LEU A 45 4.40 -8.69 -0.69
C LEU A 45 4.76 -9.59 0.49
N SER A 46 3.74 -10.14 1.13
CA SER A 46 3.93 -11.02 2.27
C SER A 46 4.20 -12.45 1.82
N PRO A 47 4.90 -13.22 2.66
CA PRO A 47 5.23 -14.62 2.37
C PRO A 47 4.00 -15.53 2.40
N HIS A 48 2.96 -15.08 3.08
CA HIS A 48 1.73 -15.84 3.19
C HIS A 48 1.16 -16.17 1.81
N THR A 49 1.01 -17.45 1.52
CA THR A 49 0.49 -17.89 0.23
C THR A 49 -0.95 -18.37 0.36
N ASP A 50 -1.71 -17.72 1.23
CA ASP A 50 -3.10 -18.09 1.45
C ASP A 50 -3.97 -16.84 1.64
N TYR A 51 -5.24 -17.06 1.94
CA TYR A 51 -6.18 -15.94 2.15
C TYR A 51 -5.54 -14.85 3.00
N GLN A 52 -4.66 -15.26 3.90
CA GLN A 52 -3.97 -14.31 4.78
C GLN A 52 -2.79 -13.65 4.08
N LEU A 53 -3.00 -13.30 2.81
CA LEU A 53 -1.95 -12.66 2.02
C LEU A 53 -2.06 -11.14 2.11
N LYS A 54 -1.06 -10.53 2.74
CA LYS A 54 -1.03 -9.08 2.90
C LYS A 54 0.12 -8.46 2.10
N ALA A 55 0.19 -7.14 2.08
CA ALA A 55 1.24 -6.43 1.37
C ALA A 55 1.33 -4.97 1.81
N VAL A 56 2.32 -4.26 1.29
CA VAL A 56 2.51 -2.85 1.62
C VAL A 56 3.00 -2.07 0.42
N VAL A 57 2.14 -1.21 -0.12
CA VAL A 57 2.49 -0.39 -1.27
C VAL A 57 3.06 0.95 -0.84
N GLN A 58 4.33 1.17 -1.13
CA GLN A 58 5.00 2.42 -0.78
C GLN A 58 4.72 3.51 -1.81
N MET A 59 4.52 4.73 -1.34
CA MET A 59 4.23 5.85 -2.22
C MET A 59 5.26 6.97 -2.02
N GLU A 60 5.63 7.62 -3.11
CA GLU A 60 6.60 8.71 -3.06
C GLU A 60 6.23 9.71 -1.98
N ASN A 61 5.09 10.36 -2.15
CA ASN A 61 4.62 11.36 -1.20
C ASN A 61 3.59 10.75 -0.25
N LEU A 62 3.44 11.35 0.92
CA LEU A 62 2.49 10.88 1.92
C LEU A 62 1.05 11.10 1.45
N GLN A 63 0.69 12.35 1.23
CA GLN A 63 -0.66 12.69 0.78
C GLN A 63 -1.11 11.74 -0.33
N ASP A 64 -0.32 11.68 -1.40
CA ASP A 64 -0.65 10.80 -2.53
C ASP A 64 -1.23 9.48 -2.05
N ALA A 65 -0.70 8.97 -0.94
CA ALA A 65 -1.17 7.72 -0.38
C ALA A 65 -2.53 7.89 0.29
N ILE A 66 -2.68 8.97 1.05
CA ILE A 66 -3.93 9.25 1.74
C ILE A 66 -5.13 9.00 0.83
N GLY A 67 -5.21 9.77 -0.25
CA GLY A 67 -6.32 9.62 -1.19
C GLY A 67 -6.31 8.27 -1.87
N ALA A 68 -5.11 7.80 -2.24
CA ALA A 68 -4.97 6.51 -2.91
C ALA A 68 -5.64 5.40 -2.11
N VAL A 69 -5.63 5.55 -0.79
CA VAL A 69 -6.23 4.55 0.10
C VAL A 69 -7.75 4.65 0.08
N ASN A 70 -8.27 5.79 0.55
CA ASN A 70 -9.70 6.01 0.60
C ASN A 70 -10.32 5.86 -0.80
N SER A 71 -9.48 5.83 -1.81
CA SER A 71 -9.94 5.69 -3.19
C SER A 71 -9.90 4.23 -3.63
N LEU A 72 -8.71 3.63 -3.60
CA LEU A 72 -8.54 2.24 -4.00
C LEU A 72 -9.26 1.31 -3.01
N HIS A 73 -9.65 1.85 -1.88
CA HIS A 73 -10.35 1.06 -0.86
C HIS A 73 -11.41 0.18 -1.48
N ARG A 74 -11.31 -1.12 -1.24
CA ARG A 74 -12.27 -2.08 -1.79
C ARG A 74 -12.23 -2.08 -3.31
N TYR A 75 -11.04 -1.92 -3.87
CA TYR A 75 -10.86 -1.89 -5.32
C TYR A 75 -11.09 -3.28 -5.91
N LYS A 76 -12.16 -3.42 -6.68
CA LYS A 76 -12.49 -4.69 -7.32
C LYS A 76 -11.28 -5.25 -8.06
N ILE A 77 -10.52 -6.09 -7.37
CA ILE A 77 -9.34 -6.71 -7.96
C ILE A 77 -9.44 -8.22 -7.96
N GLY A 78 -8.75 -8.87 -8.89
CA GLY A 78 -8.78 -10.32 -8.97
C GLY A 78 -10.14 -10.89 -8.66
N SER A 79 -10.23 -11.63 -7.55
CA SER A 79 -11.49 -12.25 -7.14
C SER A 79 -11.85 -11.84 -5.72
N LYS A 80 -11.17 -10.81 -5.21
CA LYS A 80 -11.42 -10.32 -3.87
C LYS A 80 -11.22 -8.81 -3.80
N LYS A 81 -12.05 -8.15 -2.99
CA LYS A 81 -11.96 -6.70 -2.83
C LYS A 81 -10.79 -6.32 -1.92
N ILE A 82 -9.76 -5.74 -2.51
CA ILE A 82 -8.58 -5.33 -1.76
C ILE A 82 -8.92 -4.20 -0.78
N LEU A 83 -8.38 -4.30 0.43
CA LEU A 83 -8.62 -3.29 1.45
C LEU A 83 -7.36 -2.47 1.71
N VAL A 84 -7.39 -1.21 1.27
CA VAL A 84 -6.25 -0.32 1.45
C VAL A 84 -6.32 0.38 2.80
N SER A 85 -5.15 0.66 3.37
CA SER A 85 -5.07 1.32 4.67
C SER A 85 -3.72 2.00 4.86
N LEU A 86 -3.72 3.16 5.51
CA LEU A 86 -2.49 3.90 5.76
C LEU A 86 -1.74 3.32 6.95
N ALA A 87 -0.48 3.72 7.09
CA ALA A 87 0.35 3.25 8.20
C ALA A 87 1.14 4.39 8.82
N THR A 88 1.96 4.07 9.81
CA THR A 88 2.78 5.07 10.49
C THR A 88 3.96 5.50 9.63
N GLY A 89 4.27 6.79 9.66
CA GLY A 89 5.38 7.31 8.89
C GLY A 89 6.73 7.06 9.56
N ALA A 90 7.80 7.43 8.87
CA ALA A 90 9.15 7.24 9.40
C ALA A 90 9.55 8.42 10.28
N SER A 91 9.92 8.13 11.52
CA SER A 91 10.33 9.17 12.46
C SER A 91 9.21 10.20 12.66
N GLY A 92 7.98 9.77 12.42
CA GLY A 92 6.84 10.66 12.57
C GLY A 92 6.35 10.74 14.00
N PRO A 93 5.75 11.88 14.36
CA PRO A 93 5.22 12.10 15.71
C PRO A 93 3.99 11.24 16.01
N SER A 94 3.55 11.26 17.26
CA SER A 94 2.39 10.48 17.67
C SER A 94 1.19 10.78 16.77
N SER A 95 0.89 12.05 16.60
CA SER A 95 -0.23 12.46 15.77
C SER A 95 0.23 12.78 14.34
N GLY A 96 -0.73 12.94 13.44
CA GLY A 96 -0.39 13.24 12.05
C GLY A 96 -1.02 14.55 11.58
N GLY A 1 11.98 -4.21 9.06
CA GLY A 1 12.60 -4.15 7.74
C GLY A 1 14.11 -4.06 7.82
N SER A 2 14.79 -4.80 6.94
CA SER A 2 16.24 -4.80 6.91
C SER A 2 16.80 -3.38 6.74
N SER A 3 16.30 -2.69 5.72
CA SER A 3 16.74 -1.33 5.45
C SER A 3 15.74 -0.31 6.01
N GLY A 4 16.12 0.31 7.13
CA GLY A 4 15.25 1.30 7.76
C GLY A 4 15.99 2.59 8.08
N SER A 5 16.71 3.11 7.09
CA SER A 5 17.47 4.35 7.29
C SER A 5 16.58 5.57 7.07
N SER A 6 17.06 6.73 7.49
CA SER A 6 16.31 7.97 7.35
C SER A 6 15.68 8.06 5.96
N GLY A 7 14.50 8.67 5.89
CA GLY A 7 13.81 8.81 4.62
C GLY A 7 12.42 8.21 4.65
N ASN A 8 11.62 8.61 5.62
CA ASN A 8 10.26 8.09 5.77
C ASN A 8 9.35 8.72 4.71
N GLY A 9 8.85 7.87 3.80
CA GLY A 9 7.96 8.36 2.76
C GLY A 9 6.50 8.09 3.07
N ALA A 10 5.92 7.09 2.41
CA ALA A 10 4.52 6.75 2.63
C ALA A 10 4.30 5.25 2.48
N ASP A 11 3.68 4.64 3.49
CA ASP A 11 3.42 3.22 3.48
C ASP A 11 1.92 2.94 3.44
N VAL A 12 1.47 2.18 2.45
CA VAL A 12 0.06 1.86 2.31
C VAL A 12 -0.18 0.37 2.52
N GLN A 13 -0.70 0.02 3.70
CA GLN A 13 -0.97 -1.37 4.03
C GLN A 13 -2.17 -1.89 3.25
N VAL A 14 -2.01 -3.03 2.61
CA VAL A 14 -3.09 -3.64 1.83
C VAL A 14 -3.37 -5.07 2.29
N SER A 15 -4.64 -5.36 2.52
CA SER A 15 -5.04 -6.70 2.97
C SER A 15 -6.20 -7.23 2.13
N ASN A 16 -6.45 -8.53 2.23
CA ASN A 16 -7.52 -9.16 1.48
C ASN A 16 -7.20 -9.19 -0.02
N ILE A 17 -5.93 -9.38 -0.33
CA ILE A 17 -5.48 -9.43 -1.72
C ILE A 17 -5.68 -10.82 -2.30
N ASP A 18 -6.52 -10.91 -3.34
CA ASP A 18 -6.79 -12.19 -3.99
C ASP A 18 -5.51 -13.00 -4.15
N TYR A 19 -5.25 -13.89 -3.20
CA TYR A 19 -4.05 -14.73 -3.25
C TYR A 19 -4.01 -15.55 -4.53
N ARG A 20 -5.18 -15.93 -5.02
CA ARG A 20 -5.27 -16.72 -6.24
C ARG A 20 -4.28 -16.21 -7.29
N LEU A 21 -4.38 -14.92 -7.62
CA LEU A 21 -3.51 -14.32 -8.61
C LEU A 21 -2.04 -14.55 -8.25
N SER A 22 -1.17 -14.45 -9.25
CA SER A 22 0.26 -14.64 -9.03
C SER A 22 0.87 -13.46 -8.29
N ARG A 23 2.12 -13.62 -7.86
CA ARG A 23 2.82 -12.56 -7.13
C ARG A 23 3.18 -11.41 -8.06
N LYS A 24 3.65 -11.76 -9.26
CA LYS A 24 4.03 -10.75 -10.24
C LYS A 24 2.80 -10.06 -10.82
N GLU A 25 1.73 -10.82 -10.99
CA GLU A 25 0.49 -10.26 -11.53
C GLU A 25 -0.17 -9.32 -10.54
N LEU A 26 0.16 -9.48 -9.27
CA LEU A 26 -0.40 -8.65 -8.21
C LEU A 26 0.46 -7.41 -7.97
N GLN A 27 1.73 -7.64 -7.65
CA GLN A 27 2.66 -6.55 -7.41
C GLN A 27 2.63 -5.53 -8.55
N GLN A 28 2.14 -5.97 -9.71
CA GLN A 28 2.06 -5.10 -10.87
C GLN A 28 0.71 -4.38 -10.92
N LEU A 29 -0.36 -5.13 -10.70
CA LEU A 29 -1.70 -4.57 -10.72
C LEU A 29 -1.85 -3.47 -9.66
N LEU A 30 -1.37 -3.76 -8.46
CA LEU A 30 -1.45 -2.79 -7.37
C LEU A 30 -0.73 -1.50 -7.73
N GLN A 31 0.49 -1.63 -8.22
CA GLN A 31 1.27 -0.46 -8.62
C GLN A 31 0.52 0.39 -9.64
N GLU A 32 -0.26 -0.27 -10.48
CA GLU A 32 -1.03 0.42 -11.51
C GLU A 32 -2.08 1.33 -10.87
N ALA A 33 -2.92 0.75 -10.01
CA ALA A 33 -3.96 1.50 -9.33
C ALA A 33 -3.38 2.68 -8.56
N PHE A 34 -2.43 2.39 -7.67
CA PHE A 34 -1.80 3.42 -6.86
C PHE A 34 -1.12 4.46 -7.74
N ALA A 35 -0.71 4.04 -8.94
CA ALA A 35 -0.04 4.93 -9.88
C ALA A 35 -1.02 5.96 -10.44
N ARG A 36 -2.24 5.52 -10.75
CA ARG A 36 -3.26 6.41 -11.29
C ARG A 36 -3.50 7.59 -10.36
N HIS A 37 -3.11 7.44 -9.10
CA HIS A 37 -3.29 8.49 -8.11
C HIS A 37 -2.06 9.40 -8.05
N GLY A 38 -0.95 8.84 -7.58
CA GLY A 38 0.27 9.61 -7.49
C GLY A 38 1.44 8.93 -8.17
N LYS A 39 2.49 8.64 -7.40
CA LYS A 39 3.68 8.00 -7.95
C LYS A 39 4.12 6.83 -7.05
N VAL A 40 3.83 5.62 -7.50
CA VAL A 40 4.20 4.43 -6.75
C VAL A 40 5.70 4.37 -6.49
N LYS A 41 6.07 4.34 -5.21
CA LYS A 41 7.48 4.29 -4.82
C LYS A 41 8.02 2.88 -4.94
N SER A 42 7.23 1.91 -4.50
CA SER A 42 7.63 0.50 -4.54
C SER A 42 6.46 -0.41 -4.15
N VAL A 43 6.69 -1.71 -4.25
CA VAL A 43 5.67 -2.69 -3.92
C VAL A 43 6.27 -3.88 -3.18
N GLU A 44 5.72 -4.18 -2.00
CA GLU A 44 6.20 -5.29 -1.20
C GLU A 44 5.11 -6.34 -1.00
N LEU A 45 5.52 -7.60 -0.94
CA LEU A 45 4.57 -8.70 -0.76
C LEU A 45 4.87 -9.47 0.52
N SER A 46 3.83 -10.04 1.12
CA SER A 46 3.98 -10.80 2.36
C SER A 46 4.30 -12.26 2.05
N PRO A 47 4.84 -12.96 3.06
CA PRO A 47 5.20 -14.38 2.94
C PRO A 47 3.98 -15.29 2.82
N HIS A 48 2.90 -14.89 3.49
CA HIS A 48 1.66 -15.67 3.45
C HIS A 48 1.34 -16.13 2.03
N THR A 49 0.80 -17.35 1.92
CA THR A 49 0.46 -17.90 0.62
C THR A 49 -0.97 -18.42 0.61
N ASP A 50 -1.82 -17.84 1.45
CA ASP A 50 -3.22 -18.24 1.53
C ASP A 50 -4.13 -17.02 1.70
N TYR A 51 -5.42 -17.27 1.82
CA TYR A 51 -6.39 -16.20 1.98
C TYR A 51 -5.85 -15.11 2.90
N GLN A 52 -4.97 -15.49 3.80
CA GLN A 52 -4.36 -14.55 4.73
C GLN A 52 -3.18 -13.83 4.10
N LEU A 53 -3.31 -13.50 2.82
CA LEU A 53 -2.25 -12.81 2.10
C LEU A 53 -2.37 -11.29 2.26
N LYS A 54 -1.23 -10.62 2.35
CA LYS A 54 -1.20 -9.17 2.50
C LYS A 54 -0.03 -8.57 1.75
N ALA A 55 0.07 -7.24 1.79
CA ALA A 55 1.15 -6.54 1.10
C ALA A 55 1.21 -5.08 1.55
N VAL A 56 2.27 -4.38 1.12
CA VAL A 56 2.45 -2.98 1.48
C VAL A 56 2.98 -2.18 0.29
N VAL A 57 2.18 -1.24 -0.20
CA VAL A 57 2.57 -0.41 -1.32
C VAL A 57 3.10 0.94 -0.85
N GLN A 58 4.36 1.22 -1.19
CA GLN A 58 4.99 2.47 -0.81
C GLN A 58 4.66 3.58 -1.81
N MET A 59 4.53 4.81 -1.31
CA MET A 59 4.23 5.94 -2.16
C MET A 59 5.22 7.07 -1.94
N GLU A 60 5.63 7.72 -3.03
CA GLU A 60 6.59 8.81 -2.96
C GLU A 60 6.07 9.93 -2.06
N ASN A 61 4.94 10.52 -2.44
CA ASN A 61 4.34 11.60 -1.67
C ASN A 61 3.42 11.05 -0.59
N LEU A 62 3.32 11.77 0.52
CA LEU A 62 2.47 11.36 1.63
C LEU A 62 1.00 11.53 1.29
N GLN A 63 0.62 12.77 0.96
CA GLN A 63 -0.76 13.08 0.61
C GLN A 63 -1.26 12.15 -0.50
N ASP A 64 -0.35 11.77 -1.38
CA ASP A 64 -0.70 10.88 -2.49
C ASP A 64 -1.27 9.56 -1.98
N ALA A 65 -0.74 9.09 -0.85
CA ALA A 65 -1.21 7.84 -0.26
C ALA A 65 -2.58 8.02 0.38
N ILE A 66 -2.70 9.02 1.25
CA ILE A 66 -3.96 9.29 1.92
C ILE A 66 -5.14 9.00 1.02
N GLY A 67 -5.26 9.76 -0.06
CA GLY A 67 -6.35 9.58 -1.00
C GLY A 67 -6.32 8.21 -1.65
N ALA A 68 -5.15 7.81 -2.12
CA ALA A 68 -4.99 6.51 -2.77
C ALA A 68 -5.64 5.40 -1.96
N VAL A 69 -5.62 5.55 -0.63
CA VAL A 69 -6.22 4.56 0.25
C VAL A 69 -7.73 4.65 0.24
N ASN A 70 -8.25 5.79 0.68
CA ASN A 70 -9.70 6.00 0.72
C ASN A 70 -10.31 5.83 -0.67
N SER A 71 -9.47 5.87 -1.69
CA SER A 71 -9.92 5.73 -3.07
C SER A 71 -9.86 4.27 -3.51
N LEU A 72 -8.65 3.70 -3.48
CA LEU A 72 -8.44 2.31 -3.88
C LEU A 72 -9.13 1.36 -2.90
N HIS A 73 -9.64 1.91 -1.81
CA HIS A 73 -10.33 1.11 -0.80
C HIS A 73 -11.37 0.20 -1.44
N ARG A 74 -11.21 -1.10 -1.22
CA ARG A 74 -12.14 -2.09 -1.78
C ARG A 74 -12.04 -2.11 -3.31
N TYR A 75 -10.85 -1.86 -3.83
CA TYR A 75 -10.62 -1.85 -5.27
C TYR A 75 -10.85 -3.24 -5.86
N LYS A 76 -11.94 -3.37 -6.62
CA LYS A 76 -12.27 -4.64 -7.25
C LYS A 76 -11.09 -5.21 -8.01
N ILE A 77 -10.32 -6.07 -7.35
CA ILE A 77 -9.15 -6.69 -7.97
C ILE A 77 -9.27 -8.21 -8.01
N GLY A 78 -8.52 -8.83 -8.91
CA GLY A 78 -8.57 -10.28 -9.02
C GLY A 78 -9.97 -10.84 -8.84
N SER A 79 -10.16 -11.59 -7.77
CA SER A 79 -11.47 -12.19 -7.49
C SER A 79 -11.99 -11.73 -6.13
N LYS A 80 -11.30 -10.77 -5.53
CA LYS A 80 -11.69 -10.24 -4.22
C LYS A 80 -11.28 -8.78 -4.07
N LYS A 81 -12.02 -8.04 -3.26
CA LYS A 81 -11.73 -6.63 -3.03
C LYS A 81 -10.53 -6.47 -2.11
N ILE A 82 -9.73 -5.44 -2.37
CA ILE A 82 -8.54 -5.18 -1.57
C ILE A 82 -8.81 -4.06 -0.55
N LEU A 83 -8.44 -4.31 0.70
CA LEU A 83 -8.64 -3.33 1.75
C LEU A 83 -7.37 -2.51 1.98
N VAL A 84 -7.43 -1.22 1.63
CA VAL A 84 -6.29 -0.34 1.80
C VAL A 84 -6.33 0.37 3.15
N SER A 85 -5.15 0.72 3.66
CA SER A 85 -5.06 1.40 4.95
C SER A 85 -3.65 1.95 5.17
N LEU A 86 -3.57 3.21 5.59
CA LEU A 86 -2.29 3.85 5.84
C LEU A 86 -1.59 3.22 7.04
N ALA A 87 -0.31 3.55 7.22
CA ALA A 87 0.48 3.02 8.32
C ALA A 87 1.24 4.13 9.03
N THR A 88 1.71 3.84 10.24
CA THR A 88 2.47 4.81 11.02
C THR A 88 3.97 4.56 10.92
N GLY A 89 4.65 5.39 10.15
CA GLY A 89 6.09 5.24 9.97
C GLY A 89 6.85 5.44 11.27
N ALA A 90 6.82 6.67 11.79
CA ALA A 90 7.51 6.98 13.04
C ALA A 90 6.61 7.77 13.98
N SER A 91 6.76 7.52 15.27
CA SER A 91 5.96 8.20 16.29
C SER A 91 6.78 9.24 17.04
N GLY A 92 6.31 10.47 17.04
CA GLY A 92 7.02 11.54 17.73
C GLY A 92 6.76 12.90 17.12
N PRO A 93 5.65 13.53 17.51
CA PRO A 93 5.27 14.85 17.01
C PRO A 93 6.19 15.96 17.52
N SER A 94 6.14 17.11 16.86
CA SER A 94 6.97 18.25 17.26
C SER A 94 6.42 19.55 16.67
N SER A 95 6.93 20.67 17.16
CA SER A 95 6.49 21.98 16.70
C SER A 95 7.42 23.08 17.19
N GLY A 96 8.08 23.76 16.27
CA GLY A 96 9.00 24.82 16.64
C GLY A 96 10.45 24.38 16.63
N GLY A 1 6.40 9.02 20.85
CA GLY A 1 6.90 8.36 19.66
C GLY A 1 8.39 8.54 19.48
N SER A 2 8.97 7.81 18.53
CA SER A 2 10.40 7.90 18.26
C SER A 2 10.72 7.38 16.86
N SER A 3 11.49 8.17 16.10
CA SER A 3 11.86 7.79 14.75
C SER A 3 13.32 8.17 14.46
N GLY A 4 13.92 7.49 13.49
CA GLY A 4 15.30 7.76 13.14
C GLY A 4 15.61 7.38 11.71
N SER A 5 15.08 6.25 11.26
CA SER A 5 15.31 5.77 9.91
C SER A 5 15.32 6.93 8.92
N SER A 6 16.30 6.95 8.03
CA SER A 6 16.43 8.00 7.03
C SER A 6 15.64 7.66 5.78
N GLY A 7 14.85 8.61 5.29
CA GLY A 7 14.06 8.39 4.10
C GLY A 7 12.65 7.92 4.41
N ASN A 8 11.93 8.69 5.22
CA ASN A 8 10.57 8.35 5.60
C ASN A 8 9.59 8.72 4.49
N GLY A 9 8.97 7.69 3.90
CA GLY A 9 8.02 7.92 2.83
C GLY A 9 6.59 7.65 3.26
N ALA A 10 5.83 7.03 2.37
CA ALA A 10 4.43 6.70 2.66
C ALA A 10 4.18 5.21 2.53
N ASP A 11 3.62 4.62 3.58
CA ASP A 11 3.33 3.19 3.59
C ASP A 11 1.82 2.94 3.54
N VAL A 12 1.39 2.11 2.59
CA VAL A 12 -0.02 1.79 2.43
C VAL A 12 -0.28 0.31 2.68
N GLN A 13 -0.94 0.01 3.81
CA GLN A 13 -1.24 -1.37 4.16
C GLN A 13 -2.42 -1.89 3.33
N VAL A 14 -2.23 -3.07 2.73
CA VAL A 14 -3.27 -3.67 1.90
C VAL A 14 -3.59 -5.09 2.39
N SER A 15 -4.88 -5.39 2.49
CA SER A 15 -5.32 -6.71 2.95
C SER A 15 -6.37 -7.28 2.00
N ASN A 16 -6.63 -8.57 2.14
CA ASN A 16 -7.61 -9.26 1.29
C ASN A 16 -7.13 -9.31 -0.15
N ILE A 17 -5.82 -9.35 -0.33
CA ILE A 17 -5.23 -9.41 -1.67
C ILE A 17 -5.47 -10.76 -2.31
N ASP A 18 -6.52 -10.84 -3.13
CA ASP A 18 -6.87 -12.08 -3.81
C ASP A 18 -5.61 -12.86 -4.19
N TYR A 19 -5.21 -13.80 -3.32
CA TYR A 19 -4.03 -14.61 -3.56
C TYR A 19 -4.16 -15.40 -4.85
N ARG A 20 -5.39 -15.78 -5.19
CA ARG A 20 -5.65 -16.53 -6.40
C ARG A 20 -4.73 -16.08 -7.53
N LEU A 21 -4.76 -14.79 -7.84
CA LEU A 21 -3.93 -14.23 -8.90
C LEU A 21 -2.46 -14.58 -8.68
N SER A 22 -1.62 -14.14 -9.61
CA SER A 22 -0.19 -14.41 -9.52
C SER A 22 0.55 -13.23 -8.87
N ARG A 23 1.45 -13.54 -7.95
CA ARG A 23 2.22 -12.51 -7.26
C ARG A 23 2.73 -11.47 -8.24
N LYS A 24 3.44 -11.93 -9.28
CA LYS A 24 4.00 -11.03 -10.28
C LYS A 24 2.91 -10.12 -10.85
N GLU A 25 1.67 -10.61 -10.85
CA GLU A 25 0.54 -9.83 -11.37
C GLU A 25 -0.11 -9.02 -10.25
N LEU A 26 0.10 -9.46 -9.01
CA LEU A 26 -0.47 -8.76 -7.86
C LEU A 26 0.35 -7.53 -7.51
N GLN A 27 1.67 -7.69 -7.47
CA GLN A 27 2.56 -6.59 -7.15
C GLN A 27 2.60 -5.56 -8.27
N GLN A 28 2.36 -6.02 -9.49
CA GLN A 28 2.35 -5.15 -10.65
C GLN A 28 1.05 -4.36 -10.74
N LEU A 29 -0.06 -5.06 -10.63
CA LEU A 29 -1.38 -4.42 -10.69
C LEU A 29 -1.49 -3.30 -9.67
N LEU A 30 -1.33 -3.64 -8.39
CA LEU A 30 -1.41 -2.67 -7.32
C LEU A 30 -0.70 -1.37 -7.71
N GLN A 31 0.56 -1.49 -8.12
CA GLN A 31 1.35 -0.33 -8.51
C GLN A 31 0.61 0.49 -9.56
N GLU A 32 0.05 -0.21 -10.55
CA GLU A 32 -0.68 0.47 -11.63
C GLU A 32 -1.83 1.30 -11.07
N ALA A 33 -2.57 0.73 -10.12
CA ALA A 33 -3.69 1.42 -9.50
C ALA A 33 -3.23 2.64 -8.73
N PHE A 34 -2.33 2.42 -7.77
CA PHE A 34 -1.80 3.51 -6.95
C PHE A 34 -1.17 4.59 -7.82
N ALA A 35 -0.57 4.17 -8.94
CA ALA A 35 0.07 5.09 -9.87
C ALA A 35 -0.93 6.12 -10.40
N ARG A 36 -2.12 5.65 -10.75
CA ARG A 36 -3.16 6.53 -11.28
C ARG A 36 -3.42 7.69 -10.33
N HIS A 37 -3.13 7.48 -9.04
CA HIS A 37 -3.33 8.51 -8.04
C HIS A 37 -2.13 9.45 -7.96
N GLY A 38 -1.01 8.91 -7.48
CA GLY A 38 0.20 9.71 -7.36
C GLY A 38 1.39 9.05 -8.03
N LYS A 39 2.46 8.86 -7.25
CA LYS A 39 3.68 8.24 -7.79
C LYS A 39 4.12 7.08 -6.90
N VAL A 40 3.93 5.86 -7.38
CA VAL A 40 4.31 4.67 -6.63
C VAL A 40 5.81 4.67 -6.32
N LYS A 41 6.15 4.27 -5.10
CA LYS A 41 7.55 4.22 -4.69
C LYS A 41 8.08 2.80 -4.74
N SER A 42 7.31 1.85 -4.21
CA SER A 42 7.71 0.45 -4.21
C SER A 42 6.53 -0.45 -3.84
N VAL A 43 6.71 -1.75 -4.00
CA VAL A 43 5.67 -2.72 -3.68
C VAL A 43 6.26 -3.96 -3.03
N GLU A 44 5.85 -4.21 -1.79
CA GLU A 44 6.33 -5.37 -1.04
C GLU A 44 5.20 -6.38 -0.81
N LEU A 45 5.51 -7.66 -1.01
CA LEU A 45 4.53 -8.72 -0.82
C LEU A 45 4.84 -9.54 0.43
N SER A 46 3.80 -10.08 1.04
CA SER A 46 3.96 -10.89 2.25
C SER A 46 4.36 -12.32 1.89
N PRO A 47 5.03 -13.00 2.83
CA PRO A 47 5.47 -14.38 2.64
C PRO A 47 4.29 -15.37 2.62
N HIS A 48 3.16 -14.94 3.17
CA HIS A 48 1.98 -15.79 3.22
C HIS A 48 1.49 -16.12 1.82
N THR A 49 1.12 -17.38 1.61
CA THR A 49 0.64 -17.84 0.30
C THR A 49 -0.78 -18.37 0.39
N ASP A 50 -1.55 -17.83 1.32
CA ASP A 50 -2.93 -18.26 1.51
C ASP A 50 -3.84 -17.05 1.76
N TYR A 51 -5.13 -17.32 1.97
CA TYR A 51 -6.10 -16.26 2.21
C TYR A 51 -5.49 -15.15 3.06
N GLN A 52 -4.54 -15.53 3.91
CA GLN A 52 -3.88 -14.56 4.78
C GLN A 52 -2.73 -13.87 4.07
N LEU A 53 -2.93 -13.58 2.78
CA LEU A 53 -1.91 -12.92 1.98
C LEU A 53 -2.10 -11.40 1.99
N LYS A 54 -1.13 -10.69 2.54
CA LYS A 54 -1.18 -9.23 2.61
C LYS A 54 -0.04 -8.61 1.83
N ALA A 55 -0.04 -7.28 1.74
CA ALA A 55 1.00 -6.56 1.02
C ALA A 55 1.04 -5.09 1.45
N VAL A 56 2.19 -4.45 1.24
CA VAL A 56 2.36 -3.06 1.60
C VAL A 56 2.89 -2.24 0.42
N VAL A 57 2.09 -1.29 -0.04
CA VAL A 57 2.48 -0.44 -1.16
C VAL A 57 3.04 0.89 -0.68
N GLN A 58 4.26 1.20 -1.10
CA GLN A 58 4.91 2.44 -0.70
C GLN A 58 4.69 3.52 -1.76
N MET A 59 4.42 4.74 -1.29
CA MET A 59 4.20 5.87 -2.19
C MET A 59 5.22 6.98 -1.96
N GLU A 60 5.71 7.57 -3.03
CA GLU A 60 6.69 8.65 -2.94
C GLU A 60 6.17 9.78 -2.06
N ASN A 61 5.02 10.34 -2.43
CA ASN A 61 4.43 11.43 -1.68
C ASN A 61 3.48 10.90 -0.61
N LEU A 62 3.37 11.63 0.49
CA LEU A 62 2.50 11.24 1.59
C LEU A 62 1.03 11.42 1.22
N GLN A 63 0.68 12.65 0.83
CA GLN A 63 -0.69 12.96 0.46
C GLN A 63 -1.18 12.02 -0.64
N ASP A 64 -0.27 11.64 -1.54
CA ASP A 64 -0.60 10.75 -2.64
C ASP A 64 -1.20 9.44 -2.11
N ALA A 65 -0.71 8.99 -0.97
CA ALA A 65 -1.19 7.75 -0.37
C ALA A 65 -2.57 7.95 0.25
N ILE A 66 -2.71 9.01 1.04
CA ILE A 66 -3.98 9.31 1.68
C ILE A 66 -5.16 9.03 0.76
N GLY A 67 -5.27 9.81 -0.31
CA GLY A 67 -6.35 9.62 -1.26
C GLY A 67 -6.31 8.27 -1.92
N ALA A 68 -5.11 7.83 -2.28
CA ALA A 68 -4.94 6.52 -2.93
C ALA A 68 -5.60 5.42 -2.13
N VAL A 69 -5.61 5.57 -0.81
CA VAL A 69 -6.22 4.59 0.07
C VAL A 69 -7.74 4.67 0.03
N ASN A 70 -8.28 5.79 0.50
CA ASN A 70 -9.72 5.98 0.52
C ASN A 70 -10.31 5.80 -0.88
N SER A 71 -9.46 5.86 -1.89
CA SER A 71 -9.90 5.70 -3.28
C SER A 71 -9.83 4.24 -3.70
N LEU A 72 -8.63 3.65 -3.61
CA LEU A 72 -8.43 2.26 -3.99
C LEU A 72 -9.11 1.32 -2.99
N HIS A 73 -9.50 1.88 -1.84
CA HIS A 73 -10.17 1.09 -0.80
C HIS A 73 -11.18 0.13 -1.42
N ARG A 74 -11.02 -1.15 -1.13
CA ARG A 74 -11.91 -2.17 -1.65
C ARG A 74 -11.88 -2.21 -3.17
N TYR A 75 -10.69 -1.96 -3.74
CA TYR A 75 -10.52 -1.96 -5.17
C TYR A 75 -10.82 -3.34 -5.76
N LYS A 76 -11.88 -3.41 -6.55
CA LYS A 76 -12.28 -4.67 -7.18
C LYS A 76 -11.10 -5.31 -7.92
N ILE A 77 -10.37 -6.17 -7.23
CA ILE A 77 -9.23 -6.85 -7.82
C ILE A 77 -9.41 -8.36 -7.81
N GLY A 78 -8.68 -9.05 -8.68
CA GLY A 78 -8.77 -10.50 -8.74
C GLY A 78 -10.18 -11.00 -8.48
N SER A 79 -10.37 -11.70 -7.37
CA SER A 79 -11.68 -12.24 -7.02
C SER A 79 -12.10 -11.77 -5.62
N LYS A 80 -11.38 -10.78 -5.10
CA LYS A 80 -11.68 -10.24 -3.78
C LYS A 80 -11.34 -8.76 -3.71
N LYS A 81 -12.12 -8.01 -2.93
CA LYS A 81 -11.88 -6.58 -2.78
C LYS A 81 -10.74 -6.31 -1.81
N ILE A 82 -9.71 -5.63 -2.29
CA ILE A 82 -8.55 -5.31 -1.46
C ILE A 82 -8.86 -4.15 -0.51
N LEU A 83 -8.48 -4.31 0.75
CA LEU A 83 -8.71 -3.28 1.76
C LEU A 83 -7.44 -2.46 2.00
N VAL A 84 -7.44 -1.23 1.50
CA VAL A 84 -6.30 -0.34 1.66
C VAL A 84 -6.41 0.46 2.96
N SER A 85 -5.26 0.77 3.55
CA SER A 85 -5.23 1.54 4.79
C SER A 85 -3.83 2.10 5.05
N LEU A 86 -3.76 3.35 5.49
CA LEU A 86 -2.49 4.00 5.77
C LEU A 86 -1.79 3.32 6.95
N ALA A 87 -0.51 3.64 7.12
CA ALA A 87 0.28 3.06 8.21
C ALA A 87 1.04 4.15 8.97
N THR A 88 1.68 3.77 10.07
CA THR A 88 2.44 4.70 10.88
C THR A 88 3.41 5.50 10.02
N GLY A 89 3.03 6.74 9.69
CA GLY A 89 3.87 7.59 8.87
C GLY A 89 5.09 8.09 9.63
N ALA A 90 5.09 9.38 9.94
CA ALA A 90 6.20 9.99 10.67
C ALA A 90 5.70 10.85 11.82
N SER A 91 5.92 10.39 13.05
CA SER A 91 5.49 11.12 14.22
C SER A 91 5.92 12.59 14.15
N GLY A 92 4.99 13.49 14.48
CA GLY A 92 5.30 14.90 14.44
C GLY A 92 4.28 15.74 15.20
N PRO A 93 4.51 15.91 16.51
CA PRO A 93 3.62 16.68 17.38
C PRO A 93 3.67 18.18 17.07
N SER A 94 2.49 18.80 16.98
CA SER A 94 2.41 20.23 16.69
C SER A 94 2.74 21.05 17.93
N SER A 95 3.65 22.00 17.76
CA SER A 95 4.07 22.87 18.86
C SER A 95 3.70 24.32 18.59
N GLY A 96 3.61 25.12 19.65
CA GLY A 96 3.26 26.51 19.50
C GLY A 96 4.45 27.38 19.14
N GLY A 1 7.33 29.47 12.64
CA GLY A 1 7.32 28.09 12.21
C GLY A 1 5.92 27.53 12.08
N SER A 2 5.54 27.18 10.86
CA SER A 2 4.21 26.63 10.60
C SER A 2 4.31 25.27 9.90
N SER A 3 5.04 25.25 8.79
CA SER A 3 5.21 24.01 8.02
C SER A 3 6.69 23.74 7.76
N GLY A 4 7.00 22.50 7.41
CA GLY A 4 8.37 22.13 7.13
C GLY A 4 8.74 20.78 7.71
N SER A 5 8.71 19.75 6.89
CA SER A 5 9.04 18.39 7.33
C SER A 5 9.99 17.72 6.35
N SER A 6 10.97 17.00 6.89
CA SER A 6 11.95 16.30 6.07
C SER A 6 11.27 15.42 5.03
N GLY A 7 10.30 14.63 5.49
CA GLY A 7 9.57 13.74 4.59
C GLY A 7 10.31 12.44 4.34
N ASN A 8 9.88 11.39 5.03
CA ASN A 8 10.51 10.08 4.89
C ASN A 8 9.87 9.29 3.74
N GLY A 9 8.56 9.09 3.83
CA GLY A 9 7.86 8.36 2.79
C GLY A 9 6.41 8.09 3.15
N ALA A 10 5.80 7.12 2.48
CA ALA A 10 4.41 6.77 2.73
C ALA A 10 4.18 5.28 2.57
N ASP A 11 3.71 4.63 3.63
CA ASP A 11 3.44 3.20 3.61
C ASP A 11 1.94 2.93 3.55
N VAL A 12 1.52 2.18 2.54
CA VAL A 12 0.11 1.85 2.37
C VAL A 12 -0.14 0.36 2.60
N GLN A 13 -0.77 0.04 3.73
CA GLN A 13 -1.06 -1.35 4.07
C GLN A 13 -2.16 -1.90 3.17
N VAL A 14 -1.88 -3.03 2.52
CA VAL A 14 -2.85 -3.67 1.64
C VAL A 14 -3.21 -5.06 2.14
N SER A 15 -4.51 -5.30 2.31
CA SER A 15 -4.99 -6.59 2.78
C SER A 15 -6.18 -7.07 1.95
N ASN A 16 -6.55 -8.34 2.13
CA ASN A 16 -7.66 -8.92 1.39
C ASN A 16 -7.32 -9.04 -0.10
N ILE A 17 -6.07 -9.38 -0.38
CA ILE A 17 -5.62 -9.54 -1.76
C ILE A 17 -5.90 -10.94 -2.28
N ASP A 18 -6.60 -11.03 -3.41
CA ASP A 18 -6.93 -12.31 -4.01
C ASP A 18 -5.67 -13.11 -4.31
N TYR A 19 -5.17 -13.83 -3.31
CA TYR A 19 -3.96 -14.63 -3.48
C TYR A 19 -4.01 -15.44 -4.77
N ARG A 20 -5.22 -15.85 -5.16
CA ARG A 20 -5.42 -16.63 -6.37
C ARG A 20 -4.49 -16.15 -7.47
N LEU A 21 -4.30 -14.83 -7.55
CA LEU A 21 -3.43 -14.23 -8.56
C LEU A 21 -1.96 -14.43 -8.22
N SER A 22 -1.11 -14.48 -9.24
CA SER A 22 0.32 -14.67 -9.05
C SER A 22 0.95 -13.42 -8.43
N ARG A 23 1.85 -13.63 -7.48
CA ARG A 23 2.53 -12.53 -6.80
C ARG A 23 2.94 -11.47 -7.80
N LYS A 24 3.49 -11.90 -8.94
CA LYS A 24 3.94 -10.98 -9.98
C LYS A 24 2.76 -10.19 -10.55
N GLU A 25 1.63 -10.88 -10.73
CA GLU A 25 0.43 -10.25 -11.27
C GLU A 25 -0.22 -9.35 -10.23
N LEU A 26 0.08 -9.59 -8.96
CA LEU A 26 -0.48 -8.81 -7.87
C LEU A 26 0.33 -7.54 -7.64
N GLN A 27 1.64 -7.70 -7.45
CA GLN A 27 2.52 -6.58 -7.22
C GLN A 27 2.44 -5.58 -8.36
N GLN A 28 2.27 -6.08 -9.58
CA GLN A 28 2.18 -5.23 -10.75
C GLN A 28 0.85 -4.46 -10.76
N LEU A 29 -0.24 -5.16 -10.50
CA LEU A 29 -1.56 -4.55 -10.47
C LEU A 29 -1.61 -3.43 -9.43
N LEU A 30 -1.38 -3.78 -8.18
CA LEU A 30 -1.40 -2.81 -7.09
C LEU A 30 -0.68 -1.52 -7.49
N GLN A 31 0.54 -1.67 -7.98
CA GLN A 31 1.34 -0.52 -8.41
C GLN A 31 0.60 0.30 -9.45
N GLU A 32 0.00 -0.39 -10.43
CA GLU A 32 -0.74 0.28 -11.49
C GLU A 32 -1.85 1.15 -10.92
N ALA A 33 -2.62 0.59 -10.01
CA ALA A 33 -3.72 1.32 -9.37
C ALA A 33 -3.20 2.55 -8.64
N PHE A 34 -2.34 2.32 -7.64
CA PHE A 34 -1.78 3.41 -6.85
C PHE A 34 -1.14 4.46 -7.76
N ALA A 35 -0.61 4.01 -8.89
CA ALA A 35 0.04 4.91 -9.85
C ALA A 35 -0.97 5.89 -10.43
N ARG A 36 -2.15 5.39 -10.78
CA ARG A 36 -3.20 6.23 -11.35
C ARG A 36 -3.48 7.44 -10.45
N HIS A 37 -3.22 7.28 -9.16
CA HIS A 37 -3.45 8.35 -8.20
C HIS A 37 -2.25 9.30 -8.14
N GLY A 38 -1.12 8.78 -7.66
CA GLY A 38 0.08 9.59 -7.56
C GLY A 38 1.28 8.93 -8.21
N LYS A 39 2.35 8.76 -7.44
CA LYS A 39 3.57 8.14 -7.95
C LYS A 39 4.05 7.03 -7.00
N VAL A 40 3.82 5.79 -7.39
CA VAL A 40 4.24 4.65 -6.58
C VAL A 40 5.74 4.71 -6.28
N LYS A 41 6.13 4.12 -5.15
CA LYS A 41 7.52 4.10 -4.74
C LYS A 41 8.08 2.68 -4.75
N SER A 42 7.31 1.76 -4.17
CA SER A 42 7.72 0.36 -4.10
C SER A 42 6.54 -0.54 -3.77
N VAL A 43 6.77 -1.85 -3.83
CA VAL A 43 5.71 -2.82 -3.53
C VAL A 43 6.28 -4.03 -2.78
N GLU A 44 5.77 -4.25 -1.56
CA GLU A 44 6.23 -5.36 -0.75
C GLU A 44 5.16 -6.43 -0.65
N LEU A 45 5.53 -7.68 -0.91
CA LEU A 45 4.60 -8.80 -0.85
C LEU A 45 4.89 -9.69 0.36
N SER A 46 3.84 -10.13 1.03
CA SER A 46 3.98 -10.99 2.21
C SER A 46 4.36 -12.40 1.80
N PRO A 47 5.06 -13.11 2.70
CA PRO A 47 5.50 -14.49 2.46
C PRO A 47 4.35 -15.47 2.43
N HIS A 48 3.20 -15.05 2.95
CA HIS A 48 2.02 -15.89 3.00
C HIS A 48 1.63 -16.37 1.59
N THR A 49 0.93 -17.49 1.53
CA THR A 49 0.51 -18.05 0.25
C THR A 49 -0.97 -18.43 0.27
N ASP A 50 -1.68 -17.94 1.28
CA ASP A 50 -3.11 -18.24 1.42
C ASP A 50 -3.93 -16.95 1.38
N TYR A 51 -5.25 -17.09 1.56
CA TYR A 51 -6.14 -15.95 1.54
C TYR A 51 -5.63 -14.85 2.45
N GLN A 52 -4.75 -15.21 3.37
CA GLN A 52 -4.18 -14.25 4.32
C GLN A 52 -3.02 -13.47 3.68
N LEU A 53 -2.94 -13.54 2.36
CA LEU A 53 -1.87 -12.85 1.63
C LEU A 53 -2.02 -11.34 1.74
N LYS A 54 -0.98 -10.68 2.23
CA LYS A 54 -1.00 -9.23 2.39
C LYS A 54 0.13 -8.59 1.60
N ALA A 55 0.17 -7.26 1.60
CA ALA A 55 1.21 -6.53 0.89
C ALA A 55 1.22 -5.05 1.31
N VAL A 56 2.36 -4.40 1.11
CA VAL A 56 2.51 -2.99 1.45
C VAL A 56 3.02 -2.18 0.28
N VAL A 57 2.21 -1.23 -0.18
CA VAL A 57 2.59 -0.37 -1.30
C VAL A 57 3.08 0.98 -0.82
N GLN A 58 4.33 1.30 -1.14
CA GLN A 58 4.92 2.58 -0.74
C GLN A 58 4.66 3.65 -1.79
N MET A 59 4.44 4.88 -1.34
CA MET A 59 4.18 5.99 -2.24
C MET A 59 5.21 7.10 -2.05
N GLU A 60 5.64 7.71 -3.14
CA GLU A 60 6.62 8.78 -3.10
C GLU A 60 6.17 9.90 -2.16
N ASN A 61 4.97 10.43 -2.44
CA ASN A 61 4.43 11.52 -1.63
C ASN A 61 3.46 10.97 -0.59
N LEU A 62 3.40 11.63 0.57
CA LEU A 62 2.53 11.21 1.65
C LEU A 62 1.06 11.41 1.28
N GLN A 63 0.71 12.64 0.93
CA GLN A 63 -0.67 12.96 0.54
C GLN A 63 -1.15 12.02 -0.56
N ASP A 64 -0.32 11.84 -1.58
CA ASP A 64 -0.67 10.97 -2.69
C ASP A 64 -1.26 9.66 -2.19
N ALA A 65 -0.80 9.20 -1.03
CA ALA A 65 -1.28 7.96 -0.45
C ALA A 65 -2.65 8.14 0.19
N ILE A 66 -2.78 9.18 1.02
CA ILE A 66 -4.04 9.48 1.69
C ILE A 66 -5.23 9.15 0.80
N GLY A 67 -5.29 9.80 -0.36
CA GLY A 67 -6.38 9.58 -1.29
C GLY A 67 -6.35 8.18 -1.88
N ALA A 68 -5.18 7.76 -2.34
CA ALA A 68 -5.01 6.44 -2.93
C ALA A 68 -5.65 5.36 -2.06
N VAL A 69 -5.60 5.57 -0.74
CA VAL A 69 -6.17 4.61 0.20
C VAL A 69 -7.69 4.69 0.20
N ASN A 70 -8.22 5.84 0.64
CA ASN A 70 -9.67 6.03 0.69
C ASN A 70 -10.30 5.82 -0.68
N SER A 71 -9.47 5.89 -1.72
CA SER A 71 -9.94 5.71 -3.09
C SER A 71 -9.90 4.25 -3.50
N LEU A 72 -8.70 3.66 -3.46
CA LEU A 72 -8.52 2.26 -3.82
C LEU A 72 -9.22 1.34 -2.82
N HIS A 73 -9.62 1.91 -1.69
CA HIS A 73 -10.30 1.15 -0.65
C HIS A 73 -11.37 0.24 -1.25
N ARG A 74 -11.27 -1.06 -0.97
CA ARG A 74 -12.21 -2.03 -1.49
C ARG A 74 -12.20 -2.05 -3.02
N TYR A 75 -11.02 -1.88 -3.59
CA TYR A 75 -10.87 -1.88 -5.04
C TYR A 75 -11.12 -3.26 -5.63
N LYS A 76 -12.21 -3.38 -6.38
CA LYS A 76 -12.57 -4.64 -7.00
C LYS A 76 -11.42 -5.21 -7.82
N ILE A 77 -10.58 -6.01 -7.18
CA ILE A 77 -9.42 -6.61 -7.85
C ILE A 77 -9.56 -8.13 -7.91
N GLY A 78 -8.89 -8.74 -8.88
CA GLY A 78 -8.94 -10.18 -9.04
C GLY A 78 -10.30 -10.75 -8.66
N SER A 79 -10.31 -11.55 -7.60
CA SER A 79 -11.55 -12.17 -7.14
C SER A 79 -11.85 -11.78 -5.69
N LYS A 80 -11.22 -10.71 -5.24
CA LYS A 80 -11.42 -10.22 -3.88
C LYS A 80 -11.15 -8.72 -3.79
N LYS A 81 -11.97 -8.02 -3.02
CA LYS A 81 -11.83 -6.58 -2.85
C LYS A 81 -10.67 -6.27 -1.89
N ILE A 82 -9.68 -5.55 -2.39
CA ILE A 82 -8.53 -5.17 -1.58
C ILE A 82 -8.88 -4.04 -0.62
N LEU A 83 -8.34 -4.11 0.59
CA LEU A 83 -8.58 -3.08 1.60
C LEU A 83 -7.32 -2.27 1.87
N VAL A 84 -7.35 -1.00 1.48
CA VAL A 84 -6.21 -0.11 1.69
C VAL A 84 -6.33 0.63 3.01
N SER A 85 -5.18 0.87 3.65
CA SER A 85 -5.15 1.57 4.92
C SER A 85 -3.76 2.15 5.20
N LEU A 86 -3.73 3.43 5.55
CA LEU A 86 -2.46 4.09 5.85
C LEU A 86 -1.72 3.40 6.98
N ALA A 87 -0.41 3.62 7.04
CA ALA A 87 0.42 3.02 8.09
C ALA A 87 1.34 4.06 8.72
N THR A 88 1.46 4.01 10.04
CA THR A 88 2.31 4.94 10.77
C THR A 88 2.61 4.44 12.17
N GLY A 89 3.83 4.66 12.63
CA GLY A 89 4.22 4.22 13.96
C GLY A 89 3.80 5.20 15.04
N ALA A 90 4.69 6.14 15.36
CA ALA A 90 4.41 7.14 16.38
C ALA A 90 5.40 8.30 16.30
N SER A 91 5.10 9.38 17.01
CA SER A 91 5.96 10.56 17.02
C SER A 91 6.56 10.79 18.40
N GLY A 92 5.70 10.78 19.41
CA GLY A 92 6.16 11.00 20.77
C GLY A 92 5.07 10.75 21.80
N PRO A 93 4.92 9.48 22.23
CA PRO A 93 3.91 9.09 23.21
C PRO A 93 4.23 9.62 24.60
N SER A 94 5.51 9.61 24.96
CA SER A 94 5.94 10.09 26.27
C SER A 94 5.71 11.59 26.41
N SER A 95 4.64 11.97 27.11
CA SER A 95 4.30 13.37 27.30
C SER A 95 5.54 14.17 27.66
N GLY A 96 5.87 15.15 26.82
CA GLY A 96 7.03 15.98 27.07
C GLY A 96 6.76 17.45 26.83
N GLY A 1 18.54 8.23 4.31
CA GLY A 1 19.72 9.09 4.29
C GLY A 1 20.80 8.63 5.25
N SER A 2 21.33 9.56 6.02
CA SER A 2 22.39 9.24 6.99
C SER A 2 21.85 8.38 8.12
N SER A 3 20.76 8.84 8.73
CA SER A 3 20.14 8.12 9.83
C SER A 3 18.67 7.81 9.54
N GLY A 4 18.24 6.60 9.88
CA GLY A 4 16.86 6.22 9.64
C GLY A 4 16.71 5.38 8.38
N SER A 5 16.34 4.12 8.56
CA SER A 5 16.15 3.21 7.42
C SER A 5 14.67 2.97 7.15
N SER A 6 13.93 2.62 8.19
CA SER A 6 12.50 2.36 8.05
C SER A 6 11.70 3.63 8.33
N GLY A 7 10.82 3.98 7.40
CA GLY A 7 10.00 5.17 7.55
C GLY A 7 10.30 6.23 6.51
N ASN A 8 10.33 7.48 6.94
CA ASN A 8 10.61 8.59 6.04
C ASN A 8 9.98 8.35 4.66
N GLY A 9 8.74 7.86 4.67
CA GLY A 9 8.05 7.58 3.43
C GLY A 9 6.56 7.36 3.63
N ALA A 10 5.90 6.83 2.60
CA ALA A 10 4.46 6.57 2.67
C ALA A 10 4.18 5.08 2.54
N ASP A 11 3.85 4.45 3.68
CA ASP A 11 3.55 3.03 3.69
C ASP A 11 2.04 2.79 3.66
N VAL A 12 1.57 2.08 2.64
CA VAL A 12 0.16 1.79 2.50
C VAL A 12 -0.13 0.31 2.75
N GLN A 13 -0.79 0.02 3.86
CA GLN A 13 -1.13 -1.35 4.22
C GLN A 13 -2.23 -1.89 3.32
N VAL A 14 -1.96 -3.02 2.67
CA VAL A 14 -2.93 -3.65 1.78
C VAL A 14 -3.24 -5.07 2.21
N SER A 15 -4.53 -5.38 2.36
CA SER A 15 -4.96 -6.71 2.77
C SER A 15 -6.13 -7.20 1.92
N ASN A 16 -6.45 -8.47 2.05
CA ASN A 16 -7.55 -9.06 1.30
C ASN A 16 -7.22 -9.12 -0.19
N ILE A 17 -5.96 -9.41 -0.51
CA ILE A 17 -5.52 -9.49 -1.88
C ILE A 17 -5.74 -10.90 -2.45
N ASP A 18 -6.59 -10.99 -3.46
CA ASP A 18 -6.89 -12.27 -4.09
C ASP A 18 -5.62 -13.07 -4.34
N TYR A 19 -5.32 -14.00 -3.42
CA TYR A 19 -4.14 -14.83 -3.54
C TYR A 19 -4.11 -15.57 -4.87
N ARG A 20 -5.28 -16.05 -5.30
CA ARG A 20 -5.38 -16.77 -6.56
C ARG A 20 -4.42 -16.22 -7.60
N LEU A 21 -4.48 -14.91 -7.83
CA LEU A 21 -3.61 -14.25 -8.79
C LEU A 21 -2.14 -14.45 -8.42
N SER A 22 -1.27 -14.43 -9.43
CA SER A 22 0.15 -14.60 -9.21
C SER A 22 0.75 -13.35 -8.56
N ARG A 23 1.68 -13.57 -7.63
CA ARG A 23 2.34 -12.47 -6.93
C ARG A 23 2.87 -11.44 -7.92
N LYS A 24 3.58 -11.92 -8.94
CA LYS A 24 4.16 -11.05 -9.96
C LYS A 24 3.07 -10.22 -10.64
N GLU A 25 1.86 -10.79 -10.72
CA GLU A 25 0.74 -10.11 -11.34
C GLU A 25 0.05 -9.17 -10.36
N LEU A 26 0.25 -9.43 -9.07
CA LEU A 26 -0.36 -8.60 -8.03
C LEU A 26 0.50 -7.38 -7.75
N GLN A 27 1.80 -7.59 -7.60
CA GLN A 27 2.73 -6.50 -7.32
C GLN A 27 2.68 -5.46 -8.44
N GLN A 28 2.47 -5.92 -9.67
CA GLN A 28 2.42 -5.03 -10.82
C GLN A 28 1.07 -4.31 -10.88
N LEU A 29 -0.01 -5.07 -10.75
CA LEU A 29 -1.36 -4.52 -10.79
C LEU A 29 -1.52 -3.42 -9.74
N LEU A 30 -1.29 -3.79 -8.48
CA LEU A 30 -1.42 -2.83 -7.39
C LEU A 30 -0.71 -1.52 -7.71
N GLN A 31 0.53 -1.62 -8.19
CA GLN A 31 1.30 -0.44 -8.55
C GLN A 31 0.55 0.42 -9.55
N GLU A 32 -0.06 -0.22 -10.54
CA GLU A 32 -0.81 0.49 -11.57
C GLU A 32 -1.88 1.37 -10.95
N ALA A 33 -2.71 0.78 -10.10
CA ALA A 33 -3.78 1.51 -9.42
C ALA A 33 -3.23 2.71 -8.66
N PHE A 34 -2.36 2.44 -7.70
CA PHE A 34 -1.76 3.49 -6.89
C PHE A 34 -1.09 4.55 -7.78
N ALA A 35 -0.65 4.11 -8.96
CA ALA A 35 0.01 5.01 -9.90
C ALA A 35 -0.98 6.01 -10.49
N ARG A 36 -2.21 5.54 -10.74
CA ARG A 36 -3.24 6.39 -11.31
C ARG A 36 -3.54 7.59 -10.40
N HIS A 37 -3.10 7.49 -9.15
CA HIS A 37 -3.32 8.56 -8.18
C HIS A 37 -2.10 9.47 -8.10
N GLY A 38 -0.98 8.92 -7.61
CA GLY A 38 0.23 9.70 -7.50
C GLY A 38 1.42 9.02 -8.15
N LYS A 39 2.44 8.71 -7.35
CA LYS A 39 3.64 8.05 -7.85
C LYS A 39 4.05 6.90 -6.94
N VAL A 40 3.96 5.68 -7.46
CA VAL A 40 4.33 4.50 -6.69
C VAL A 40 5.83 4.49 -6.39
N LYS A 41 6.16 4.33 -5.11
CA LYS A 41 7.55 4.31 -4.68
C LYS A 41 8.10 2.88 -4.73
N SER A 42 7.31 1.93 -4.25
CA SER A 42 7.73 0.54 -4.22
C SER A 42 6.56 -0.37 -3.88
N VAL A 43 6.75 -1.68 -4.04
CA VAL A 43 5.71 -2.66 -3.74
C VAL A 43 6.29 -3.89 -3.07
N GLU A 44 5.77 -4.22 -1.89
CA GLU A 44 6.23 -5.38 -1.15
C GLU A 44 5.11 -6.38 -0.92
N LEU A 45 5.39 -7.65 -1.15
CA LEU A 45 4.39 -8.71 -0.97
C LEU A 45 4.79 -9.66 0.16
N SER A 46 3.80 -10.17 0.89
CA SER A 46 4.06 -11.08 1.99
C SER A 46 4.19 -12.52 1.48
N PRO A 47 4.95 -13.34 2.22
CA PRO A 47 5.17 -14.74 1.87
C PRO A 47 3.91 -15.59 2.04
N HIS A 48 2.93 -15.04 2.76
CA HIS A 48 1.67 -15.74 2.99
C HIS A 48 1.00 -16.13 1.68
N THR A 49 0.77 -17.42 1.49
CA THR A 49 0.14 -17.92 0.27
C THR A 49 -1.27 -18.43 0.55
N ASP A 50 -2.00 -17.70 1.39
CA ASP A 50 -3.37 -18.08 1.74
C ASP A 50 -4.18 -16.86 2.15
N TYR A 51 -5.42 -17.09 2.57
CA TYR A 51 -6.30 -16.02 3.00
C TYR A 51 -5.53 -14.96 3.78
N GLN A 52 -4.48 -15.40 4.47
CA GLN A 52 -3.65 -14.49 5.25
C GLN A 52 -2.60 -13.81 4.39
N LEU A 53 -2.99 -13.45 3.17
CA LEU A 53 -2.09 -12.79 2.24
C LEU A 53 -2.21 -11.28 2.33
N LYS A 54 -1.12 -10.61 2.68
CA LYS A 54 -1.11 -9.16 2.80
C LYS A 54 0.03 -8.56 2.00
N ALA A 55 0.05 -7.23 1.91
CA ALA A 55 1.09 -6.52 1.17
C ALA A 55 1.16 -5.05 1.58
N VAL A 56 2.26 -4.41 1.25
CA VAL A 56 2.45 -3.00 1.58
C VAL A 56 2.95 -2.21 0.38
N VAL A 57 2.14 -1.27 -0.09
CA VAL A 57 2.49 -0.44 -1.24
C VAL A 57 3.12 0.87 -0.80
N GLN A 58 4.34 1.12 -1.26
CA GLN A 58 5.05 2.35 -0.92
C GLN A 58 4.75 3.46 -1.91
N MET A 59 4.58 4.67 -1.41
CA MET A 59 4.28 5.82 -2.26
C MET A 59 5.31 6.92 -2.07
N GLU A 60 5.45 7.78 -3.08
CA GLU A 60 6.41 8.87 -3.03
C GLU A 60 5.87 10.04 -2.19
N ASN A 61 4.68 10.52 -2.57
CA ASN A 61 4.05 11.63 -1.86
C ASN A 61 3.13 11.12 -0.76
N LEU A 62 3.24 11.70 0.42
CA LEU A 62 2.42 11.31 1.56
C LEU A 62 0.93 11.48 1.24
N GLN A 63 0.56 12.67 0.80
CA GLN A 63 -0.83 12.96 0.45
C GLN A 63 -1.34 11.98 -0.62
N ASP A 64 -0.48 11.69 -1.59
CA ASP A 64 -0.84 10.77 -2.66
C ASP A 64 -1.37 9.46 -2.10
N ALA A 65 -0.83 9.03 -0.97
CA ALA A 65 -1.25 7.79 -0.34
C ALA A 65 -2.62 7.95 0.32
N ILE A 66 -2.76 9.01 1.12
CA ILE A 66 -4.02 9.27 1.81
C ILE A 66 -5.22 9.03 0.89
N GLY A 67 -5.25 9.74 -0.23
CA GLY A 67 -6.35 9.58 -1.18
C GLY A 67 -6.36 8.22 -1.83
N ALA A 68 -5.18 7.77 -2.27
CA ALA A 68 -5.06 6.47 -2.92
C ALA A 68 -5.69 5.37 -2.07
N VAL A 69 -5.65 5.55 -0.75
CA VAL A 69 -6.22 4.57 0.17
C VAL A 69 -7.75 4.66 0.18
N ASN A 70 -8.27 5.77 0.67
CA ASN A 70 -9.71 5.97 0.75
C ASN A 70 -10.35 5.81 -0.63
N SER A 71 -9.54 5.95 -1.67
CA SER A 71 -10.03 5.81 -3.04
C SER A 71 -9.99 4.36 -3.50
N LEU A 72 -8.80 3.77 -3.50
CA LEU A 72 -8.62 2.38 -3.90
C LEU A 72 -9.30 1.44 -2.91
N HIS A 73 -9.64 1.96 -1.74
CA HIS A 73 -10.29 1.16 -0.71
C HIS A 73 -11.30 0.19 -1.34
N ARG A 74 -11.13 -1.09 -1.06
CA ARG A 74 -12.02 -2.12 -1.59
C ARG A 74 -11.99 -2.13 -3.12
N TYR A 75 -10.82 -1.85 -3.68
CA TYR A 75 -10.65 -1.82 -5.13
C TYR A 75 -10.91 -3.19 -5.73
N LYS A 76 -11.96 -3.30 -6.55
CA LYS A 76 -12.31 -4.55 -7.20
C LYS A 76 -11.13 -5.12 -7.96
N ILE A 77 -10.39 -6.04 -7.33
CA ILE A 77 -9.24 -6.67 -7.96
C ILE A 77 -9.39 -8.18 -7.99
N GLY A 78 -8.66 -8.81 -8.91
CA GLY A 78 -8.72 -10.26 -9.03
C GLY A 78 -10.11 -10.81 -8.75
N SER A 79 -10.22 -11.59 -7.67
CA SER A 79 -11.50 -12.17 -7.28
C SER A 79 -11.86 -11.80 -5.85
N LYS A 80 -11.21 -10.76 -5.34
CA LYS A 80 -11.47 -10.30 -3.98
C LYS A 80 -11.20 -8.80 -3.86
N LYS A 81 -11.96 -8.15 -2.98
CA LYS A 81 -11.80 -6.71 -2.77
C LYS A 81 -10.61 -6.42 -1.86
N ILE A 82 -9.68 -5.60 -2.35
CA ILE A 82 -8.49 -5.24 -1.58
C ILE A 82 -8.79 -4.10 -0.61
N LEU A 83 -8.36 -4.25 0.63
CA LEU A 83 -8.56 -3.23 1.65
C LEU A 83 -7.29 -2.41 1.87
N VAL A 84 -7.37 -1.12 1.54
CA VAL A 84 -6.23 -0.22 1.71
C VAL A 84 -6.31 0.52 3.03
N SER A 85 -5.14 0.84 3.59
CA SER A 85 -5.08 1.55 4.86
C SER A 85 -3.69 2.15 5.08
N LEU A 86 -3.64 3.36 5.60
CA LEU A 86 -2.38 4.05 5.86
C LEU A 86 -1.65 3.40 7.04
N ALA A 87 -0.34 3.59 7.09
CA ALA A 87 0.48 3.03 8.16
C ALA A 87 1.35 4.10 8.81
N THR A 88 1.40 4.10 10.13
CA THR A 88 2.19 5.07 10.87
C THR A 88 3.11 4.39 11.88
N GLY A 89 4.42 4.50 11.66
CA GLY A 89 5.38 3.89 12.56
C GLY A 89 6.35 4.89 13.13
N ALA A 90 5.89 5.72 14.06
CA ALA A 90 6.73 6.73 14.68
C ALA A 90 6.70 6.62 16.20
N SER A 91 7.87 6.71 16.82
CA SER A 91 7.97 6.60 18.28
C SER A 91 7.83 7.98 18.93
N GLY A 92 7.39 7.98 20.18
CA GLY A 92 7.21 9.24 20.90
C GLY A 92 8.53 9.91 21.20
N PRO A 93 9.40 9.21 21.96
CA PRO A 93 10.72 9.74 22.34
C PRO A 93 11.67 9.83 21.15
N SER A 94 11.17 9.49 19.97
CA SER A 94 11.98 9.53 18.76
C SER A 94 11.52 10.67 17.84
N SER A 95 12.48 11.44 17.34
CA SER A 95 12.19 12.55 16.45
C SER A 95 11.53 12.07 15.16
N GLY A 96 11.00 13.00 14.38
CA GLY A 96 10.35 12.64 13.13
C GLY A 96 9.07 13.42 12.90
N GLY A 1 15.63 -9.12 12.80
CA GLY A 1 14.41 -8.40 12.45
C GLY A 1 14.68 -7.00 11.95
N SER A 2 13.64 -6.17 11.90
CA SER A 2 13.77 -4.80 11.45
C SER A 2 14.97 -4.12 12.09
N SER A 3 15.89 -3.61 11.27
CA SER A 3 17.08 -2.95 11.76
C SER A 3 17.27 -1.59 11.09
N GLY A 4 16.79 -0.54 11.74
CA GLY A 4 16.91 0.80 11.19
C GLY A 4 15.69 1.66 11.48
N SER A 5 15.57 2.78 10.77
CA SER A 5 14.45 3.69 10.95
C SER A 5 13.26 3.26 10.10
N SER A 6 12.07 3.29 10.70
CA SER A 6 10.85 2.90 10.00
C SER A 6 10.04 4.13 9.61
N GLY A 7 9.26 4.00 8.53
CA GLY A 7 8.46 5.10 8.06
C GLY A 7 9.13 5.90 6.96
N ASN A 8 9.25 5.29 5.78
CA ASN A 8 9.89 5.94 4.65
C ASN A 8 8.85 6.38 3.62
N GLY A 9 8.70 7.70 3.47
CA GLY A 9 7.74 8.24 2.53
C GLY A 9 6.31 7.98 2.95
N ALA A 10 5.60 7.18 2.17
CA ALA A 10 4.20 6.86 2.47
C ALA A 10 3.95 5.37 2.33
N ASP A 11 3.78 4.68 3.47
CA ASP A 11 3.54 3.25 3.46
C ASP A 11 2.03 2.96 3.42
N VAL A 12 1.62 2.17 2.44
CA VAL A 12 0.21 1.81 2.29
C VAL A 12 -0.02 0.33 2.56
N GLN A 13 -0.63 0.03 3.70
CA GLN A 13 -0.91 -1.34 4.09
C GLN A 13 -2.05 -1.92 3.24
N VAL A 14 -1.77 -3.04 2.58
CA VAL A 14 -2.77 -3.69 1.74
C VAL A 14 -3.18 -5.04 2.33
N SER A 15 -4.49 -5.26 2.39
CA SER A 15 -5.01 -6.52 2.93
C SER A 15 -6.11 -7.08 2.03
N ASN A 16 -6.49 -8.33 2.29
CA ASN A 16 -7.52 -9.00 1.50
C ASN A 16 -7.17 -8.97 0.02
N ILE A 17 -5.96 -9.41 -0.31
CA ILE A 17 -5.50 -9.44 -1.68
C ILE A 17 -5.72 -10.82 -2.31
N ASP A 18 -6.53 -10.86 -3.37
CA ASP A 18 -6.81 -12.11 -4.05
C ASP A 18 -5.55 -12.97 -4.20
N TYR A 19 -5.35 -13.87 -3.24
CA TYR A 19 -4.17 -14.74 -3.26
C TYR A 19 -4.10 -15.52 -4.57
N ARG A 20 -5.25 -15.99 -5.04
CA ARG A 20 -5.32 -16.75 -6.28
C ARG A 20 -4.32 -16.21 -7.30
N LEU A 21 -4.42 -14.92 -7.58
CA LEU A 21 -3.52 -14.28 -8.55
C LEU A 21 -2.06 -14.50 -8.17
N SER A 22 -1.18 -14.36 -9.15
CA SER A 22 0.25 -14.54 -8.92
C SER A 22 0.85 -13.32 -8.25
N ARG A 23 2.04 -13.50 -7.66
CA ARG A 23 2.72 -12.40 -6.98
C ARG A 23 3.11 -11.31 -7.97
N LYS A 24 3.66 -11.72 -9.11
CA LYS A 24 4.08 -10.78 -10.15
C LYS A 24 2.88 -9.99 -10.67
N GLU A 25 1.72 -10.63 -10.71
CA GLU A 25 0.50 -9.99 -11.20
C GLU A 25 -0.14 -9.14 -10.10
N LEU A 26 0.15 -9.48 -8.85
CA LEU A 26 -0.39 -8.75 -7.71
C LEU A 26 0.44 -7.52 -7.40
N GLN A 27 1.76 -7.64 -7.55
CA GLN A 27 2.67 -6.54 -7.29
C GLN A 27 2.63 -5.53 -8.44
N GLN A 28 2.30 -6.01 -9.63
CA GLN A 28 2.24 -5.15 -10.81
C GLN A 28 0.88 -4.45 -10.89
N LEU A 29 -0.18 -5.20 -10.66
CA LEU A 29 -1.54 -4.65 -10.71
C LEU A 29 -1.71 -3.54 -9.68
N LEU A 30 -1.40 -3.85 -8.43
CA LEU A 30 -1.52 -2.89 -7.34
C LEU A 30 -0.80 -1.59 -7.69
N GLN A 31 0.42 -1.71 -8.20
CA GLN A 31 1.22 -0.54 -8.57
C GLN A 31 0.48 0.30 -9.61
N GLU A 32 -0.17 -0.36 -10.55
CA GLU A 32 -0.92 0.34 -11.60
C GLU A 32 -1.98 1.24 -11.00
N ALA A 33 -2.82 0.68 -10.15
CA ALA A 33 -3.89 1.43 -9.51
C ALA A 33 -3.32 2.61 -8.72
N PHE A 34 -2.43 2.31 -7.77
CA PHE A 34 -1.82 3.35 -6.95
C PHE A 34 -1.17 4.43 -7.82
N ALA A 35 -0.62 4.01 -8.96
CA ALA A 35 0.03 4.93 -9.88
C ALA A 35 -0.96 5.94 -10.45
N ARG A 36 -2.16 5.45 -10.78
CA ARG A 36 -3.20 6.30 -11.33
C ARG A 36 -3.50 7.47 -10.40
N HIS A 37 -3.13 7.33 -9.13
CA HIS A 37 -3.35 8.37 -8.14
C HIS A 37 -2.13 9.29 -8.03
N GLY A 38 -1.02 8.74 -7.55
CA GLY A 38 0.20 9.51 -7.40
C GLY A 38 1.39 8.87 -8.06
N LYS A 39 2.40 8.54 -7.27
CA LYS A 39 3.61 7.91 -7.78
C LYS A 39 4.02 6.74 -6.90
N VAL A 40 3.92 5.53 -7.43
CA VAL A 40 4.29 4.32 -6.69
C VAL A 40 5.79 4.28 -6.44
N LYS A 41 6.17 4.32 -5.16
CA LYS A 41 7.57 4.28 -4.78
C LYS A 41 8.11 2.85 -4.83
N SER A 42 7.30 1.90 -4.39
CA SER A 42 7.70 0.50 -4.37
C SER A 42 6.51 -0.39 -3.98
N VAL A 43 6.70 -1.70 -4.16
CA VAL A 43 5.65 -2.67 -3.83
C VAL A 43 6.24 -3.89 -3.14
N GLU A 44 5.69 -4.23 -1.98
CA GLU A 44 6.16 -5.38 -1.22
C GLU A 44 5.03 -6.38 -1.00
N LEU A 45 5.35 -7.67 -1.15
CA LEU A 45 4.36 -8.73 -0.97
C LEU A 45 4.74 -9.63 0.20
N SER A 46 3.74 -10.07 0.95
CA SER A 46 3.95 -10.93 2.10
C SER A 46 4.15 -12.39 1.66
N PRO A 47 4.78 -13.19 2.54
CA PRO A 47 5.05 -14.61 2.26
C PRO A 47 3.76 -15.44 2.27
N HIS A 48 2.81 -15.03 3.09
CA HIS A 48 1.53 -15.75 3.19
C HIS A 48 0.97 -16.04 1.81
N THR A 49 0.83 -17.33 1.50
CA THR A 49 0.30 -17.75 0.20
C THR A 49 -1.14 -18.22 0.33
N ASP A 50 -1.90 -17.58 1.21
CA ASP A 50 -3.29 -17.93 1.42
C ASP A 50 -4.14 -16.67 1.62
N TYR A 51 -5.44 -16.87 1.86
CA TYR A 51 -6.35 -15.76 2.06
C TYR A 51 -5.72 -14.69 2.95
N GLN A 52 -4.78 -15.10 3.78
CA GLN A 52 -4.10 -14.18 4.69
C GLN A 52 -2.94 -13.48 3.97
N LEU A 53 -3.02 -13.43 2.65
CA LEU A 53 -1.97 -12.78 1.85
C LEU A 53 -2.13 -11.26 1.89
N LYS A 54 -1.14 -10.60 2.49
CA LYS A 54 -1.15 -9.15 2.59
C LYS A 54 -0.01 -8.53 1.80
N ALA A 55 0.07 -7.20 1.82
CA ALA A 55 1.12 -6.50 1.10
C ALA A 55 1.26 -5.07 1.59
N VAL A 56 2.28 -4.36 1.09
CA VAL A 56 2.52 -2.98 1.49
C VAL A 56 3.01 -2.15 0.31
N VAL A 57 2.14 -1.27 -0.18
CA VAL A 57 2.50 -0.42 -1.31
C VAL A 57 3.06 0.92 -0.84
N GLN A 58 4.29 1.22 -1.26
CA GLN A 58 4.95 2.46 -0.88
C GLN A 58 4.73 3.54 -1.93
N MET A 59 4.45 4.75 -1.48
CA MET A 59 4.22 5.87 -2.38
C MET A 59 5.26 6.98 -2.16
N GLU A 60 5.63 7.66 -3.23
CA GLU A 60 6.60 8.75 -3.14
C GLU A 60 6.09 9.87 -2.26
N ASN A 61 4.91 10.39 -2.60
CA ASN A 61 4.31 11.48 -1.83
C ASN A 61 3.44 10.93 -0.70
N LEU A 62 3.30 11.71 0.37
CA LEU A 62 2.50 11.31 1.51
C LEU A 62 1.01 11.46 1.21
N GLN A 63 0.62 12.64 0.77
CA GLN A 63 -0.77 12.92 0.44
C GLN A 63 -1.27 11.97 -0.64
N ASP A 64 -0.41 11.66 -1.61
CA ASP A 64 -0.78 10.77 -2.70
C ASP A 64 -1.32 9.44 -2.16
N ALA A 65 -0.75 8.99 -1.04
CA ALA A 65 -1.18 7.75 -0.42
C ALA A 65 -2.52 7.91 0.27
N ILE A 66 -2.62 8.90 1.17
CA ILE A 66 -3.85 9.16 1.89
C ILE A 66 -5.07 8.88 1.03
N GLY A 67 -5.21 9.64 -0.05
CA GLY A 67 -6.34 9.45 -0.95
C GLY A 67 -6.33 8.08 -1.62
N ALA A 68 -5.16 7.66 -2.08
CA ALA A 68 -5.02 6.37 -2.74
C ALA A 68 -5.64 5.26 -1.90
N VAL A 69 -5.58 5.42 -0.58
CA VAL A 69 -6.15 4.43 0.33
C VAL A 69 -7.67 4.50 0.36
N ASN A 70 -8.20 5.60 0.88
CA ASN A 70 -9.64 5.79 0.97
C ASN A 70 -10.28 5.65 -0.41
N SER A 71 -9.47 5.77 -1.46
CA SER A 71 -9.97 5.66 -2.82
C SER A 71 -9.91 4.21 -3.31
N LEU A 72 -8.71 3.65 -3.32
CA LEU A 72 -8.52 2.27 -3.76
C LEU A 72 -9.15 1.30 -2.78
N HIS A 73 -9.62 1.81 -1.65
CA HIS A 73 -10.25 0.98 -0.62
C HIS A 73 -11.30 0.08 -1.25
N ARG A 74 -11.15 -1.22 -1.02
CA ARG A 74 -12.09 -2.20 -1.56
C ARG A 74 -12.07 -2.19 -3.09
N TYR A 75 -10.92 -1.88 -3.66
CA TYR A 75 -10.77 -1.83 -5.11
C TYR A 75 -10.95 -3.21 -5.72
N LYS A 76 -12.03 -3.37 -6.49
CA LYS A 76 -12.32 -4.65 -7.13
C LYS A 76 -11.12 -5.15 -7.91
N ILE A 77 -10.29 -5.97 -7.25
CA ILE A 77 -9.11 -6.53 -7.88
C ILE A 77 -9.17 -8.06 -7.92
N GLY A 78 -8.43 -8.65 -8.85
CA GLY A 78 -8.42 -10.09 -8.99
C GLY A 78 -9.80 -10.70 -8.83
N SER A 79 -10.00 -11.45 -7.75
CA SER A 79 -11.28 -12.10 -7.50
C SER A 79 -11.89 -11.60 -6.21
N LYS A 80 -11.19 -10.69 -5.54
CA LYS A 80 -11.67 -10.12 -4.28
C LYS A 80 -11.23 -8.67 -4.14
N LYS A 81 -11.95 -7.93 -3.29
CA LYS A 81 -11.64 -6.53 -3.06
C LYS A 81 -10.41 -6.38 -2.15
N ILE A 82 -9.64 -5.33 -2.37
CA ILE A 82 -8.45 -5.07 -1.57
C ILE A 82 -8.72 -4.02 -0.51
N LEU A 83 -8.32 -4.33 0.73
CA LEU A 83 -8.51 -3.40 1.84
C LEU A 83 -7.26 -2.56 2.08
N VAL A 84 -7.27 -1.33 1.57
CA VAL A 84 -6.14 -0.43 1.75
C VAL A 84 -6.23 0.33 3.05
N SER A 85 -5.08 0.71 3.59
CA SER A 85 -5.03 1.46 4.85
C SER A 85 -3.64 2.06 5.08
N LEU A 86 -3.61 3.23 5.69
CA LEU A 86 -2.35 3.92 5.96
C LEU A 86 -1.65 3.31 7.17
N ALA A 87 -0.34 3.50 7.26
CA ALA A 87 0.45 2.97 8.37
C ALA A 87 1.22 4.08 9.07
N THR A 88 0.86 4.33 10.32
CA THR A 88 1.52 5.37 11.11
C THR A 88 2.45 4.77 12.16
N GLY A 89 3.33 5.59 12.71
CA GLY A 89 4.26 5.12 13.72
C GLY A 89 3.78 5.39 15.13
N ALA A 90 4.69 5.75 16.02
CA ALA A 90 4.36 6.03 17.40
C ALA A 90 3.34 7.17 17.49
N SER A 91 2.49 7.11 18.52
CA SER A 91 1.46 8.13 18.71
C SER A 91 2.05 9.53 18.54
N GLY A 92 3.20 9.77 19.17
CA GLY A 92 3.84 11.06 19.05
C GLY A 92 3.24 12.09 20.01
N PRO A 93 4.07 13.05 20.44
CA PRO A 93 3.63 14.11 21.37
C PRO A 93 2.67 15.09 20.71
N SER A 94 1.47 15.20 21.27
CA SER A 94 0.45 16.10 20.74
C SER A 94 0.84 17.56 20.97
N SER A 95 0.41 18.43 20.07
CA SER A 95 0.72 19.86 20.18
C SER A 95 2.23 20.08 20.22
N GLY A 96 2.96 19.35 19.39
CA GLY A 96 4.40 19.48 19.35
C GLY A 96 4.90 20.05 18.04
N GLY A 1 15.28 2.92 13.05
CA GLY A 1 16.71 2.65 13.06
C GLY A 1 17.51 3.84 13.53
N SER A 2 18.19 4.50 12.59
CA SER A 2 19.00 5.66 12.91
C SER A 2 18.29 6.96 12.55
N SER A 3 18.33 7.92 13.47
CA SER A 3 17.68 9.21 13.26
C SER A 3 18.43 10.03 12.23
N GLY A 4 18.14 9.80 10.95
CA GLY A 4 18.79 10.54 9.89
C GLY A 4 17.85 11.47 9.15
N SER A 5 17.33 11.02 8.02
CA SER A 5 16.42 11.81 7.21
C SER A 5 14.98 11.50 7.57
N SER A 6 14.29 12.47 8.17
CA SER A 6 12.90 12.30 8.57
C SER A 6 12.02 12.04 7.35
N GLY A 7 10.83 11.49 7.60
CA GLY A 7 9.92 11.20 6.52
C GLY A 7 10.44 10.14 5.57
N ASN A 8 9.69 9.06 5.40
CA ASN A 8 10.09 7.97 4.52
C ASN A 8 9.01 7.68 3.49
N GLY A 9 8.38 8.74 2.98
CA GLY A 9 7.34 8.57 1.99
C GLY A 9 6.00 8.24 2.61
N ALA A 10 5.34 7.20 2.09
CA ALA A 10 4.05 6.78 2.60
C ALA A 10 3.85 5.28 2.42
N ASP A 11 3.67 4.57 3.53
CA ASP A 11 3.47 3.13 3.50
C ASP A 11 1.99 2.79 3.48
N VAL A 12 1.52 2.22 2.38
CA VAL A 12 0.12 1.85 2.23
C VAL A 12 -0.08 0.36 2.51
N GLN A 13 -0.67 0.05 3.66
CA GLN A 13 -0.91 -1.33 4.04
C GLN A 13 -2.05 -1.93 3.21
N VAL A 14 -1.74 -2.98 2.47
CA VAL A 14 -2.74 -3.64 1.63
C VAL A 14 -3.21 -4.94 2.27
N SER A 15 -4.52 -5.18 2.19
CA SER A 15 -5.10 -6.39 2.77
C SER A 15 -6.17 -6.97 1.85
N ASN A 16 -6.60 -8.19 2.15
CA ASN A 16 -7.62 -8.86 1.35
C ASN A 16 -7.22 -8.89 -0.13
N ILE A 17 -6.01 -9.38 -0.39
CA ILE A 17 -5.51 -9.46 -1.76
C ILE A 17 -5.71 -10.87 -2.34
N ASP A 18 -6.47 -10.96 -3.42
CA ASP A 18 -6.74 -12.23 -4.07
C ASP A 18 -5.44 -12.99 -4.32
N TYR A 19 -5.03 -13.82 -3.36
CA TYR A 19 -3.81 -14.59 -3.49
C TYR A 19 -3.83 -15.45 -4.75
N ARG A 20 -5.02 -15.86 -5.15
CA ARG A 20 -5.18 -16.68 -6.35
C ARG A 20 -4.24 -16.21 -7.46
N LEU A 21 -4.13 -14.90 -7.61
CA LEU A 21 -3.27 -14.32 -8.64
C LEU A 21 -1.80 -14.50 -8.27
N SER A 22 -0.94 -14.48 -9.29
CA SER A 22 0.50 -14.64 -9.07
C SER A 22 1.10 -13.38 -8.46
N ARG A 23 2.00 -13.57 -7.51
CA ARG A 23 2.66 -12.45 -6.84
C ARG A 23 3.08 -11.39 -7.85
N LYS A 24 3.85 -11.80 -8.85
CA LYS A 24 4.33 -10.89 -9.89
C LYS A 24 3.16 -10.15 -10.54
N GLU A 25 2.00 -10.79 -10.56
CA GLU A 25 0.81 -10.20 -11.16
C GLU A 25 0.06 -9.34 -10.14
N LEU A 26 0.32 -9.57 -8.86
CA LEU A 26 -0.31 -8.83 -7.80
C LEU A 26 0.41 -7.49 -7.55
N GLN A 27 1.73 -7.54 -7.53
CA GLN A 27 2.54 -6.36 -7.31
C GLN A 27 2.44 -5.41 -8.51
N GLN A 28 2.34 -5.97 -9.70
CA GLN A 28 2.24 -5.18 -10.92
C GLN A 28 0.88 -4.48 -11.00
N LEU A 29 -0.17 -5.21 -10.66
CA LEU A 29 -1.53 -4.66 -10.69
C LEU A 29 -1.68 -3.52 -9.69
N LEU A 30 -1.42 -3.83 -8.42
CA LEU A 30 -1.53 -2.83 -7.36
C LEU A 30 -0.82 -1.53 -7.76
N GLN A 31 0.39 -1.67 -8.29
CA GLN A 31 1.17 -0.51 -8.71
C GLN A 31 0.39 0.34 -9.71
N GLU A 32 -0.30 -0.32 -10.64
CA GLU A 32 -1.09 0.36 -11.65
C GLU A 32 -2.15 1.25 -11.01
N ALA A 33 -2.94 0.65 -10.12
CA ALA A 33 -4.00 1.39 -9.44
C ALA A 33 -3.43 2.58 -8.68
N PHE A 34 -2.53 2.31 -7.74
CA PHE A 34 -1.91 3.35 -6.94
C PHE A 34 -1.22 4.39 -7.83
N ALA A 35 -0.77 3.95 -8.99
CA ALA A 35 -0.09 4.83 -9.94
C ALA A 35 -1.06 5.87 -10.49
N ARG A 36 -2.29 5.46 -10.75
CA ARG A 36 -3.31 6.36 -11.30
C ARG A 36 -3.51 7.56 -10.37
N HIS A 37 -3.24 7.36 -9.09
CA HIS A 37 -3.40 8.42 -8.11
C HIS A 37 -2.15 9.32 -8.08
N GLY A 38 -1.04 8.75 -7.62
CA GLY A 38 0.20 9.50 -7.55
C GLY A 38 1.36 8.78 -8.20
N LYS A 39 2.45 8.62 -7.46
CA LYS A 39 3.64 7.94 -7.97
C LYS A 39 4.04 6.79 -7.05
N VAL A 40 3.82 5.56 -7.52
CA VAL A 40 4.17 4.38 -6.73
C VAL A 40 5.67 4.28 -6.52
N LYS A 41 6.08 4.21 -5.26
CA LYS A 41 7.50 4.12 -4.92
C LYS A 41 7.97 2.67 -5.00
N SER A 42 7.27 1.78 -4.31
CA SER A 42 7.63 0.37 -4.31
C SER A 42 6.43 -0.50 -3.91
N VAL A 43 6.55 -1.80 -4.13
CA VAL A 43 5.49 -2.73 -3.79
C VAL A 43 6.04 -4.00 -3.16
N GLU A 44 5.64 -4.26 -1.92
CA GLU A 44 6.10 -5.45 -1.20
C GLU A 44 4.96 -6.43 -0.98
N LEU A 45 5.24 -7.71 -1.17
CA LEU A 45 4.23 -8.76 -0.98
C LEU A 45 4.57 -9.62 0.23
N SER A 46 3.54 -10.00 0.96
CA SER A 46 3.71 -10.84 2.15
C SER A 46 4.02 -12.28 1.76
N PRO A 47 4.69 -13.01 2.67
CA PRO A 47 5.07 -14.41 2.44
C PRO A 47 3.85 -15.34 2.45
N HIS A 48 2.83 -14.95 3.20
CA HIS A 48 1.61 -15.75 3.29
C HIS A 48 1.10 -16.12 1.90
N THR A 49 0.83 -17.41 1.70
CA THR A 49 0.34 -17.89 0.41
C THR A 49 -1.12 -18.33 0.51
N ASP A 50 -1.86 -17.72 1.43
CA ASP A 50 -3.27 -18.04 1.62
C ASP A 50 -4.11 -16.78 1.74
N TYR A 51 -5.40 -16.96 1.97
CA TYR A 51 -6.32 -15.83 2.10
C TYR A 51 -5.72 -14.74 3.01
N GLN A 52 -4.79 -15.15 3.86
CA GLN A 52 -4.14 -14.21 4.77
C GLN A 52 -2.93 -13.55 4.11
N LEU A 53 -3.05 -13.27 2.82
CA LEU A 53 -1.97 -12.64 2.07
C LEU A 53 -2.10 -11.12 2.12
N LYS A 54 -1.06 -10.47 2.66
CA LYS A 54 -1.05 -9.02 2.76
C LYS A 54 0.07 -8.41 1.91
N ALA A 55 0.16 -7.09 1.89
CA ALA A 55 1.18 -6.40 1.13
C ALA A 55 1.34 -4.96 1.60
N VAL A 56 2.35 -4.28 1.07
CA VAL A 56 2.61 -2.89 1.43
C VAL A 56 3.09 -2.08 0.23
N VAL A 57 2.25 -1.18 -0.25
CA VAL A 57 2.60 -0.34 -1.40
C VAL A 57 3.19 1.00 -0.95
N GLN A 58 4.47 1.20 -1.21
CA GLN A 58 5.14 2.43 -0.83
C GLN A 58 4.88 3.53 -1.85
N MET A 59 4.58 4.73 -1.36
CA MET A 59 4.30 5.87 -2.22
C MET A 59 5.37 6.94 -2.06
N GLU A 60 5.62 7.69 -3.14
CA GLU A 60 6.61 8.77 -3.12
C GLU A 60 6.18 9.90 -2.18
N ASN A 61 4.94 10.36 -2.38
CA ASN A 61 4.40 11.44 -1.56
C ASN A 61 3.47 10.89 -0.48
N LEU A 62 3.32 11.66 0.60
CA LEU A 62 2.46 11.25 1.71
C LEU A 62 0.99 11.43 1.35
N GLN A 63 0.61 12.65 1.05
CA GLN A 63 -0.78 12.95 0.68
C GLN A 63 -1.28 12.00 -0.41
N ASP A 64 -0.44 11.79 -1.41
CA ASP A 64 -0.78 10.89 -2.52
C ASP A 64 -1.30 9.57 -2.00
N ALA A 65 -0.77 9.12 -0.86
CA ALA A 65 -1.18 7.86 -0.26
C ALA A 65 -2.55 7.99 0.39
N ILE A 66 -2.71 9.03 1.22
CA ILE A 66 -3.98 9.26 1.91
C ILE A 66 -5.16 8.98 1.00
N GLY A 67 -5.21 9.69 -0.13
CA GLY A 67 -6.30 9.50 -1.08
C GLY A 67 -6.28 8.12 -1.71
N ALA A 68 -5.10 7.66 -2.11
CA ALA A 68 -4.95 6.36 -2.73
C ALA A 68 -5.61 5.27 -1.89
N VAL A 69 -5.55 5.44 -0.57
CA VAL A 69 -6.14 4.47 0.34
C VAL A 69 -7.66 4.57 0.34
N ASN A 70 -8.17 5.73 0.73
CA ASN A 70 -9.62 5.96 0.77
C ASN A 70 -10.24 5.81 -0.62
N SER A 71 -9.39 5.83 -1.64
CA SER A 71 -9.85 5.70 -3.02
C SER A 71 -9.82 4.24 -3.47
N LEU A 72 -8.64 3.64 -3.41
CA LEU A 72 -8.47 2.24 -3.81
C LEU A 72 -9.14 1.30 -2.81
N HIS A 73 -9.66 1.87 -1.72
CA HIS A 73 -10.33 1.09 -0.69
C HIS A 73 -11.35 0.15 -1.30
N ARG A 74 -11.24 -1.14 -0.98
CA ARG A 74 -12.17 -2.13 -1.50
C ARG A 74 -12.15 -2.14 -3.03
N TYR A 75 -11.01 -1.80 -3.61
CA TYR A 75 -10.86 -1.76 -5.06
C TYR A 75 -11.08 -3.15 -5.67
N LYS A 76 -12.10 -3.27 -6.50
CA LYS A 76 -12.41 -4.54 -7.16
C LYS A 76 -11.20 -5.06 -7.94
N ILE A 77 -10.48 -5.99 -7.33
CA ILE A 77 -9.30 -6.57 -7.97
C ILE A 77 -9.42 -8.08 -8.06
N GLY A 78 -8.67 -8.67 -8.98
CA GLY A 78 -8.70 -10.11 -9.15
C GLY A 78 -10.09 -10.69 -8.93
N SER A 79 -10.22 -11.50 -7.88
CA SER A 79 -11.50 -12.12 -7.56
C SER A 79 -11.96 -11.72 -6.16
N LYS A 80 -11.29 -10.72 -5.59
CA LYS A 80 -11.64 -10.23 -4.26
C LYS A 80 -11.32 -8.74 -4.12
N LYS A 81 -12.00 -8.08 -3.19
CA LYS A 81 -11.79 -6.66 -2.96
C LYS A 81 -10.58 -6.42 -2.06
N ILE A 82 -9.76 -5.45 -2.41
CA ILE A 82 -8.57 -5.12 -1.63
C ILE A 82 -8.87 -4.04 -0.60
N LEU A 83 -8.40 -4.24 0.63
CA LEU A 83 -8.62 -3.27 1.69
C LEU A 83 -7.35 -2.46 1.96
N VAL A 84 -7.36 -1.20 1.54
CA VAL A 84 -6.23 -0.32 1.72
C VAL A 84 -6.29 0.38 3.08
N SER A 85 -5.11 0.67 3.64
CA SER A 85 -5.03 1.33 4.93
C SER A 85 -3.65 1.93 5.16
N LEU A 86 -3.60 3.14 5.70
CA LEU A 86 -2.34 3.81 5.96
C LEU A 86 -1.61 3.16 7.14
N ALA A 87 -0.36 3.55 7.33
CA ALA A 87 0.45 3.00 8.42
C ALA A 87 1.17 4.12 9.17
N THR A 88 1.62 3.81 10.39
CA THR A 88 2.32 4.78 11.21
C THR A 88 3.79 4.43 11.34
N GLY A 89 4.66 5.42 11.16
CA GLY A 89 6.09 5.20 11.26
C GLY A 89 6.60 5.33 12.68
N ALA A 90 7.90 5.12 12.86
CA ALA A 90 8.50 5.22 14.18
C ALA A 90 7.89 6.34 14.99
N SER A 91 7.93 7.55 14.44
CA SER A 91 7.38 8.73 15.12
C SER A 91 5.87 8.79 14.94
N GLY A 92 5.22 9.68 15.68
CA GLY A 92 3.78 9.82 15.60
C GLY A 92 3.32 11.23 15.96
N PRO A 93 3.67 12.20 15.11
CA PRO A 93 3.30 13.60 15.33
C PRO A 93 1.80 13.84 15.15
N SER A 94 1.30 14.96 15.68
CA SER A 94 -0.10 15.30 15.57
C SER A 94 -0.33 16.37 14.51
N SER A 95 -1.40 16.22 13.74
CA SER A 95 -1.72 17.19 12.69
C SER A 95 -3.13 17.74 12.87
N GLY A 96 -3.49 18.71 12.04
CA GLY A 96 -4.81 19.31 12.13
C GLY A 96 -4.76 20.79 12.45
N GLY A 1 4.78 -6.97 5.97
CA GLY A 1 4.75 -7.43 7.35
C GLY A 1 6.11 -7.34 8.02
N SER A 2 6.15 -6.64 9.15
CA SER A 2 7.41 -6.47 9.89
C SER A 2 8.47 -5.83 9.01
N SER A 3 8.08 -4.81 8.27
CA SER A 3 9.01 -4.11 7.37
C SER A 3 10.16 -3.49 8.17
N GLY A 4 11.38 -3.72 7.69
CA GLY A 4 12.55 -3.18 8.36
C GLY A 4 12.79 -1.73 8.02
N SER A 5 12.68 -1.39 6.74
CA SER A 5 12.90 -0.02 6.29
C SER A 5 12.22 0.98 7.22
N SER A 6 13.03 1.76 7.92
CA SER A 6 12.51 2.75 8.85
C SER A 6 11.50 3.67 8.16
N GLY A 7 10.26 3.63 8.64
CA GLY A 7 9.22 4.45 8.06
C GLY A 7 9.69 5.88 7.80
N ASN A 8 9.75 6.26 6.53
CA ASN A 8 10.18 7.60 6.15
C ASN A 8 9.17 8.26 5.23
N GLY A 9 8.70 7.50 4.24
CA GLY A 9 7.73 8.03 3.30
C GLY A 9 6.31 7.64 3.66
N ALA A 10 5.54 7.21 2.65
CA ALA A 10 4.15 6.81 2.86
C ALA A 10 3.98 5.32 2.62
N ASP A 11 3.65 4.58 3.67
CA ASP A 11 3.43 3.14 3.57
C ASP A 11 1.95 2.80 3.54
N VAL A 12 1.48 2.32 2.40
CA VAL A 12 0.07 1.95 2.24
C VAL A 12 -0.14 0.46 2.49
N GLN A 13 -0.70 0.14 3.64
CA GLN A 13 -0.97 -1.25 4.00
C GLN A 13 -2.19 -1.78 3.27
N VAL A 14 -1.98 -2.79 2.42
CA VAL A 14 -3.06 -3.39 1.65
C VAL A 14 -3.30 -4.83 2.08
N SER A 15 -4.55 -5.13 2.46
CA SER A 15 -4.91 -6.47 2.89
C SER A 15 -6.09 -7.01 2.08
N ASN A 16 -6.36 -8.29 2.22
CA ASN A 16 -7.46 -8.93 1.50
C ASN A 16 -7.18 -8.97 0.00
N ILE A 17 -5.93 -9.24 -0.36
CA ILE A 17 -5.53 -9.30 -1.76
C ILE A 17 -5.63 -10.73 -2.29
N ASP A 18 -6.46 -10.93 -3.31
CA ASP A 18 -6.64 -12.24 -3.91
C ASP A 18 -5.30 -12.95 -4.08
N TYR A 19 -5.17 -14.10 -3.43
CA TYR A 19 -3.93 -14.88 -3.49
C TYR A 19 -3.83 -15.62 -4.82
N ARG A 20 -4.95 -16.19 -5.26
CA ARG A 20 -4.99 -16.93 -6.51
C ARG A 20 -4.03 -16.32 -7.54
N LEU A 21 -4.11 -15.01 -7.70
CA LEU A 21 -3.26 -14.30 -8.65
C LEU A 21 -1.78 -14.45 -8.26
N SER A 22 -0.92 -14.56 -9.28
CA SER A 22 0.51 -14.71 -9.04
C SER A 22 1.09 -13.47 -8.40
N ARG A 23 2.15 -13.64 -7.62
CA ARG A 23 2.80 -12.53 -6.94
C ARG A 23 3.16 -11.43 -7.93
N LYS A 24 3.70 -11.83 -9.08
CA LYS A 24 4.09 -10.87 -10.11
C LYS A 24 2.88 -10.15 -10.67
N GLU A 25 1.82 -10.91 -10.95
CA GLU A 25 0.59 -10.34 -11.49
C GLU A 25 0.02 -9.28 -10.55
N LEU A 26 0.07 -9.57 -9.25
CA LEU A 26 -0.45 -8.64 -8.24
C LEU A 26 0.44 -7.41 -8.13
N GLN A 27 1.74 -7.64 -7.95
CA GLN A 27 2.70 -6.55 -7.84
C GLN A 27 2.40 -5.45 -8.84
N GLN A 28 2.42 -5.80 -10.13
CA GLN A 28 2.16 -4.84 -11.19
C GLN A 28 0.78 -4.21 -11.01
N LEU A 29 -0.23 -5.05 -10.82
CA LEU A 29 -1.61 -4.57 -10.64
C LEU A 29 -1.66 -3.45 -9.60
N LEU A 30 -1.32 -3.79 -8.36
CA LEU A 30 -1.33 -2.82 -7.28
C LEU A 30 -0.64 -1.53 -7.70
N GLN A 31 0.58 -1.65 -8.19
CA GLN A 31 1.35 -0.48 -8.64
C GLN A 31 0.55 0.35 -9.63
N GLU A 32 -0.08 -0.32 -10.59
CA GLU A 32 -0.89 0.36 -11.59
C GLU A 32 -1.98 1.20 -10.95
N ALA A 33 -2.79 0.56 -10.10
CA ALA A 33 -3.87 1.25 -9.41
C ALA A 33 -3.35 2.47 -8.66
N PHE A 34 -2.48 2.23 -7.68
CA PHE A 34 -1.92 3.32 -6.89
C PHE A 34 -1.24 4.35 -7.78
N ALA A 35 -0.65 3.89 -8.88
CA ALA A 35 0.02 4.78 -9.82
C ALA A 35 -0.94 5.80 -10.40
N ARG A 36 -2.15 5.35 -10.73
CA ARG A 36 -3.17 6.22 -11.30
C ARG A 36 -3.44 7.41 -10.38
N HIS A 37 -3.22 7.22 -9.09
CA HIS A 37 -3.44 8.27 -8.10
C HIS A 37 -2.23 9.18 -8.00
N GLY A 38 -1.12 8.64 -7.52
CA GLY A 38 0.09 9.42 -7.38
C GLY A 38 1.29 8.75 -8.04
N LYS A 39 2.37 8.59 -7.28
CA LYS A 39 3.58 7.96 -7.80
C LYS A 39 4.02 6.81 -6.90
N VAL A 40 3.89 5.59 -7.41
CA VAL A 40 4.28 4.40 -6.65
C VAL A 40 5.79 4.35 -6.45
N LYS A 41 6.21 4.12 -5.21
CA LYS A 41 7.63 4.04 -4.89
C LYS A 41 8.11 2.60 -4.94
N SER A 42 7.43 1.72 -4.21
CA SER A 42 7.81 0.32 -4.16
C SER A 42 6.58 -0.56 -3.86
N VAL A 43 6.72 -1.86 -4.12
CA VAL A 43 5.63 -2.80 -3.89
C VAL A 43 6.14 -4.07 -3.20
N GLU A 44 5.73 -4.25 -1.95
CA GLU A 44 6.14 -5.42 -1.18
C GLU A 44 4.99 -6.42 -1.03
N LEU A 45 5.32 -7.70 -0.99
CA LEU A 45 4.31 -8.74 -0.86
C LEU A 45 4.57 -9.58 0.40
N SER A 46 3.50 -10.12 0.98
CA SER A 46 3.62 -10.94 2.17
C SER A 46 3.93 -12.39 1.81
N PRO A 47 4.67 -13.08 2.69
CA PRO A 47 5.06 -14.47 2.49
C PRO A 47 3.87 -15.42 2.60
N HIS A 48 2.71 -14.88 2.96
CA HIS A 48 1.50 -15.68 3.10
C HIS A 48 0.93 -16.05 1.74
N THR A 49 0.79 -17.34 1.49
CA THR A 49 0.25 -17.82 0.22
C THR A 49 -1.18 -18.31 0.37
N ASP A 50 -1.94 -17.65 1.24
CA ASP A 50 -3.33 -18.01 1.49
C ASP A 50 -4.20 -16.77 1.66
N TYR A 51 -5.49 -16.99 1.90
CA TYR A 51 -6.42 -15.89 2.07
C TYR A 51 -5.81 -14.78 2.91
N GLN A 52 -4.86 -15.15 3.78
CA GLN A 52 -4.19 -14.19 4.64
C GLN A 52 -3.01 -13.53 3.91
N LEU A 53 -3.22 -13.20 2.65
CA LEU A 53 -2.17 -12.57 1.85
C LEU A 53 -2.27 -11.05 1.91
N LYS A 54 -1.23 -10.42 2.44
CA LYS A 54 -1.20 -8.97 2.56
C LYS A 54 -0.07 -8.37 1.71
N ALA A 55 0.04 -7.05 1.73
CA ALA A 55 1.08 -6.36 0.96
C ALA A 55 1.21 -4.90 1.40
N VAL A 56 2.35 -4.31 1.09
CA VAL A 56 2.60 -2.92 1.45
C VAL A 56 3.03 -2.10 0.23
N VAL A 57 2.23 -1.09 -0.11
CA VAL A 57 2.52 -0.23 -1.24
C VAL A 57 3.08 1.11 -0.79
N GLN A 58 4.37 1.32 -1.04
CA GLN A 58 5.03 2.56 -0.66
C GLN A 58 4.82 3.64 -1.71
N MET A 59 4.45 4.84 -1.26
CA MET A 59 4.21 5.96 -2.16
C MET A 59 5.28 7.02 -2.00
N GLU A 60 5.54 7.76 -3.07
CA GLU A 60 6.55 8.82 -3.04
C GLU A 60 6.12 9.95 -2.11
N ASN A 61 4.91 10.45 -2.32
CA ASN A 61 4.38 11.54 -1.50
C ASN A 61 3.39 11.01 -0.46
N LEU A 62 3.41 11.60 0.72
CA LEU A 62 2.52 11.19 1.80
C LEU A 62 1.05 11.39 1.41
N GLN A 63 0.71 12.64 1.09
CA GLN A 63 -0.66 12.97 0.69
C GLN A 63 -1.14 12.05 -0.43
N ASP A 64 -0.26 11.77 -1.37
CA ASP A 64 -0.58 10.90 -2.50
C ASP A 64 -1.19 9.58 -2.00
N ALA A 65 -0.72 9.11 -0.86
CA ALA A 65 -1.21 7.87 -0.28
C ALA A 65 -2.60 8.06 0.32
N ILE A 66 -2.75 9.10 1.13
CA ILE A 66 -4.04 9.39 1.77
C ILE A 66 -5.20 9.06 0.85
N GLY A 67 -5.29 9.80 -0.26
CA GLY A 67 -6.36 9.56 -1.22
C GLY A 67 -6.33 8.17 -1.80
N ALA A 68 -5.15 7.75 -2.26
CA ALA A 68 -4.99 6.42 -2.85
C ALA A 68 -5.66 5.36 -1.98
N VAL A 69 -5.64 5.57 -0.67
CA VAL A 69 -6.24 4.63 0.26
C VAL A 69 -7.76 4.71 0.23
N ASN A 70 -8.30 5.86 0.67
CA ASN A 70 -9.74 6.06 0.70
C ASN A 70 -10.34 5.87 -0.69
N SER A 71 -9.48 5.87 -1.70
CA SER A 71 -9.93 5.71 -3.08
C SER A 71 -9.87 4.23 -3.49
N LEU A 72 -8.69 3.65 -3.43
CA LEU A 72 -8.50 2.25 -3.79
C LEU A 72 -9.24 1.33 -2.82
N HIS A 73 -9.59 1.87 -1.65
CA HIS A 73 -10.29 1.11 -0.64
C HIS A 73 -11.36 0.22 -1.26
N ARG A 74 -11.29 -1.08 -1.00
CA ARG A 74 -12.25 -2.02 -1.55
C ARG A 74 -12.18 -2.05 -3.07
N TYR A 75 -10.98 -1.89 -3.61
CA TYR A 75 -10.78 -1.90 -5.05
C TYR A 75 -10.97 -3.29 -5.64
N LYS A 76 -11.97 -3.44 -6.50
CA LYS A 76 -12.25 -4.73 -7.12
C LYS A 76 -11.01 -5.28 -7.82
N ILE A 77 -10.32 -6.20 -7.17
CA ILE A 77 -9.13 -6.81 -7.73
C ILE A 77 -9.23 -8.33 -7.74
N GLY A 78 -8.43 -8.97 -8.59
CA GLY A 78 -8.45 -10.41 -8.67
C GLY A 78 -9.84 -10.99 -8.54
N SER A 79 -10.08 -11.72 -7.45
CA SER A 79 -11.39 -12.33 -7.20
C SER A 79 -11.96 -11.87 -5.87
N LYS A 80 -11.32 -10.86 -5.28
CA LYS A 80 -11.77 -10.32 -3.99
C LYS A 80 -11.35 -8.86 -3.84
N LYS A 81 -12.20 -8.07 -3.21
CA LYS A 81 -11.91 -6.65 -3.00
C LYS A 81 -10.74 -6.48 -2.02
N ILE A 82 -9.92 -5.46 -2.27
CA ILE A 82 -8.77 -5.18 -1.42
C ILE A 82 -9.07 -4.08 -0.42
N LEU A 83 -8.49 -4.18 0.77
CA LEU A 83 -8.69 -3.19 1.82
C LEU A 83 -7.43 -2.36 2.04
N VAL A 84 -7.47 -1.11 1.60
CA VAL A 84 -6.32 -0.22 1.76
C VAL A 84 -6.35 0.48 3.12
N SER A 85 -5.18 0.82 3.63
CA SER A 85 -5.08 1.49 4.92
C SER A 85 -3.67 2.05 5.13
N LEU A 86 -3.59 3.24 5.72
CA LEU A 86 -2.31 3.88 5.98
C LEU A 86 -1.60 3.21 7.15
N ALA A 87 -0.31 3.51 7.30
CA ALA A 87 0.48 2.95 8.38
C ALA A 87 1.36 4.01 9.04
N THR A 88 1.71 3.80 10.30
CA THR A 88 2.54 4.73 11.04
C THR A 88 3.84 5.03 10.29
N GLY A 89 4.18 6.31 10.19
CA GLY A 89 5.39 6.70 9.49
C GLY A 89 6.37 7.43 10.39
N ALA A 90 6.32 8.75 10.36
CA ALA A 90 7.21 9.57 11.18
C ALA A 90 6.74 9.60 12.63
N SER A 91 7.44 8.87 13.49
CA SER A 91 7.09 8.82 14.90
C SER A 91 6.87 10.22 15.47
N GLY A 92 6.12 10.30 16.56
CA GLY A 92 5.84 11.58 17.18
C GLY A 92 7.11 12.38 17.44
N PRO A 93 7.00 13.71 17.32
CA PRO A 93 8.14 14.61 17.55
C PRO A 93 8.55 14.68 19.01
N SER A 94 7.58 14.89 19.89
CA SER A 94 7.84 14.98 21.32
C SER A 94 8.92 16.02 21.61
N SER A 95 8.84 17.15 20.92
CA SER A 95 9.80 18.23 21.11
C SER A 95 11.21 17.78 20.68
N GLY A 96 11.27 17.08 19.55
CA GLY A 96 12.55 16.59 19.05
C GLY A 96 12.57 16.46 17.54
N GLY A 1 16.54 30.30 4.98
CA GLY A 1 17.64 29.53 4.42
C GLY A 1 17.39 28.03 4.50
N SER A 2 16.82 27.47 3.44
CA SER A 2 16.52 26.05 3.39
C SER A 2 15.89 25.58 4.70
N SER A 3 14.98 26.38 5.23
CA SER A 3 14.30 26.05 6.48
C SER A 3 12.92 25.50 6.21
N GLY A 4 12.53 24.47 6.98
CA GLY A 4 11.23 23.87 6.81
C GLY A 4 11.18 22.44 7.34
N SER A 5 10.18 21.68 6.91
CA SER A 5 10.02 20.30 7.35
C SER A 5 10.06 19.35 6.16
N SER A 6 10.80 18.24 6.31
CA SER A 6 10.91 17.25 5.25
C SER A 6 10.63 15.85 5.79
N GLY A 7 9.63 15.20 5.21
CA GLY A 7 9.28 13.85 5.64
C GLY A 7 8.70 13.02 4.51
N ASN A 8 9.55 12.21 3.88
CA ASN A 8 9.13 11.36 2.79
C ASN A 8 9.05 9.90 3.23
N GLY A 9 7.86 9.31 3.09
CA GLY A 9 7.68 7.92 3.49
C GLY A 9 6.22 7.57 3.70
N ALA A 10 5.56 7.12 2.64
CA ALA A 10 4.15 6.73 2.72
C ALA A 10 3.98 5.23 2.61
N ASP A 11 3.58 4.60 3.71
CA ASP A 11 3.38 3.15 3.72
C ASP A 11 1.90 2.81 3.66
N VAL A 12 1.45 2.32 2.50
CA VAL A 12 0.05 1.96 2.31
C VAL A 12 -0.19 0.49 2.65
N GLN A 13 -0.78 0.24 3.82
CA GLN A 13 -1.07 -1.12 4.26
C GLN A 13 -2.20 -1.72 3.43
N VAL A 14 -1.86 -2.70 2.60
CA VAL A 14 -2.84 -3.37 1.75
C VAL A 14 -3.14 -4.77 2.27
N SER A 15 -4.42 -5.06 2.47
CA SER A 15 -4.85 -6.36 2.96
C SER A 15 -5.98 -6.93 2.12
N ASN A 16 -6.27 -8.21 2.30
CA ASN A 16 -7.33 -8.87 1.55
C ASN A 16 -6.99 -8.95 0.07
N ILE A 17 -5.71 -9.14 -0.22
CA ILE A 17 -5.25 -9.23 -1.60
C ILE A 17 -5.52 -10.62 -2.17
N ASP A 18 -6.34 -10.67 -3.21
CA ASP A 18 -6.67 -11.93 -3.86
C ASP A 18 -5.42 -12.76 -4.13
N TYR A 19 -5.30 -13.89 -3.43
CA TYR A 19 -4.15 -14.77 -3.59
C TYR A 19 -4.18 -15.47 -4.94
N ARG A 20 -5.36 -15.95 -5.32
CA ARG A 20 -5.53 -16.65 -6.58
C ARG A 20 -4.61 -16.07 -7.65
N LEU A 21 -4.57 -14.75 -7.74
CA LEU A 21 -3.73 -14.07 -8.72
C LEU A 21 -2.25 -14.29 -8.42
N SER A 22 -1.44 -14.33 -9.47
CA SER A 22 0.00 -14.54 -9.31
C SER A 22 0.66 -13.32 -8.70
N ARG A 23 1.56 -13.56 -7.75
CA ARG A 23 2.27 -12.47 -7.07
C ARG A 23 2.72 -11.41 -8.07
N LYS A 24 3.38 -11.86 -9.13
CA LYS A 24 3.88 -10.95 -10.17
C LYS A 24 2.75 -10.05 -10.68
N GLU A 25 1.58 -10.65 -10.91
CA GLU A 25 0.43 -9.90 -11.40
C GLU A 25 -0.19 -9.05 -10.29
N LEU A 26 0.11 -9.42 -9.05
CA LEU A 26 -0.42 -8.69 -7.89
C LEU A 26 0.38 -7.42 -7.64
N GLN A 27 1.69 -7.57 -7.44
CA GLN A 27 2.57 -6.43 -7.19
C GLN A 27 2.52 -5.45 -8.35
N GLN A 28 2.23 -5.96 -9.55
CA GLN A 28 2.16 -5.13 -10.74
C GLN A 28 0.82 -4.40 -10.82
N LEU A 29 -0.26 -5.14 -10.58
CA LEU A 29 -1.61 -4.57 -10.62
C LEU A 29 -1.75 -3.43 -9.62
N LEU A 30 -1.40 -3.71 -8.37
CA LEU A 30 -1.49 -2.70 -7.32
C LEU A 30 -0.72 -1.44 -7.69
N GLN A 31 0.50 -1.63 -8.19
CA GLN A 31 1.34 -0.50 -8.60
C GLN A 31 0.63 0.36 -9.63
N GLU A 32 -0.12 -0.29 -10.53
CA GLU A 32 -0.86 0.41 -11.57
C GLU A 32 -1.92 1.33 -10.97
N ALA A 33 -2.77 0.76 -10.12
CA ALA A 33 -3.84 1.53 -9.48
C ALA A 33 -3.27 2.70 -8.70
N PHE A 34 -2.41 2.39 -7.73
CA PHE A 34 -1.80 3.42 -6.89
C PHE A 34 -1.10 4.47 -7.76
N ALA A 35 -0.55 4.02 -8.88
CA ALA A 35 0.15 4.92 -9.79
C ALA A 35 -0.81 5.93 -10.42
N ARG A 36 -2.03 5.49 -10.70
CA ARG A 36 -3.03 6.36 -11.30
C ARG A 36 -3.31 7.56 -10.41
N HIS A 37 -2.98 7.44 -9.13
CA HIS A 37 -3.18 8.53 -8.18
C HIS A 37 -1.94 9.41 -8.09
N GLY A 38 -0.86 8.86 -7.55
CA GLY A 38 0.37 9.61 -7.42
C GLY A 38 1.56 8.89 -8.03
N LYS A 39 2.63 8.76 -7.25
CA LYS A 39 3.83 8.08 -7.72
C LYS A 39 4.21 6.93 -6.80
N VAL A 40 4.09 5.71 -7.30
CA VAL A 40 4.41 4.53 -6.52
C VAL A 40 5.91 4.43 -6.26
N LYS A 41 6.28 4.19 -5.00
CA LYS A 41 7.69 4.08 -4.63
C LYS A 41 8.17 2.64 -4.74
N SER A 42 7.46 1.73 -4.09
CA SER A 42 7.81 0.32 -4.11
C SER A 42 6.61 -0.55 -3.79
N VAL A 43 6.77 -1.86 -3.92
CA VAL A 43 5.70 -2.81 -3.63
C VAL A 43 6.24 -4.05 -2.92
N GLU A 44 5.78 -4.27 -1.69
CA GLU A 44 6.22 -5.43 -0.91
C GLU A 44 5.06 -6.39 -0.68
N LEU A 45 5.33 -7.68 -0.84
CA LEU A 45 4.31 -8.70 -0.64
C LEU A 45 4.70 -9.65 0.50
N SER A 46 3.69 -10.17 1.20
CA SER A 46 3.92 -11.07 2.31
C SER A 46 4.17 -12.49 1.81
N PRO A 47 4.87 -13.29 2.62
CA PRO A 47 5.20 -14.68 2.29
C PRO A 47 3.96 -15.58 2.32
N HIS A 48 2.87 -15.06 2.87
CA HIS A 48 1.62 -15.82 2.96
C HIS A 48 1.02 -16.04 1.58
N THR A 49 1.08 -17.28 1.12
CA THR A 49 0.54 -17.64 -0.20
C THR A 49 -0.89 -18.15 -0.08
N ASP A 50 -1.55 -17.78 1.01
CA ASP A 50 -2.93 -18.20 1.24
C ASP A 50 -3.82 -17.00 1.58
N TYR A 51 -5.09 -17.27 1.83
CA TYR A 51 -6.04 -16.22 2.18
C TYR A 51 -5.38 -15.16 3.06
N GLN A 52 -4.41 -15.59 3.86
CA GLN A 52 -3.70 -14.67 4.76
C GLN A 52 -2.59 -13.93 4.01
N LEU A 53 -2.87 -13.56 2.77
CA LEU A 53 -1.90 -12.84 1.96
C LEU A 53 -2.03 -11.33 2.15
N LYS A 54 -0.90 -10.68 2.43
CA LYS A 54 -0.88 -9.24 2.64
C LYS A 54 0.26 -8.59 1.86
N ALA A 55 0.21 -7.26 1.75
CA ALA A 55 1.23 -6.52 1.03
C ALA A 55 1.21 -5.04 1.40
N VAL A 56 2.34 -4.37 1.23
CA VAL A 56 2.45 -2.95 1.55
C VAL A 56 2.94 -2.15 0.35
N VAL A 57 2.12 -1.21 -0.10
CA VAL A 57 2.47 -0.37 -1.24
C VAL A 57 3.05 0.97 -0.79
N GLN A 58 4.35 1.14 -0.98
CA GLN A 58 5.02 2.37 -0.60
C GLN A 58 4.84 3.45 -1.65
N MET A 59 4.46 4.64 -1.21
CA MET A 59 4.25 5.77 -2.12
C MET A 59 5.30 6.85 -1.91
N GLU A 60 5.67 7.53 -2.98
CA GLU A 60 6.67 8.59 -2.92
C GLU A 60 6.20 9.71 -1.98
N ASN A 61 5.03 10.26 -2.26
CA ASN A 61 4.47 11.34 -1.45
C ASN A 61 3.51 10.79 -0.41
N LEU A 62 3.26 11.58 0.64
CA LEU A 62 2.35 11.17 1.70
C LEU A 62 0.89 11.34 1.27
N GLN A 63 0.54 12.57 0.89
CA GLN A 63 -0.83 12.87 0.46
C GLN A 63 -1.27 11.90 -0.64
N ASP A 64 -0.43 11.76 -1.66
CA ASP A 64 -0.74 10.87 -2.78
C ASP A 64 -1.32 9.55 -2.28
N ALA A 65 -0.82 9.09 -1.14
CA ALA A 65 -1.28 7.83 -0.57
C ALA A 65 -2.67 8.00 0.07
N ILE A 66 -2.80 9.03 0.89
CA ILE A 66 -4.07 9.31 1.56
C ILE A 66 -5.25 9.01 0.64
N GLY A 67 -5.33 9.75 -0.47
CA GLY A 67 -6.41 9.55 -1.41
C GLY A 67 -6.41 8.15 -2.02
N ALA A 68 -5.23 7.72 -2.48
CA ALA A 68 -5.10 6.39 -3.08
C ALA A 68 -5.74 5.32 -2.20
N VAL A 69 -5.70 5.54 -0.89
CA VAL A 69 -6.28 4.59 0.06
C VAL A 69 -7.80 4.67 0.07
N ASN A 70 -8.33 5.80 0.52
CA ASN A 70 -9.77 6.01 0.58
C ASN A 70 -10.39 5.82 -0.81
N SER A 71 -9.58 5.93 -1.84
CA SER A 71 -10.05 5.77 -3.21
C SER A 71 -10.03 4.31 -3.63
N LEU A 72 -8.85 3.70 -3.60
CA LEU A 72 -8.69 2.31 -3.98
C LEU A 72 -9.41 1.39 -2.99
N HIS A 73 -9.70 1.92 -1.80
CA HIS A 73 -10.39 1.15 -0.78
C HIS A 73 -11.45 0.24 -1.39
N ARG A 74 -11.28 -1.06 -1.19
CA ARG A 74 -12.21 -2.05 -1.73
C ARG A 74 -12.12 -2.10 -3.26
N TYR A 75 -10.91 -1.95 -3.78
CA TYR A 75 -10.69 -1.98 -5.22
C TYR A 75 -10.96 -3.38 -5.79
N LYS A 76 -12.06 -3.50 -6.52
CA LYS A 76 -12.44 -4.78 -7.12
C LYS A 76 -11.28 -5.37 -7.90
N ILE A 77 -10.50 -6.22 -7.24
CA ILE A 77 -9.36 -6.86 -7.87
C ILE A 77 -9.52 -8.39 -7.89
N GLY A 78 -8.83 -9.03 -8.82
CA GLY A 78 -8.91 -10.47 -8.94
C GLY A 78 -10.29 -11.01 -8.60
N SER A 79 -10.38 -11.76 -7.51
CA SER A 79 -11.65 -12.34 -7.08
C SER A 79 -11.97 -11.92 -5.65
N LYS A 80 -11.22 -10.96 -5.14
CA LYS A 80 -11.43 -10.46 -3.78
C LYS A 80 -11.20 -8.96 -3.71
N LYS A 81 -11.95 -8.29 -2.83
CA LYS A 81 -11.83 -6.85 -2.67
C LYS A 81 -10.67 -6.50 -1.75
N ILE A 82 -9.71 -5.75 -2.26
CA ILE A 82 -8.55 -5.35 -1.49
C ILE A 82 -8.88 -4.18 -0.57
N LEU A 83 -8.40 -4.25 0.68
CA LEU A 83 -8.65 -3.20 1.65
C LEU A 83 -7.39 -2.38 1.89
N VAL A 84 -7.44 -1.10 1.53
CA VAL A 84 -6.31 -0.20 1.70
C VAL A 84 -6.37 0.51 3.06
N SER A 85 -5.21 0.80 3.62
CA SER A 85 -5.12 1.47 4.90
C SER A 85 -3.75 2.11 5.10
N LEU A 86 -3.75 3.32 5.66
CA LEU A 86 -2.50 4.04 5.90
C LEU A 86 -1.78 3.49 7.12
N ALA A 87 -0.48 3.75 7.20
CA ALA A 87 0.33 3.28 8.33
C ALA A 87 0.98 4.44 9.07
N THR A 88 1.75 4.13 10.10
CA THR A 88 2.43 5.14 10.89
C THR A 88 3.93 5.14 10.62
N GLY A 89 4.38 6.07 9.79
CA GLY A 89 5.79 6.16 9.47
C GLY A 89 6.34 7.57 9.61
N ALA A 90 6.34 8.31 8.51
CA ALA A 90 6.83 9.68 8.51
C ALA A 90 5.82 10.63 9.15
N SER A 91 6.09 11.03 10.39
CA SER A 91 5.20 11.94 11.10
C SER A 91 5.95 12.67 12.21
N GLY A 92 5.79 14.00 12.24
CA GLY A 92 6.46 14.79 13.25
C GLY A 92 7.35 15.86 12.65
N PRO A 93 6.74 17.01 12.31
CA PRO A 93 7.48 18.14 11.71
C PRO A 93 8.41 18.81 12.71
N SER A 94 8.18 18.57 13.99
CA SER A 94 9.01 19.16 15.04
C SER A 94 9.36 20.60 14.71
N SER A 95 8.34 21.41 14.44
CA SER A 95 8.54 22.82 14.10
C SER A 95 8.74 23.65 15.35
N GLY A 96 9.53 24.72 15.24
CA GLY A 96 9.79 25.59 16.37
C GLY A 96 9.83 27.05 15.99
#